data_3DCN
# 
_entry.id   3DCN 
# 
_audit_conform.dict_name       mmcif_pdbx.dic 
_audit_conform.dict_version    5.397 
_audit_conform.dict_location   http://mmcif.pdb.org/dictionaries/ascii/mmcif_pdbx.dic 
# 
loop_
_database_2.database_id 
_database_2.database_code 
_database_2.pdbx_database_accession 
_database_2.pdbx_DOI 
PDB   3DCN         pdb_00003dcn 10.2210/pdb3dcn/pdb 
RCSB  RCSB047871   ?            ?                   
WWPDB D_1000047871 ?            ?                   
# 
loop_
_pdbx_audit_revision_history.ordinal 
_pdbx_audit_revision_history.data_content_type 
_pdbx_audit_revision_history.major_revision 
_pdbx_audit_revision_history.minor_revision 
_pdbx_audit_revision_history.revision_date 
1 'Structure model' 1 0 2008-11-18 
2 'Structure model' 1 1 2011-07-13 
3 'Structure model' 1 2 2023-11-01 
4 'Structure model' 1 3 2024-10-30 
# 
_pdbx_audit_revision_details.ordinal             1 
_pdbx_audit_revision_details.revision_ordinal    1 
_pdbx_audit_revision_details.data_content_type   'Structure model' 
_pdbx_audit_revision_details.provider            repository 
_pdbx_audit_revision_details.type                'Initial release' 
_pdbx_audit_revision_details.description         ? 
_pdbx_audit_revision_details.details             ? 
# 
loop_
_pdbx_audit_revision_group.ordinal 
_pdbx_audit_revision_group.revision_ordinal 
_pdbx_audit_revision_group.data_content_type 
_pdbx_audit_revision_group.group 
1 2 'Structure model' 'Version format compliance' 
2 3 'Structure model' 'Data collection'           
3 3 'Structure model' 'Database references'       
4 3 'Structure model' 'Refinement description'    
5 4 'Structure model' 'Structure summary'         
# 
loop_
_pdbx_audit_revision_category.ordinal 
_pdbx_audit_revision_category.revision_ordinal 
_pdbx_audit_revision_category.data_content_type 
_pdbx_audit_revision_category.category 
1 3 'Structure model' chem_comp_atom                
2 3 'Structure model' chem_comp_bond                
3 3 'Structure model' database_2                    
4 3 'Structure model' pdbx_initial_refinement_model 
5 3 'Structure model' struct_ref_seq_dif            
6 4 'Structure model' pdbx_entry_details            
7 4 'Structure model' pdbx_modification_feature     
# 
loop_
_pdbx_audit_revision_item.ordinal 
_pdbx_audit_revision_item.revision_ordinal 
_pdbx_audit_revision_item.data_content_type 
_pdbx_audit_revision_item.item 
1 3 'Structure model' '_database_2.pdbx_DOI'                         
2 3 'Structure model' '_database_2.pdbx_database_accession'          
3 3 'Structure model' '_struct_ref_seq_dif.details'                  
4 4 'Structure model' '_pdbx_entry_details.has_protein_modification' 
# 
_pdbx_database_status.status_code                     REL 
_pdbx_database_status.entry_id                        3DCN 
_pdbx_database_status.recvd_initial_deposition_date   2008-06-04 
_pdbx_database_status.deposit_site                    RCSB 
_pdbx_database_status.process_site                    PDBJ 
_pdbx_database_status.status_code_sf                  REL 
_pdbx_database_status.status_code_mr                  ? 
_pdbx_database_status.SG_entry                        ? 
_pdbx_database_status.pdb_format_compatible           Y 
_pdbx_database_status.status_code_cs                  ? 
_pdbx_database_status.status_code_nmr_data            ? 
_pdbx_database_status.methods_development_category    ? 
# 
loop_
_pdbx_database_related.db_name 
_pdbx_database_related.db_id 
_pdbx_database_related.details 
_pdbx_database_related.content_type 
PDB 3DD5 'E600-cutinase complex'  unspecified 
PDB 3DEA 'PETFP-cutinase complex' unspecified 
# 
loop_
_audit_author.name 
_audit_author.pdbx_ordinal 
'Nyon, M.P.'       1  
'Rice, D.W.'       2  
'Berrisford, J.M.' 3  
'Hounslow, A.M.'   4  
'Moir, A.J.G.'     5  
'Huang, H.'        6  
'Nathan, S.'       7  
'Mahadi, N.M.'     8  
'Farah Diba, A.B.' 9  
'Craven, C.J.'     10 
# 
_citation.id                        primary 
_citation.title                     
;Catalysis by Glomerella cingulata Cutinase Requires Conformational Cycling between the Active and Inactive States of Its Catalytic Triad
;
_citation.journal_abbrev            J.Mol.Biol. 
_citation.journal_volume            385 
_citation.page_first                226 
_citation.page_last                 235 
_citation.year                      2009 
_citation.journal_id_ASTM           JMOBAK 
_citation.country                   UK 
_citation.journal_id_ISSN           0022-2836 
_citation.journal_id_CSD            0070 
_citation.book_publisher            ? 
_citation.pdbx_database_id_PubMed   18983850 
_citation.pdbx_database_id_DOI      10.1016/j.jmb.2008.10.050 
# 
loop_
_citation_author.citation_id 
_citation_author.name 
_citation_author.ordinal 
_citation_author.identifier_ORCID 
primary 'Nyon, M.P.'       1  ? 
primary 'Rice, D.W.'       2  ? 
primary 'Berrisford, J.M.' 3  ? 
primary 'Hounslow, A.M.'   4  ? 
primary 'Moir, A.J.G.'     5  ? 
primary 'Huang, H.'        6  ? 
primary 'Nathan, S.'       7  ? 
primary 'Mahadi, N.M.'     8  ? 
primary 'Bakar, F.D.A.'    9  ? 
primary 'Craven, C.J.'     10 ? 
# 
loop_
_entity.id 
_entity.type 
_entity.src_method 
_entity.pdbx_description 
_entity.formula_weight 
_entity.pdbx_number_of_molecules 
_entity.pdbx_ec 
_entity.pdbx_mutation 
_entity.pdbx_fragment 
_entity.details 
1 polymer man Cutinase 21094.807 1   3.1.1.74 ? 'UNP residues 31-224' ? 
2 water   nat water    18.015    149 ?        ? ?                     ? 
# 
_entity_name_com.entity_id   1 
_entity_name_com.name        'Cutin hydrolase' 
# 
_entity_poly.entity_id                      1 
_entity_poly.type                           'polypeptide(L)' 
_entity_poly.nstd_linkage                   no 
_entity_poly.nstd_monomer                   no 
_entity_poly.pdbx_seq_one_letter_code       
;AMAISDPQSSTRNELETGSSSACPKVIYIFARASTEPGNMGISAGPIVADALERIYGANDVWVQGVGGPYLADLASNFLP
DGTSSAAINEARRLFTLANTKCPNAAIVSGGYSQGTAVMAGSISGLSTTIKNQIKGVVLFGYTKNLQNLGRIPNFETSKT
EVYCDIADAVCYGTLFILPAHFLYQTDAAVAAPRFLQARIG
;
_entity_poly.pdbx_seq_one_letter_code_can   
;AMAISDPQSSTRNELETGSSSACPKVIYIFARASTEPGNMGISAGPIVADALERIYGANDVWVQGVGGPYLADLASNFLP
DGTSSAAINEARRLFTLANTKCPNAAIVSGGYSQGTAVMAGSISGLSTTIKNQIKGVVLFGYTKNLQNLGRIPNFETSKT
EVYCDIADAVCYGTLFILPAHFLYQTDAAVAAPRFLQARIG
;
_entity_poly.pdbx_strand_id                 A 
_entity_poly.pdbx_target_identifier         ? 
# 
_pdbx_entity_nonpoly.entity_id   2 
_pdbx_entity_nonpoly.name        water 
_pdbx_entity_nonpoly.comp_id     HOH 
# 
loop_
_entity_poly_seq.entity_id 
_entity_poly_seq.num 
_entity_poly_seq.mon_id 
_entity_poly_seq.hetero 
1 1   ALA n 
1 2   MET n 
1 3   ALA n 
1 4   ILE n 
1 5   SER n 
1 6   ASP n 
1 7   PRO n 
1 8   GLN n 
1 9   SER n 
1 10  SER n 
1 11  THR n 
1 12  ARG n 
1 13  ASN n 
1 14  GLU n 
1 15  LEU n 
1 16  GLU n 
1 17  THR n 
1 18  GLY n 
1 19  SER n 
1 20  SER n 
1 21  SER n 
1 22  ALA n 
1 23  CYS n 
1 24  PRO n 
1 25  LYS n 
1 26  VAL n 
1 27  ILE n 
1 28  TYR n 
1 29  ILE n 
1 30  PHE n 
1 31  ALA n 
1 32  ARG n 
1 33  ALA n 
1 34  SER n 
1 35  THR n 
1 36  GLU n 
1 37  PRO n 
1 38  GLY n 
1 39  ASN n 
1 40  MET n 
1 41  GLY n 
1 42  ILE n 
1 43  SER n 
1 44  ALA n 
1 45  GLY n 
1 46  PRO n 
1 47  ILE n 
1 48  VAL n 
1 49  ALA n 
1 50  ASP n 
1 51  ALA n 
1 52  LEU n 
1 53  GLU n 
1 54  ARG n 
1 55  ILE n 
1 56  TYR n 
1 57  GLY n 
1 58  ALA n 
1 59  ASN n 
1 60  ASP n 
1 61  VAL n 
1 62  TRP n 
1 63  VAL n 
1 64  GLN n 
1 65  GLY n 
1 66  VAL n 
1 67  GLY n 
1 68  GLY n 
1 69  PRO n 
1 70  TYR n 
1 71  LEU n 
1 72  ALA n 
1 73  ASP n 
1 74  LEU n 
1 75  ALA n 
1 76  SER n 
1 77  ASN n 
1 78  PHE n 
1 79  LEU n 
1 80  PRO n 
1 81  ASP n 
1 82  GLY n 
1 83  THR n 
1 84  SER n 
1 85  SER n 
1 86  ALA n 
1 87  ALA n 
1 88  ILE n 
1 89  ASN n 
1 90  GLU n 
1 91  ALA n 
1 92  ARG n 
1 93  ARG n 
1 94  LEU n 
1 95  PHE n 
1 96  THR n 
1 97  LEU n 
1 98  ALA n 
1 99  ASN n 
1 100 THR n 
1 101 LYS n 
1 102 CYS n 
1 103 PRO n 
1 104 ASN n 
1 105 ALA n 
1 106 ALA n 
1 107 ILE n 
1 108 VAL n 
1 109 SER n 
1 110 GLY n 
1 111 GLY n 
1 112 TYR n 
1 113 SER n 
1 114 GLN n 
1 115 GLY n 
1 116 THR n 
1 117 ALA n 
1 118 VAL n 
1 119 MET n 
1 120 ALA n 
1 121 GLY n 
1 122 SER n 
1 123 ILE n 
1 124 SER n 
1 125 GLY n 
1 126 LEU n 
1 127 SER n 
1 128 THR n 
1 129 THR n 
1 130 ILE n 
1 131 LYS n 
1 132 ASN n 
1 133 GLN n 
1 134 ILE n 
1 135 LYS n 
1 136 GLY n 
1 137 VAL n 
1 138 VAL n 
1 139 LEU n 
1 140 PHE n 
1 141 GLY n 
1 142 TYR n 
1 143 THR n 
1 144 LYS n 
1 145 ASN n 
1 146 LEU n 
1 147 GLN n 
1 148 ASN n 
1 149 LEU n 
1 150 GLY n 
1 151 ARG n 
1 152 ILE n 
1 153 PRO n 
1 154 ASN n 
1 155 PHE n 
1 156 GLU n 
1 157 THR n 
1 158 SER n 
1 159 LYS n 
1 160 THR n 
1 161 GLU n 
1 162 VAL n 
1 163 TYR n 
1 164 CYS n 
1 165 ASP n 
1 166 ILE n 
1 167 ALA n 
1 168 ASP n 
1 169 ALA n 
1 170 VAL n 
1 171 CYS n 
1 172 TYR n 
1 173 GLY n 
1 174 THR n 
1 175 LEU n 
1 176 PHE n 
1 177 ILE n 
1 178 LEU n 
1 179 PRO n 
1 180 ALA n 
1 181 HIS n 
1 182 PHE n 
1 183 LEU n 
1 184 TYR n 
1 185 GLN n 
1 186 THR n 
1 187 ASP n 
1 188 ALA n 
1 189 ALA n 
1 190 VAL n 
1 191 ALA n 
1 192 ALA n 
1 193 PRO n 
1 194 ARG n 
1 195 PHE n 
1 196 LEU n 
1 197 GLN n 
1 198 ALA n 
1 199 ARG n 
1 200 ILE n 
1 201 GLY n 
# 
_entity_src_gen.entity_id                          1 
_entity_src_gen.pdbx_src_id                        1 
_entity_src_gen.pdbx_alt_source_flag               sample 
_entity_src_gen.pdbx_seq_type                      ? 
_entity_src_gen.pdbx_beg_seq_num                   ? 
_entity_src_gen.pdbx_end_seq_num                   ? 
_entity_src_gen.gene_src_common_name               'Anthracnose fungus' 
_entity_src_gen.gene_src_genus                     ? 
_entity_src_gen.pdbx_gene_src_gene                 ? 
_entity_src_gen.gene_src_species                   ? 
_entity_src_gen.gene_src_strain                    ? 
_entity_src_gen.gene_src_tissue                    ? 
_entity_src_gen.gene_src_tissue_fraction           ? 
_entity_src_gen.gene_src_details                   'Cutinase (GenBank accession no. AF444194) (amino acids 31-224)' 
_entity_src_gen.pdbx_gene_src_fragment             ? 
_entity_src_gen.pdbx_gene_src_scientific_name      'Glomerella cingulata' 
_entity_src_gen.pdbx_gene_src_ncbi_taxonomy_id     5457 
_entity_src_gen.pdbx_gene_src_variant              ? 
_entity_src_gen.pdbx_gene_src_cell_line            ? 
_entity_src_gen.pdbx_gene_src_atcc                 ? 
_entity_src_gen.pdbx_gene_src_organ                ? 
_entity_src_gen.pdbx_gene_src_organelle            ? 
_entity_src_gen.pdbx_gene_src_cell                 ? 
_entity_src_gen.pdbx_gene_src_cellular_location    ? 
_entity_src_gen.host_org_common_name               ? 
_entity_src_gen.pdbx_host_org_scientific_name      'Escherichia coli' 
_entity_src_gen.pdbx_host_org_ncbi_taxonomy_id     562 
_entity_src_gen.host_org_genus                     ? 
_entity_src_gen.pdbx_host_org_gene                 ? 
_entity_src_gen.pdbx_host_org_organ                ? 
_entity_src_gen.host_org_species                   ? 
_entity_src_gen.pdbx_host_org_tissue               ? 
_entity_src_gen.pdbx_host_org_tissue_fraction      ? 
_entity_src_gen.pdbx_host_org_strain               'Origami (DE3)' 
_entity_src_gen.pdbx_host_org_variant              ? 
_entity_src_gen.pdbx_host_org_cell_line            ? 
_entity_src_gen.pdbx_host_org_atcc                 ? 
_entity_src_gen.pdbx_host_org_culture_collection   ? 
_entity_src_gen.pdbx_host_org_cell                 ? 
_entity_src_gen.pdbx_host_org_organelle            ? 
_entity_src_gen.pdbx_host_org_cellular_location    ? 
_entity_src_gen.pdbx_host_org_vector_type          plasmid 
_entity_src_gen.pdbx_host_org_vector               ? 
_entity_src_gen.host_org_details                   ? 
_entity_src_gen.expression_system_id               ? 
_entity_src_gen.plasmid_name                       pET32b_CutA 
_entity_src_gen.plasmid_details                    'modified pET32b' 
_entity_src_gen.pdbx_description                   ? 
# 
loop_
_chem_comp.id 
_chem_comp.type 
_chem_comp.mon_nstd_flag 
_chem_comp.name 
_chem_comp.pdbx_synonyms 
_chem_comp.formula 
_chem_comp.formula_weight 
ALA 'L-peptide linking' y ALANINE         ? 'C3 H7 N O2'     89.093  
ARG 'L-peptide linking' y ARGININE        ? 'C6 H15 N4 O2 1' 175.209 
ASN 'L-peptide linking' y ASPARAGINE      ? 'C4 H8 N2 O3'    132.118 
ASP 'L-peptide linking' y 'ASPARTIC ACID' ? 'C4 H7 N O4'     133.103 
CYS 'L-peptide linking' y CYSTEINE        ? 'C3 H7 N O2 S'   121.158 
GLN 'L-peptide linking' y GLUTAMINE       ? 'C5 H10 N2 O3'   146.144 
GLU 'L-peptide linking' y 'GLUTAMIC ACID' ? 'C5 H9 N O4'     147.129 
GLY 'peptide linking'   y GLYCINE         ? 'C2 H5 N O2'     75.067  
HIS 'L-peptide linking' y HISTIDINE       ? 'C6 H10 N3 O2 1' 156.162 
HOH non-polymer         . WATER           ? 'H2 O'           18.015  
ILE 'L-peptide linking' y ISOLEUCINE      ? 'C6 H13 N O2'    131.173 
LEU 'L-peptide linking' y LEUCINE         ? 'C6 H13 N O2'    131.173 
LYS 'L-peptide linking' y LYSINE          ? 'C6 H15 N2 O2 1' 147.195 
MET 'L-peptide linking' y METHIONINE      ? 'C5 H11 N O2 S'  149.211 
PHE 'L-peptide linking' y PHENYLALANINE   ? 'C9 H11 N O2'    165.189 
PRO 'L-peptide linking' y PROLINE         ? 'C5 H9 N O2'     115.130 
SER 'L-peptide linking' y SERINE          ? 'C3 H7 N O3'     105.093 
THR 'L-peptide linking' y THREONINE       ? 'C4 H9 N O3'     119.119 
TRP 'L-peptide linking' y TRYPTOPHAN      ? 'C11 H12 N2 O2'  204.225 
TYR 'L-peptide linking' y TYROSINE        ? 'C9 H11 N O3'    181.189 
VAL 'L-peptide linking' y VALINE          ? 'C5 H11 N O2'    117.146 
# 
loop_
_pdbx_poly_seq_scheme.asym_id 
_pdbx_poly_seq_scheme.entity_id 
_pdbx_poly_seq_scheme.seq_id 
_pdbx_poly_seq_scheme.mon_id 
_pdbx_poly_seq_scheme.ndb_seq_num 
_pdbx_poly_seq_scheme.pdb_seq_num 
_pdbx_poly_seq_scheme.auth_seq_num 
_pdbx_poly_seq_scheme.pdb_mon_id 
_pdbx_poly_seq_scheme.auth_mon_id 
_pdbx_poly_seq_scheme.pdb_strand_id 
_pdbx_poly_seq_scheme.pdb_ins_code 
_pdbx_poly_seq_scheme.hetero 
A 1 1   ALA 1   24  ?   ?   ?   A . n 
A 1 2   MET 2   25  ?   ?   ?   A . n 
A 1 3   ALA 3   26  ?   ?   ?   A . n 
A 1 4   ILE 4   27  ?   ?   ?   A . n 
A 1 5   SER 5   28  ?   ?   ?   A . n 
A 1 6   ASP 6   29  29  ASP ASP A . n 
A 1 7   PRO 7   30  30  PRO PRO A . n 
A 1 8   GLN 8   31  31  GLN GLN A . n 
A 1 9   SER 9   32  32  SER SER A . n 
A 1 10  SER 10  33  33  SER SER A . n 
A 1 11  THR 11  34  34  THR THR A . n 
A 1 12  ARG 12  35  35  ARG ARG A . n 
A 1 13  ASN 13  36  36  ASN ASN A . n 
A 1 14  GLU 14  37  37  GLU GLU A . n 
A 1 15  LEU 15  38  38  LEU LEU A . n 
A 1 16  GLU 16  39  39  GLU GLU A . n 
A 1 17  THR 17  40  40  THR THR A . n 
A 1 18  GLY 18  41  41  GLY GLY A . n 
A 1 19  SER 19  42  42  SER SER A . n 
A 1 20  SER 20  43  43  SER SER A . n 
A 1 21  SER 21  44  44  SER SER A . n 
A 1 22  ALA 22  45  45  ALA ALA A . n 
A 1 23  CYS 23  46  46  CYS CYS A . n 
A 1 24  PRO 24  47  47  PRO PRO A . n 
A 1 25  LYS 25  48  48  LYS LYS A . n 
A 1 26  VAL 26  49  49  VAL VAL A . n 
A 1 27  ILE 27  50  50  ILE ILE A . n 
A 1 28  TYR 28  51  51  TYR TYR A . n 
A 1 29  ILE 29  52  52  ILE ILE A . n 
A 1 30  PHE 30  53  53  PHE PHE A . n 
A 1 31  ALA 31  54  54  ALA ALA A . n 
A 1 32  ARG 32  55  55  ARG ARG A . n 
A 1 33  ALA 33  56  56  ALA ALA A . n 
A 1 34  SER 34  57  57  SER SER A . n 
A 1 35  THR 35  58  58  THR THR A . n 
A 1 36  GLU 36  59  59  GLU GLU A . n 
A 1 37  PRO 37  60  60  PRO PRO A . n 
A 1 38  GLY 38  61  61  GLY GLY A . n 
A 1 39  ASN 39  62  62  ASN ASN A . n 
A 1 40  MET 40  63  63  MET MET A . n 
A 1 41  GLY 41  64  64  GLY GLY A . n 
A 1 42  ILE 42  65  65  ILE ILE A . n 
A 1 43  SER 43  66  66  SER SER A . n 
A 1 44  ALA 44  67  67  ALA ALA A . n 
A 1 45  GLY 45  68  68  GLY GLY A . n 
A 1 46  PRO 46  69  69  PRO PRO A . n 
A 1 47  ILE 47  70  70  ILE ILE A . n 
A 1 48  VAL 48  71  71  VAL VAL A . n 
A 1 49  ALA 49  72  72  ALA ALA A . n 
A 1 50  ASP 50  73  73  ASP ASP A . n 
A 1 51  ALA 51  74  74  ALA ALA A . n 
A 1 52  LEU 52  75  75  LEU LEU A . n 
A 1 53  GLU 53  76  76  GLU GLU A . n 
A 1 54  ARG 54  77  77  ARG ARG A . n 
A 1 55  ILE 55  78  78  ILE ILE A . n 
A 1 56  TYR 56  79  79  TYR TYR A . n 
A 1 57  GLY 57  80  80  GLY GLY A . n 
A 1 58  ALA 58  81  81  ALA ALA A . n 
A 1 59  ASN 59  82  82  ASN ASN A . n 
A 1 60  ASP 60  83  83  ASP ASP A . n 
A 1 61  VAL 61  84  84  VAL VAL A . n 
A 1 62  TRP 62  85  85  TRP TRP A . n 
A 1 63  VAL 63  86  86  VAL VAL A . n 
A 1 64  GLN 64  87  87  GLN GLN A . n 
A 1 65  GLY 65  88  88  GLY GLY A . n 
A 1 66  VAL 66  89  89  VAL VAL A . n 
A 1 67  GLY 67  90  90  GLY GLY A . n 
A 1 68  GLY 68  91  91  GLY GLY A . n 
A 1 69  PRO 69  92  92  PRO PRO A . n 
A 1 70  TYR 70  93  93  TYR TYR A . n 
A 1 71  LEU 71  94  94  LEU LEU A . n 
A 1 72  ALA 72  95  95  ALA ALA A . n 
A 1 73  ASP 73  96  96  ASP ASP A . n 
A 1 74  LEU 74  97  97  LEU LEU A . n 
A 1 75  ALA 75  98  98  ALA ALA A . n 
A 1 76  SER 76  99  99  SER SER A . n 
A 1 77  ASN 77  100 100 ASN ASN A . n 
A 1 78  PHE 78  101 101 PHE PHE A . n 
A 1 79  LEU 79  102 102 LEU LEU A . n 
A 1 80  PRO 80  103 103 PRO PRO A . n 
A 1 81  ASP 81  104 104 ASP ASP A . n 
A 1 82  GLY 82  105 105 GLY GLY A . n 
A 1 83  THR 83  106 106 THR THR A . n 
A 1 84  SER 84  107 107 SER SER A . n 
A 1 85  SER 85  108 108 SER SER A . n 
A 1 86  ALA 86  109 109 ALA ALA A . n 
A 1 87  ALA 87  110 110 ALA ALA A . n 
A 1 88  ILE 88  111 111 ILE ILE A . n 
A 1 89  ASN 89  112 112 ASN ASN A . n 
A 1 90  GLU 90  113 113 GLU GLU A . n 
A 1 91  ALA 91  114 114 ALA ALA A . n 
A 1 92  ARG 92  115 115 ARG ARG A . n 
A 1 93  ARG 93  116 116 ARG ARG A . n 
A 1 94  LEU 94  117 117 LEU LEU A . n 
A 1 95  PHE 95  118 118 PHE PHE A . n 
A 1 96  THR 96  119 119 THR THR A . n 
A 1 97  LEU 97  120 120 LEU LEU A . n 
A 1 98  ALA 98  121 121 ALA ALA A . n 
A 1 99  ASN 99  122 122 ASN ASN A . n 
A 1 100 THR 100 123 123 THR THR A . n 
A 1 101 LYS 101 124 124 LYS LYS A . n 
A 1 102 CYS 102 125 125 CYS CYS A . n 
A 1 103 PRO 103 126 126 PRO PRO A . n 
A 1 104 ASN 104 127 127 ASN ASN A . n 
A 1 105 ALA 105 128 128 ALA ALA A . n 
A 1 106 ALA 106 129 129 ALA ALA A . n 
A 1 107 ILE 107 130 130 ILE ILE A . n 
A 1 108 VAL 108 131 131 VAL VAL A . n 
A 1 109 SER 109 132 132 SER SER A . n 
A 1 110 GLY 110 133 133 GLY GLY A . n 
A 1 111 GLY 111 134 134 GLY GLY A . n 
A 1 112 TYR 112 135 135 TYR TYR A . n 
A 1 113 SER 113 136 136 SER SER A . n 
A 1 114 GLN 114 137 137 GLN GLN A . n 
A 1 115 GLY 115 138 138 GLY GLY A . n 
A 1 116 THR 116 139 139 THR THR A . n 
A 1 117 ALA 117 140 140 ALA ALA A . n 
A 1 118 VAL 118 141 141 VAL VAL A . n 
A 1 119 MET 119 142 142 MET MET A . n 
A 1 120 ALA 120 143 143 ALA ALA A . n 
A 1 121 GLY 121 144 144 GLY GLY A . n 
A 1 122 SER 122 145 145 SER SER A . n 
A 1 123 ILE 123 146 146 ILE ILE A . n 
A 1 124 SER 124 147 147 SER SER A . n 
A 1 125 GLY 125 148 148 GLY GLY A . n 
A 1 126 LEU 126 149 149 LEU LEU A . n 
A 1 127 SER 127 150 150 SER SER A . n 
A 1 128 THR 128 151 151 THR THR A . n 
A 1 129 THR 129 152 152 THR THR A . n 
A 1 130 ILE 130 153 153 ILE ILE A . n 
A 1 131 LYS 131 154 154 LYS LYS A . n 
A 1 132 ASN 132 155 155 ASN ASN A . n 
A 1 133 GLN 133 156 156 GLN GLN A . n 
A 1 134 ILE 134 157 157 ILE ILE A . n 
A 1 135 LYS 135 158 158 LYS LYS A . n 
A 1 136 GLY 136 159 159 GLY GLY A . n 
A 1 137 VAL 137 160 160 VAL VAL A . n 
A 1 138 VAL 138 161 161 VAL VAL A . n 
A 1 139 LEU 139 162 162 LEU LEU A . n 
A 1 140 PHE 140 163 163 PHE PHE A . n 
A 1 141 GLY 141 164 164 GLY GLY A . n 
A 1 142 TYR 142 165 165 TYR TYR A . n 
A 1 143 THR 143 166 166 THR THR A . n 
A 1 144 LYS 144 167 167 LYS LYS A . n 
A 1 145 ASN 145 168 168 ASN ASN A . n 
A 1 146 LEU 146 169 169 LEU LEU A . n 
A 1 147 GLN 147 170 170 GLN GLN A . n 
A 1 148 ASN 148 171 171 ASN ASN A . n 
A 1 149 LEU 149 172 172 LEU LEU A . n 
A 1 150 GLY 150 173 173 GLY GLY A . n 
A 1 151 ARG 151 174 174 ARG ARG A . n 
A 1 152 ILE 152 175 175 ILE ILE A . n 
A 1 153 PRO 153 176 176 PRO PRO A . n 
A 1 154 ASN 154 177 177 ASN ASN A . n 
A 1 155 PHE 155 178 178 PHE PHE A . n 
A 1 156 GLU 156 179 179 GLU GLU A . n 
A 1 157 THR 157 180 180 THR THR A . n 
A 1 158 SER 158 181 181 SER SER A . n 
A 1 159 LYS 159 182 182 LYS LYS A . n 
A 1 160 THR 160 183 183 THR THR A . n 
A 1 161 GLU 161 184 184 GLU GLU A . n 
A 1 162 VAL 162 185 185 VAL VAL A . n 
A 1 163 TYR 163 186 186 TYR TYR A . n 
A 1 164 CYS 164 187 187 CYS CYS A . n 
A 1 165 ASP 165 188 188 ASP ASP A . n 
A 1 166 ILE 166 189 189 ILE ILE A . n 
A 1 167 ALA 167 190 190 ALA ALA A . n 
A 1 168 ASP 168 191 191 ASP ASP A . n 
A 1 169 ALA 169 192 192 ALA ALA A . n 
A 1 170 VAL 170 193 193 VAL VAL A . n 
A 1 171 CYS 171 194 194 CYS CYS A . n 
A 1 172 TYR 172 195 195 TYR TYR A . n 
A 1 173 GLY 173 196 196 GLY GLY A . n 
A 1 174 THR 174 197 197 THR THR A . n 
A 1 175 LEU 175 198 198 LEU LEU A . n 
A 1 176 PHE 176 199 199 PHE PHE A . n 
A 1 177 ILE 177 200 200 ILE ILE A . n 
A 1 178 LEU 178 201 201 LEU LEU A . n 
A 1 179 PRO 179 202 202 PRO PRO A . n 
A 1 180 ALA 180 203 203 ALA ALA A . n 
A 1 181 HIS 181 204 204 HIS HIS A . n 
A 1 182 PHE 182 205 205 PHE PHE A . n 
A 1 183 LEU 183 206 206 LEU LEU A . n 
A 1 184 TYR 184 207 207 TYR TYR A . n 
A 1 185 GLN 185 208 208 GLN GLN A . n 
A 1 186 THR 186 209 209 THR THR A . n 
A 1 187 ASP 187 210 210 ASP ASP A . n 
A 1 188 ALA 188 211 211 ALA ALA A . n 
A 1 189 ALA 189 212 212 ALA ALA A . n 
A 1 190 VAL 190 213 213 VAL VAL A . n 
A 1 191 ALA 191 214 214 ALA ALA A . n 
A 1 192 ALA 192 215 215 ALA ALA A . n 
A 1 193 PRO 193 216 216 PRO PRO A . n 
A 1 194 ARG 194 217 217 ARG ARG A . n 
A 1 195 PHE 195 218 218 PHE PHE A . n 
A 1 196 LEU 196 219 219 LEU LEU A . n 
A 1 197 GLN 197 220 220 GLN GLN A . n 
A 1 198 ALA 198 221 221 ALA ALA A . n 
A 1 199 ARG 199 222 222 ARG ARG A . n 
A 1 200 ILE 200 223 223 ILE ILE A . n 
A 1 201 GLY 201 224 224 GLY GLY A . n 
# 
loop_
_pdbx_nonpoly_scheme.asym_id 
_pdbx_nonpoly_scheme.entity_id 
_pdbx_nonpoly_scheme.mon_id 
_pdbx_nonpoly_scheme.ndb_seq_num 
_pdbx_nonpoly_scheme.pdb_seq_num 
_pdbx_nonpoly_scheme.auth_seq_num 
_pdbx_nonpoly_scheme.pdb_mon_id 
_pdbx_nonpoly_scheme.auth_mon_id 
_pdbx_nonpoly_scheme.pdb_strand_id 
_pdbx_nonpoly_scheme.pdb_ins_code 
B 2 HOH 1   225 1   HOH HOH A . 
B 2 HOH 2   226 2   HOH HOH A . 
B 2 HOH 3   227 3   HOH HOH A . 
B 2 HOH 4   228 4   HOH HOH A . 
B 2 HOH 5   229 5   HOH HOH A . 
B 2 HOH 6   230 6   HOH HOH A . 
B 2 HOH 7   231 7   HOH HOH A . 
B 2 HOH 8   232 8   HOH HOH A . 
B 2 HOH 9   233 9   HOH HOH A . 
B 2 HOH 10  234 10  HOH HOH A . 
B 2 HOH 11  235 11  HOH HOH A . 
B 2 HOH 12  236 12  HOH HOH A . 
B 2 HOH 13  237 13  HOH HOH A . 
B 2 HOH 14  238 14  HOH HOH A . 
B 2 HOH 15  239 15  HOH HOH A . 
B 2 HOH 16  240 16  HOH HOH A . 
B 2 HOH 17  241 17  HOH HOH A . 
B 2 HOH 18  242 18  HOH HOH A . 
B 2 HOH 19  243 19  HOH HOH A . 
B 2 HOH 20  244 20  HOH HOH A . 
B 2 HOH 21  245 21  HOH HOH A . 
B 2 HOH 22  246 22  HOH HOH A . 
B 2 HOH 23  247 23  HOH HOH A . 
B 2 HOH 24  248 24  HOH HOH A . 
B 2 HOH 25  249 25  HOH HOH A . 
B 2 HOH 26  250 26  HOH HOH A . 
B 2 HOH 27  251 27  HOH HOH A . 
B 2 HOH 28  252 28  HOH HOH A . 
B 2 HOH 29  253 29  HOH HOH A . 
B 2 HOH 30  254 30  HOH HOH A . 
B 2 HOH 31  255 31  HOH HOH A . 
B 2 HOH 32  256 32  HOH HOH A . 
B 2 HOH 33  257 33  HOH HOH A . 
B 2 HOH 34  258 34  HOH HOH A . 
B 2 HOH 35  259 35  HOH HOH A . 
B 2 HOH 36  260 36  HOH HOH A . 
B 2 HOH 37  261 37  HOH HOH A . 
B 2 HOH 38  262 38  HOH HOH A . 
B 2 HOH 39  263 39  HOH HOH A . 
B 2 HOH 40  264 40  HOH HOH A . 
B 2 HOH 41  265 41  HOH HOH A . 
B 2 HOH 42  266 42  HOH HOH A . 
B 2 HOH 43  267 43  HOH HOH A . 
B 2 HOH 44  268 44  HOH HOH A . 
B 2 HOH 45  269 45  HOH HOH A . 
B 2 HOH 46  270 46  HOH HOH A . 
B 2 HOH 47  271 47  HOH HOH A . 
B 2 HOH 48  272 48  HOH HOH A . 
B 2 HOH 49  273 49  HOH HOH A . 
B 2 HOH 50  274 50  HOH HOH A . 
B 2 HOH 51  275 51  HOH HOH A . 
B 2 HOH 52  276 52  HOH HOH A . 
B 2 HOH 53  277 53  HOH HOH A . 
B 2 HOH 54  278 54  HOH HOH A . 
B 2 HOH 55  279 55  HOH HOH A . 
B 2 HOH 56  280 56  HOH HOH A . 
B 2 HOH 57  281 57  HOH HOH A . 
B 2 HOH 58  282 58  HOH HOH A . 
B 2 HOH 59  283 59  HOH HOH A . 
B 2 HOH 60  284 60  HOH HOH A . 
B 2 HOH 61  285 61  HOH HOH A . 
B 2 HOH 62  286 62  HOH HOH A . 
B 2 HOH 63  287 63  HOH HOH A . 
B 2 HOH 64  288 64  HOH HOH A . 
B 2 HOH 65  289 65  HOH HOH A . 
B 2 HOH 66  290 66  HOH HOH A . 
B 2 HOH 67  291 67  HOH HOH A . 
B 2 HOH 68  292 68  HOH HOH A . 
B 2 HOH 69  293 69  HOH HOH A . 
B 2 HOH 70  294 70  HOH HOH A . 
B 2 HOH 71  295 71  HOH HOH A . 
B 2 HOH 72  296 72  HOH HOH A . 
B 2 HOH 73  297 73  HOH HOH A . 
B 2 HOH 74  298 74  HOH HOH A . 
B 2 HOH 75  299 75  HOH HOH A . 
B 2 HOH 76  300 76  HOH HOH A . 
B 2 HOH 77  301 77  HOH HOH A . 
B 2 HOH 78  302 78  HOH HOH A . 
B 2 HOH 79  303 79  HOH HOH A . 
B 2 HOH 80  304 80  HOH HOH A . 
B 2 HOH 81  305 81  HOH HOH A . 
B 2 HOH 82  306 82  HOH HOH A . 
B 2 HOH 83  307 83  HOH HOH A . 
B 2 HOH 84  308 84  HOH HOH A . 
B 2 HOH 85  309 85  HOH HOH A . 
B 2 HOH 86  310 86  HOH HOH A . 
B 2 HOH 87  311 87  HOH HOH A . 
B 2 HOH 88  312 88  HOH HOH A . 
B 2 HOH 89  313 89  HOH HOH A . 
B 2 HOH 90  314 90  HOH HOH A . 
B 2 HOH 91  315 91  HOH HOH A . 
B 2 HOH 92  316 92  HOH HOH A . 
B 2 HOH 93  317 93  HOH HOH A . 
B 2 HOH 94  318 94  HOH HOH A . 
B 2 HOH 95  319 95  HOH HOH A . 
B 2 HOH 96  320 96  HOH HOH A . 
B 2 HOH 97  321 97  HOH HOH A . 
B 2 HOH 98  322 98  HOH HOH A . 
B 2 HOH 99  323 99  HOH HOH A . 
B 2 HOH 100 324 100 HOH HOH A . 
B 2 HOH 101 325 101 HOH HOH A . 
B 2 HOH 102 326 102 HOH HOH A . 
B 2 HOH 103 327 103 HOH HOH A . 
B 2 HOH 104 328 104 HOH HOH A . 
B 2 HOH 105 329 105 HOH HOH A . 
B 2 HOH 106 330 106 HOH HOH A . 
B 2 HOH 107 331 107 HOH HOH A . 
B 2 HOH 108 332 108 HOH HOH A . 
B 2 HOH 109 333 109 HOH HOH A . 
B 2 HOH 110 334 110 HOH HOH A . 
B 2 HOH 111 335 111 HOH HOH A . 
B 2 HOH 112 336 112 HOH HOH A . 
B 2 HOH 113 337 113 HOH HOH A . 
B 2 HOH 114 338 114 HOH HOH A . 
B 2 HOH 115 339 115 HOH HOH A . 
B 2 HOH 116 340 116 HOH HOH A . 
B 2 HOH 117 341 117 HOH HOH A . 
B 2 HOH 118 342 118 HOH HOH A . 
B 2 HOH 119 343 119 HOH HOH A . 
B 2 HOH 120 344 120 HOH HOH A . 
B 2 HOH 121 345 121 HOH HOH A . 
B 2 HOH 122 346 122 HOH HOH A . 
B 2 HOH 123 347 123 HOH HOH A . 
B 2 HOH 124 348 124 HOH HOH A . 
B 2 HOH 125 349 125 HOH HOH A . 
B 2 HOH 126 350 126 HOH HOH A . 
B 2 HOH 127 351 127 HOH HOH A . 
B 2 HOH 128 352 128 HOH HOH A . 
B 2 HOH 129 353 129 HOH HOH A . 
B 2 HOH 130 354 130 HOH HOH A . 
B 2 HOH 131 355 131 HOH HOH A . 
B 2 HOH 132 356 132 HOH HOH A . 
B 2 HOH 133 357 133 HOH HOH A . 
B 2 HOH 134 358 134 HOH HOH A . 
B 2 HOH 135 359 135 HOH HOH A . 
B 2 HOH 136 360 136 HOH HOH A . 
B 2 HOH 137 361 137 HOH HOH A . 
B 2 HOH 138 362 138 HOH HOH A . 
B 2 HOH 139 363 139 HOH HOH A . 
B 2 HOH 140 364 140 HOH HOH A . 
B 2 HOH 141 365 141 HOH HOH A . 
B 2 HOH 142 366 142 HOH HOH A . 
B 2 HOH 143 367 143 HOH HOH A . 
B 2 HOH 144 368 144 HOH HOH A . 
B 2 HOH 145 369 145 HOH HOH A . 
B 2 HOH 146 370 146 HOH HOH A . 
B 2 HOH 147 371 147 HOH HOH A . 
B 2 HOH 148 372 148 HOH HOH A . 
B 2 HOH 149 373 149 HOH HOH A . 
# 
loop_
_pdbx_unobs_or_zero_occ_atoms.id 
_pdbx_unobs_or_zero_occ_atoms.PDB_model_num 
_pdbx_unobs_or_zero_occ_atoms.polymer_flag 
_pdbx_unobs_or_zero_occ_atoms.occupancy_flag 
_pdbx_unobs_or_zero_occ_atoms.auth_asym_id 
_pdbx_unobs_or_zero_occ_atoms.auth_comp_id 
_pdbx_unobs_or_zero_occ_atoms.auth_seq_id 
_pdbx_unobs_or_zero_occ_atoms.PDB_ins_code 
_pdbx_unobs_or_zero_occ_atoms.auth_atom_id 
_pdbx_unobs_or_zero_occ_atoms.label_alt_id 
_pdbx_unobs_or_zero_occ_atoms.label_asym_id 
_pdbx_unobs_or_zero_occ_atoms.label_comp_id 
_pdbx_unobs_or_zero_occ_atoms.label_seq_id 
_pdbx_unobs_or_zero_occ_atoms.label_atom_id 
1 1 Y 1 A GLY 224 ? CA ? A GLY 201 CA 
2 1 Y 1 A GLY 224 ? C  ? A GLY 201 C  
3 1 Y 1 A GLY 224 ? O  ? A GLY 201 O  
# 
loop_
_software.name 
_software.classification 
_software.version 
_software.citation_id 
_software.pdbx_ordinal 
REFMAC    refinement        5.2.0019 ? 1 
MAR345dtb 'data collection' .        ? 2 
MOSFLM    'data reduction'  .        ? 3 
SCALA     'data scaling'    .        ? 4 
PHASER    phasing           .        ? 5 
# 
_cell.entry_id           3DCN 
_cell.length_a           60.00 
_cell.length_b           60.00 
_cell.length_c           86.41 
_cell.angle_alpha        90.00 
_cell.angle_beta         90.00 
_cell.angle_gamma        90.00 
_cell.Z_PDB              8 
_cell.pdbx_unique_axis   ? 
_cell.length_a_esd       ? 
_cell.length_b_esd       ? 
_cell.length_c_esd       ? 
_cell.angle_alpha_esd    ? 
_cell.angle_beta_esd     ? 
_cell.angle_gamma_esd    ? 
# 
_symmetry.entry_id                         3DCN 
_symmetry.space_group_name_H-M             'P 41 21 2' 
_symmetry.pdbx_full_space_group_name_H-M   ? 
_symmetry.cell_setting                     ? 
_symmetry.Int_Tables_number                92 
_symmetry.space_group_name_Hall            ? 
# 
_exptl.entry_id          3DCN 
_exptl.method            'X-RAY DIFFRACTION' 
_exptl.crystals_number   1 
# 
_exptl_crystal.id                    1 
_exptl_crystal.density_meas          ? 
_exptl_crystal.density_Matthews      1.84 
_exptl_crystal.density_percent_sol   33.27 
_exptl_crystal.description           ? 
_exptl_crystal.F_000                 ? 
_exptl_crystal.preparation           ? 
# 
_exptl_crystal_grow.crystal_id      1 
_exptl_crystal_grow.method          'VAPOR DIFFUSION, HANGING DROP' 
_exptl_crystal_grow.temp            290 
_exptl_crystal_grow.temp_details    ? 
_exptl_crystal_grow.pH              4.6 
_exptl_crystal_grow.pdbx_details    '28% PEG 4000, 0.1M sodium acetate, pH 4.6, VAPOR DIFFUSION, HANGING DROP, temperature 290K' 
_exptl_crystal_grow.pdbx_pH_range   . 
# 
_diffrn.id                     1 
_diffrn.ambient_temp           290 
_diffrn.ambient_temp_details   ? 
_diffrn.crystal_id             1 
# 
_diffrn_detector.diffrn_id              1 
_diffrn_detector.detector               'IMAGE PLATE' 
_diffrn_detector.type                   'MAR scanner 345 mm plate' 
_diffrn_detector.pdbx_collection_date   2006-08-03 
_diffrn_detector.details                'Osmic Varimax' 
# 
_diffrn_radiation.diffrn_id                        1 
_diffrn_radiation.wavelength_id                    1 
_diffrn_radiation.pdbx_monochromatic_or_laue_m_l   M 
_diffrn_radiation.monochromator                    ? 
_diffrn_radiation.pdbx_diffrn_protocol             'SINGLE WAVELENGTH' 
_diffrn_radiation.pdbx_scattering_type             x-ray 
# 
_diffrn_radiation_wavelength.id           1 
_diffrn_radiation_wavelength.wavelength   1.5418 
_diffrn_radiation_wavelength.wt           1.0 
# 
_diffrn_source.diffrn_id                   1 
_diffrn_source.source                      'ROTATING ANODE' 
_diffrn_source.type                        'RIGAKU MICROMAX-007' 
_diffrn_source.pdbx_synchrotron_site       ? 
_diffrn_source.pdbx_synchrotron_beamline   ? 
_diffrn_source.pdbx_wavelength             ? 
_diffrn_source.pdbx_wavelength_list        1.5418 
# 
_reflns.entry_id                     3DCN 
_reflns.observed_criterion_sigma_F   ? 
_reflns.observed_criterion_sigma_I   ? 
_reflns.d_resolution_high            1.90 
_reflns.d_resolution_low             28.34 
_reflns.number_all                   13054 
_reflns.number_obs                   13027 
_reflns.percent_possible_obs         100.0 
_reflns.pdbx_Rmerge_I_obs            0.062 
_reflns.pdbx_Rsym_value              ? 
_reflns.pdbx_netI_over_sigmaI        10.7 
_reflns.B_iso_Wilson_estimate        22.439 
_reflns.pdbx_redundancy              8.2 
_reflns.R_free_details               ? 
_reflns.limit_h_max                  ? 
_reflns.limit_h_min                  ? 
_reflns.limit_k_max                  ? 
_reflns.limit_k_min                  ? 
_reflns.limit_l_max                  ? 
_reflns.limit_l_min                  ? 
_reflns.observed_criterion_F_max     ? 
_reflns.observed_criterion_F_min     ? 
_reflns.pdbx_chi_squared             ? 
_reflns.pdbx_scaling_rejects         ? 
_reflns.pdbx_diffrn_id               1 
_reflns.pdbx_ordinal                 1 
# 
_reflns_shell.d_res_high             1.90 
_reflns_shell.d_res_low              2.00 
_reflns_shell.percent_possible_all   100.0 
_reflns_shell.Rmerge_I_obs           0.339 
_reflns_shell.pdbx_Rsym_value        ? 
_reflns_shell.meanI_over_sigI_obs    5.8 
_reflns_shell.pdbx_redundancy        8.1 
_reflns_shell.percent_possible_obs   ? 
_reflns_shell.number_unique_all      1858 
_reflns_shell.number_measured_all    ? 
_reflns_shell.number_measured_obs    ? 
_reflns_shell.number_unique_obs      ? 
_reflns_shell.pdbx_chi_squared       ? 
_reflns_shell.pdbx_diffrn_id         ? 
_reflns_shell.pdbx_ordinal           1 
# 
_refine.entry_id                                 3DCN 
_refine.ls_number_reflns_obs                     11712 
_refine.ls_number_reflns_all                     11712 
_refine.pdbx_ls_sigma_I                          ? 
_refine.pdbx_ls_sigma_F                          ? 
_refine.pdbx_data_cutoff_high_absF               ? 
_refine.pdbx_data_cutoff_low_absF                ? 
_refine.pdbx_data_cutoff_high_rms_absF           ? 
_refine.ls_d_res_low                             19.25 
_refine.ls_d_res_high                            1.90 
_refine.ls_percent_reflns_obs                    99.99 
_refine.ls_R_factor_obs                          0.196 
_refine.ls_R_factor_all                          ? 
_refine.ls_R_factor_R_work                       0.190 
_refine.ls_R_factor_R_free                       0.253 
_refine.ls_R_factor_R_free_error                 ? 
_refine.ls_R_factor_R_free_error_details         ? 
_refine.ls_percent_reflns_R_free                 9.9 
_refine.ls_number_reflns_R_free                  1281 
_refine.ls_number_parameters                     ? 
_refine.ls_number_restraints                     ? 
_refine.occupancy_min                            ? 
_refine.occupancy_max                            ? 
_refine.correlation_coeff_Fo_to_Fc               0.952 
_refine.correlation_coeff_Fo_to_Fc_free          0.915 
_refine.B_iso_mean                               21.324 
_refine.aniso_B[1][1]                            0.01 
_refine.aniso_B[2][2]                            0.01 
_refine.aniso_B[3][3]                            -0.01 
_refine.aniso_B[1][2]                            0.00 
_refine.aniso_B[1][3]                            0.00 
_refine.aniso_B[2][3]                            0.00 
_refine.solvent_model_details                    MASK 
_refine.solvent_model_param_ksol                 ? 
_refine.solvent_model_param_bsol                 ? 
_refine.pdbx_solvent_vdw_probe_radii             1.20 
_refine.pdbx_solvent_ion_probe_radii             0.80 
_refine.pdbx_solvent_shrinkage_radii             0.80 
_refine.pdbx_ls_cross_valid_method               THROUGHOUT 
_refine.details                                  ? 
_refine.pdbx_starting_model                      'PDB ENTRY 1CEX' 
_refine.pdbx_method_to_determine_struct          'MOLECULAR REPLACEMENT' 
_refine.pdbx_isotropic_thermal_model             ? 
_refine.pdbx_stereochemistry_target_values       ? 
_refine.pdbx_stereochem_target_val_spec_case     ? 
_refine.pdbx_R_Free_selection_details            RANDOM 
_refine.pdbx_overall_ESU_R                       0.204 
_refine.pdbx_overall_ESU_R_Free                  0.184 
_refine.overall_SU_ML                            0.137 
_refine.overall_SU_B                             4.756 
_refine.ls_redundancy_reflns_obs                 ? 
_refine.B_iso_min                                ? 
_refine.B_iso_max                                ? 
_refine.overall_SU_R_Cruickshank_DPI             ? 
_refine.overall_SU_R_free                        ? 
_refine.ls_wR_factor_R_free                      ? 
_refine.ls_wR_factor_R_work                      ? 
_refine.overall_FOM_free_R_set                   ? 
_refine.overall_FOM_work_R_set                   ? 
_refine.pdbx_overall_phase_error                 ? 
_refine.pdbx_refine_id                           'X-RAY DIFFRACTION' 
_refine.pdbx_diffrn_id                           1 
_refine.pdbx_TLS_residual_ADP_flag               ? 
_refine.pdbx_overall_SU_R_free_Cruickshank_DPI   ? 
_refine.pdbx_overall_SU_R_Blow_DPI               ? 
_refine.pdbx_overall_SU_R_free_Blow_DPI          ? 
# 
_refine_hist.pdbx_refine_id                   'X-RAY DIFFRACTION' 
_refine_hist.cycle_id                         LAST 
_refine_hist.pdbx_number_atoms_protein        1446 
_refine_hist.pdbx_number_atoms_nucleic_acid   0 
_refine_hist.pdbx_number_atoms_ligand         0 
_refine_hist.number_atoms_solvent             149 
_refine_hist.number_atoms_total               1595 
_refine_hist.d_res_high                       1.90 
_refine_hist.d_res_low                        19.25 
# 
loop_
_refine_ls_restr.type 
_refine_ls_restr.dev_ideal 
_refine_ls_restr.dev_ideal_target 
_refine_ls_restr.weight 
_refine_ls_restr.number 
_refine_ls_restr.pdbx_refine_id 
_refine_ls_restr.pdbx_restraint_function 
r_bond_refined_d             0.017  0.022  ? 1476 'X-RAY DIFFRACTION' ? 
r_bond_other_d               ?      ?      ? ?    'X-RAY DIFFRACTION' ? 
r_angle_refined_deg          1.513  1.959  ? 2012 'X-RAY DIFFRACTION' ? 
r_angle_other_deg            ?      ?      ? ?    'X-RAY DIFFRACTION' ? 
r_dihedral_angle_1_deg       6.031  5.000  ? 194  'X-RAY DIFFRACTION' ? 
r_dihedral_angle_2_deg       37.709 24.237 ? 59   'X-RAY DIFFRACTION' ? 
r_dihedral_angle_3_deg       13.754 15.000 ? 223  'X-RAY DIFFRACTION' ? 
r_dihedral_angle_4_deg       13.855 15.000 ? 8    'X-RAY DIFFRACTION' ? 
r_chiral_restr               0.102  0.200  ? 232  'X-RAY DIFFRACTION' ? 
r_gen_planes_refined         0.007  0.020  ? 1128 'X-RAY DIFFRACTION' ? 
r_gen_planes_other           ?      ?      ? ?    'X-RAY DIFFRACTION' ? 
r_nbd_refined                0.196  0.200  ? 804  'X-RAY DIFFRACTION' ? 
r_nbd_other                  ?      ?      ? ?    'X-RAY DIFFRACTION' ? 
r_nbtor_refined              0.307  0.200  ? 1024 'X-RAY DIFFRACTION' ? 
r_nbtor_other                ?      ?      ? ?    'X-RAY DIFFRACTION' ? 
r_xyhbond_nbd_refined        0.165  0.200  ? 120  'X-RAY DIFFRACTION' ? 
r_xyhbond_nbd_other          ?      ?      ? ?    'X-RAY DIFFRACTION' ? 
r_metal_ion_refined          ?      ?      ? ?    'X-RAY DIFFRACTION' ? 
r_metal_ion_other            ?      ?      ? ?    'X-RAY DIFFRACTION' ? 
r_symmetry_vdw_refined       0.202  0.200  ? 51   'X-RAY DIFFRACTION' ? 
r_symmetry_vdw_other         ?      ?      ? ?    'X-RAY DIFFRACTION' ? 
r_symmetry_hbond_refined     0.170  0.200  ? 16   'X-RAY DIFFRACTION' ? 
r_symmetry_hbond_other       ?      ?      ? ?    'X-RAY DIFFRACTION' ? 
r_symmetry_metal_ion_refined ?      ?      ? ?    'X-RAY DIFFRACTION' ? 
r_symmetry_metal_ion_other   ?      ?      ? ?    'X-RAY DIFFRACTION' ? 
r_mcbond_it                  1.192  1.500  ? 989  'X-RAY DIFFRACTION' ? 
r_mcbond_other               ?      ?      ? ?    'X-RAY DIFFRACTION' ? 
r_mcangle_it                 1.853  2.000  ? 1550 'X-RAY DIFFRACTION' ? 
r_scbond_it                  2.834  3.000  ? 549  'X-RAY DIFFRACTION' ? 
r_scangle_it                 3.965  4.500  ? 462  'X-RAY DIFFRACTION' ? 
r_rigid_bond_restr           ?      ?      ? ?    'X-RAY DIFFRACTION' ? 
r_sphericity_free            ?      ?      ? ?    'X-RAY DIFFRACTION' ? 
r_sphericity_bonded          ?      ?      ? ?    'X-RAY DIFFRACTION' ? 
# 
_refine_ls_shell.pdbx_total_number_of_bins_used   20 
_refine_ls_shell.d_res_high                       1.900 
_refine_ls_shell.d_res_low                        1.949 
_refine_ls_shell.number_reflns_R_work             862 
_refine_ls_shell.R_factor_R_work                  0.290 
_refine_ls_shell.percent_reflns_obs               100.00 
_refine_ls_shell.R_factor_R_free                  0.429 
_refine_ls_shell.R_factor_R_free_error            ? 
_refine_ls_shell.percent_reflns_R_free            ? 
_refine_ls_shell.number_reflns_R_free             80 
_refine_ls_shell.number_reflns_all                ? 
_refine_ls_shell.R_factor_all                     ? 
_refine_ls_shell.number_reflns_obs                ? 
_refine_ls_shell.redundancy_reflns_obs            ? 
_refine_ls_shell.pdbx_refine_id                   'X-RAY DIFFRACTION' 
# 
_struct.entry_id                  3DCN 
_struct.title                     'Glomerella cingulata apo cutinase' 
_struct.pdbx_model_details        ? 
_struct.pdbx_CASP_flag            ? 
_struct.pdbx_model_type_details   ? 
# 
_struct_keywords.entry_id        3DCN 
_struct_keywords.pdbx_keywords   HYDROLASE 
_struct_keywords.text            'Glomerella cingulata, cutinase, catalytic triad, Hydrolase, Secreted, Serine esterase' 
# 
loop_
_struct_asym.id 
_struct_asym.pdbx_blank_PDB_chainid_flag 
_struct_asym.pdbx_modified 
_struct_asym.entity_id 
_struct_asym.details 
A N N 1 ? 
B N N 2 ? 
# 
_struct_ref.id                         1 
_struct_ref.db_name                    UNP 
_struct_ref.db_code                    CUTI_COLGL 
_struct_ref.pdbx_db_accession          P11373 
_struct_ref.entity_id                  1 
_struct_ref.pdbx_seq_one_letter_code   
;QSSTRNELETGSSSACPKVIYIFARASTEPGNMGISAGPIVADALERIYGANDVWVQGVGGPYLADLASNFLPDGTSSAA
INEARRLFTLANTKCPNAAIVSGGYSQGTAVMAGSISGLSTTIKNQIKGVVLFGYTKNLQNLGRIPNFETSKTEVYCDIA
DAVCYGTLFILPAHFLYQTDAAVAAPRFLQARIG
;
_struct_ref.pdbx_align_begin           31 
_struct_ref.pdbx_db_isoform            ? 
# 
_struct_ref_seq.align_id                      1 
_struct_ref_seq.ref_id                        1 
_struct_ref_seq.pdbx_PDB_id_code              3DCN 
_struct_ref_seq.pdbx_strand_id                A 
_struct_ref_seq.seq_align_beg                 8 
_struct_ref_seq.pdbx_seq_align_beg_ins_code   ? 
_struct_ref_seq.seq_align_end                 201 
_struct_ref_seq.pdbx_seq_align_end_ins_code   ? 
_struct_ref_seq.pdbx_db_accession             P11373 
_struct_ref_seq.db_align_beg                  31 
_struct_ref_seq.pdbx_db_align_beg_ins_code    ? 
_struct_ref_seq.db_align_end                  224 
_struct_ref_seq.pdbx_db_align_end_ins_code    ? 
_struct_ref_seq.pdbx_auth_seq_align_beg       31 
_struct_ref_seq.pdbx_auth_seq_align_end       224 
# 
loop_
_struct_ref_seq_dif.align_id 
_struct_ref_seq_dif.pdbx_pdb_id_code 
_struct_ref_seq_dif.mon_id 
_struct_ref_seq_dif.pdbx_pdb_strand_id 
_struct_ref_seq_dif.seq_num 
_struct_ref_seq_dif.pdbx_pdb_ins_code 
_struct_ref_seq_dif.pdbx_seq_db_name 
_struct_ref_seq_dif.pdbx_seq_db_accession_code 
_struct_ref_seq_dif.db_mon_id 
_struct_ref_seq_dif.pdbx_seq_db_seq_num 
_struct_ref_seq_dif.details 
_struct_ref_seq_dif.pdbx_auth_seq_num 
_struct_ref_seq_dif.pdbx_ordinal 
1 3DCN ALA A 1 ? UNP P11373 ? ? 'expression tag' 24 1 
1 3DCN MET A 2 ? UNP P11373 ? ? 'expression tag' 25 2 
1 3DCN ALA A 3 ? UNP P11373 ? ? 'expression tag' 26 3 
1 3DCN ILE A 4 ? UNP P11373 ? ? 'expression tag' 27 4 
1 3DCN SER A 5 ? UNP P11373 ? ? 'expression tag' 28 5 
1 3DCN ASP A 6 ? UNP P11373 ? ? 'expression tag' 29 6 
1 3DCN PRO A 7 ? UNP P11373 ? ? 'expression tag' 30 7 
# 
_pdbx_struct_assembly.id                   1 
_pdbx_struct_assembly.details              author_and_software_defined_assembly 
_pdbx_struct_assembly.method_details       PISA 
_pdbx_struct_assembly.oligomeric_details   monomeric 
_pdbx_struct_assembly.oligomeric_count     1 
# 
_pdbx_struct_assembly_gen.assembly_id       1 
_pdbx_struct_assembly_gen.oper_expression   1 
_pdbx_struct_assembly_gen.asym_id_list      A,B 
# 
_pdbx_struct_oper_list.id                   1 
_pdbx_struct_oper_list.type                 'identity operation' 
_pdbx_struct_oper_list.name                 1_555 
_pdbx_struct_oper_list.symmetry_operation   x,y,z 
_pdbx_struct_oper_list.matrix[1][1]         1.0000000000 
_pdbx_struct_oper_list.matrix[1][2]         0.0000000000 
_pdbx_struct_oper_list.matrix[1][3]         0.0000000000 
_pdbx_struct_oper_list.vector[1]            0.0000000000 
_pdbx_struct_oper_list.matrix[2][1]         0.0000000000 
_pdbx_struct_oper_list.matrix[2][2]         1.0000000000 
_pdbx_struct_oper_list.matrix[2][3]         0.0000000000 
_pdbx_struct_oper_list.vector[2]            0.0000000000 
_pdbx_struct_oper_list.matrix[3][1]         0.0000000000 
_pdbx_struct_oper_list.matrix[3][2]         0.0000000000 
_pdbx_struct_oper_list.matrix[3][3]         1.0000000000 
_pdbx_struct_oper_list.vector[3]            0.0000000000 
# 
_struct_biol.id        1 
_struct_biol.details   ? 
# 
loop_
_struct_conf.conf_type_id 
_struct_conf.id 
_struct_conf.pdbx_PDB_helix_id 
_struct_conf.beg_label_comp_id 
_struct_conf.beg_label_asym_id 
_struct_conf.beg_label_seq_id 
_struct_conf.pdbx_beg_PDB_ins_code 
_struct_conf.end_label_comp_id 
_struct_conf.end_label_asym_id 
_struct_conf.end_label_seq_id 
_struct_conf.pdbx_end_PDB_ins_code 
_struct_conf.beg_auth_comp_id 
_struct_conf.beg_auth_asym_id 
_struct_conf.beg_auth_seq_id 
_struct_conf.end_auth_comp_id 
_struct_conf.end_auth_asym_id 
_struct_conf.end_auth_seq_id 
_struct_conf.pdbx_PDB_helix_class 
_struct_conf.details 
_struct_conf.pdbx_PDB_helix_length 
HELX_P HELX_P1 1 SER A 43  ? GLY A 57  ? SER A 66  GLY A 80  1 ? 15 
HELX_P HELX_P2 2 LEU A 74  ? LEU A 79  ? LEU A 97  LEU A 102 5 ? 6  
HELX_P HELX_P3 3 SER A 84  ? CYS A 102 ? SER A 107 CYS A 125 1 ? 19 
HELX_P HELX_P4 4 SER A 113 ? SER A 124 ? SER A 136 SER A 147 1 ? 12 
HELX_P HELX_P5 5 SER A 127 ? GLN A 133 ? SER A 150 GLN A 156 1 ? 7  
HELX_P HELX_P6 6 GLU A 156 ? SER A 158 ? GLU A 179 SER A 181 5 ? 3  
HELX_P HELX_P7 7 ASP A 168 ? GLY A 173 ? ASP A 191 GLY A 196 5 ? 6  
HELX_P HELX_P8 8 TYR A 184 ? VAL A 190 ? TYR A 207 VAL A 213 1 ? 7  
HELX_P HELX_P9 9 VAL A 190 ? ALA A 198 ? VAL A 213 ALA A 221 1 ? 9  
# 
_struct_conf_type.id          HELX_P 
_struct_conf_type.criteria    ? 
_struct_conf_type.reference   ? 
# 
loop_
_struct_conn.id 
_struct_conn.conn_type_id 
_struct_conn.pdbx_leaving_atom_flag 
_struct_conn.pdbx_PDB_id 
_struct_conn.ptnr1_label_asym_id 
_struct_conn.ptnr1_label_comp_id 
_struct_conn.ptnr1_label_seq_id 
_struct_conn.ptnr1_label_atom_id 
_struct_conn.pdbx_ptnr1_label_alt_id 
_struct_conn.pdbx_ptnr1_PDB_ins_code 
_struct_conn.pdbx_ptnr1_standard_comp_id 
_struct_conn.ptnr1_symmetry 
_struct_conn.ptnr2_label_asym_id 
_struct_conn.ptnr2_label_comp_id 
_struct_conn.ptnr2_label_seq_id 
_struct_conn.ptnr2_label_atom_id 
_struct_conn.pdbx_ptnr2_label_alt_id 
_struct_conn.pdbx_ptnr2_PDB_ins_code 
_struct_conn.ptnr1_auth_asym_id 
_struct_conn.ptnr1_auth_comp_id 
_struct_conn.ptnr1_auth_seq_id 
_struct_conn.ptnr2_auth_asym_id 
_struct_conn.ptnr2_auth_comp_id 
_struct_conn.ptnr2_auth_seq_id 
_struct_conn.ptnr2_symmetry 
_struct_conn.pdbx_ptnr3_label_atom_id 
_struct_conn.pdbx_ptnr3_label_seq_id 
_struct_conn.pdbx_ptnr3_label_comp_id 
_struct_conn.pdbx_ptnr3_label_asym_id 
_struct_conn.pdbx_ptnr3_label_alt_id 
_struct_conn.pdbx_ptnr3_PDB_ins_code 
_struct_conn.details 
_struct_conn.pdbx_dist_value 
_struct_conn.pdbx_value_order 
_struct_conn.pdbx_role 
disulf1 disulf ? ? A CYS 23  SG ? ? ? 1_555 A CYS 102 SG ? ? A CYS 46  A CYS 125 1_555 ? ? ? ? ? ? ? 2.077 ? ? 
disulf2 disulf ? ? A CYS 164 SG ? ? ? 1_555 A CYS 171 SG ? ? A CYS 187 A CYS 194 1_555 ? ? ? ? ? ? ? 2.005 ? ? 
# 
_struct_conn_type.id          disulf 
_struct_conn_type.criteria    ? 
_struct_conn_type.reference   ? 
# 
loop_
_pdbx_modification_feature.ordinal 
_pdbx_modification_feature.label_comp_id 
_pdbx_modification_feature.label_asym_id 
_pdbx_modification_feature.label_seq_id 
_pdbx_modification_feature.label_alt_id 
_pdbx_modification_feature.modified_residue_label_comp_id 
_pdbx_modification_feature.modified_residue_label_asym_id 
_pdbx_modification_feature.modified_residue_label_seq_id 
_pdbx_modification_feature.modified_residue_label_alt_id 
_pdbx_modification_feature.auth_comp_id 
_pdbx_modification_feature.auth_asym_id 
_pdbx_modification_feature.auth_seq_id 
_pdbx_modification_feature.PDB_ins_code 
_pdbx_modification_feature.symmetry 
_pdbx_modification_feature.modified_residue_auth_comp_id 
_pdbx_modification_feature.modified_residue_auth_asym_id 
_pdbx_modification_feature.modified_residue_auth_seq_id 
_pdbx_modification_feature.modified_residue_PDB_ins_code 
_pdbx_modification_feature.modified_residue_symmetry 
_pdbx_modification_feature.comp_id_linking_atom 
_pdbx_modification_feature.modified_residue_id_linking_atom 
_pdbx_modification_feature.modified_residue_id 
_pdbx_modification_feature.ref_pcm_id 
_pdbx_modification_feature.ref_comp_id 
_pdbx_modification_feature.type 
_pdbx_modification_feature.category 
1 CYS A 23  ? CYS A 102 ? CYS A 46  ? 1_555 CYS A 125 ? 1_555 SG SG . . . None 'Disulfide bridge' 
2 CYS A 164 ? CYS A 171 ? CYS A 187 ? 1_555 CYS A 194 ? 1_555 SG SG . . . None 'Disulfide bridge' 
# 
_struct_sheet.id               A 
_struct_sheet.type             ? 
_struct_sheet.number_strands   5 
_struct_sheet.details          ? 
# 
loop_
_struct_sheet_order.sheet_id 
_struct_sheet_order.range_id_1 
_struct_sheet_order.range_id_2 
_struct_sheet_order.offset 
_struct_sheet_order.sense 
A 1 2 ? parallel 
A 2 3 ? parallel 
A 3 4 ? parallel 
A 4 5 ? parallel 
# 
loop_
_struct_sheet_range.sheet_id 
_struct_sheet_range.id 
_struct_sheet_range.beg_label_comp_id 
_struct_sheet_range.beg_label_asym_id 
_struct_sheet_range.beg_label_seq_id 
_struct_sheet_range.pdbx_beg_PDB_ins_code 
_struct_sheet_range.end_label_comp_id 
_struct_sheet_range.end_label_asym_id 
_struct_sheet_range.end_label_seq_id 
_struct_sheet_range.pdbx_end_PDB_ins_code 
_struct_sheet_range.beg_auth_comp_id 
_struct_sheet_range.beg_auth_asym_id 
_struct_sheet_range.beg_auth_seq_id 
_struct_sheet_range.end_auth_comp_id 
_struct_sheet_range.end_auth_asym_id 
_struct_sheet_range.end_auth_seq_id 
A 1 VAL A 61  ? GLY A 65  ? VAL A 84  GLY A 88  
A 2 VAL A 26  ? ALA A 31  ? VAL A 49  ALA A 54  
A 3 ALA A 106 ? TYR A 112 ? ALA A 129 TYR A 135 
A 4 ILE A 134 ? PHE A 140 ? ILE A 157 PHE A 163 
A 5 THR A 160 ? TYR A 163 ? THR A 183 TYR A 186 
# 
loop_
_pdbx_struct_sheet_hbond.sheet_id 
_pdbx_struct_sheet_hbond.range_id_1 
_pdbx_struct_sheet_hbond.range_id_2 
_pdbx_struct_sheet_hbond.range_1_label_atom_id 
_pdbx_struct_sheet_hbond.range_1_label_comp_id 
_pdbx_struct_sheet_hbond.range_1_label_asym_id 
_pdbx_struct_sheet_hbond.range_1_label_seq_id 
_pdbx_struct_sheet_hbond.range_1_PDB_ins_code 
_pdbx_struct_sheet_hbond.range_1_auth_atom_id 
_pdbx_struct_sheet_hbond.range_1_auth_comp_id 
_pdbx_struct_sheet_hbond.range_1_auth_asym_id 
_pdbx_struct_sheet_hbond.range_1_auth_seq_id 
_pdbx_struct_sheet_hbond.range_2_label_atom_id 
_pdbx_struct_sheet_hbond.range_2_label_comp_id 
_pdbx_struct_sheet_hbond.range_2_label_asym_id 
_pdbx_struct_sheet_hbond.range_2_label_seq_id 
_pdbx_struct_sheet_hbond.range_2_PDB_ins_code 
_pdbx_struct_sheet_hbond.range_2_auth_atom_id 
_pdbx_struct_sheet_hbond.range_2_auth_comp_id 
_pdbx_struct_sheet_hbond.range_2_auth_asym_id 
_pdbx_struct_sheet_hbond.range_2_auth_seq_id 
A 1 2 O TRP A 62  ? O TRP A 85  N TYR A 28  ? N TYR A 51  
A 2 3 N ILE A 27  ? N ILE A 50  O ALA A 106 ? O ALA A 129 
A 3 4 N ILE A 107 ? N ILE A 130 O LYS A 135 ? O LYS A 158 
A 4 5 N VAL A 137 ? N VAL A 160 O GLU A 161 ? O GLU A 184 
# 
_pdbx_entry_details.entry_id                   3DCN 
_pdbx_entry_details.compound_details           ? 
_pdbx_entry_details.source_details             ? 
_pdbx_entry_details.nonpolymer_details         ? 
_pdbx_entry_details.sequence_details           
;THE SEQUENCE IS BASED ON REFERENCE 2 IN THE DATABASE, 
CUTI_COLGL.
;
_pdbx_entry_details.has_ligand_of_interest     ? 
_pdbx_entry_details.has_protein_modification   Y 
# 
loop_
_pdbx_validate_torsion.id 
_pdbx_validate_torsion.PDB_model_num 
_pdbx_validate_torsion.auth_comp_id 
_pdbx_validate_torsion.auth_asym_id 
_pdbx_validate_torsion.auth_seq_id 
_pdbx_validate_torsion.PDB_ins_code 
_pdbx_validate_torsion.label_alt_id 
_pdbx_validate_torsion.phi 
_pdbx_validate_torsion.psi 
1 1 THR A 58  ? ? 83.45   -13.00  
2 1 SER A 66  ? ? -124.07 -105.52 
3 1 TYR A 93  ? ? -68.73  93.17   
4 1 SER A 136 ? ? 52.94   -119.45 
5 1 TYR A 165 ? ? -56.66  107.17  
6 1 VAL A 213 ? ? -123.80 -71.93  
# 
loop_
_pdbx_unobs_or_zero_occ_residues.id 
_pdbx_unobs_or_zero_occ_residues.PDB_model_num 
_pdbx_unobs_or_zero_occ_residues.polymer_flag 
_pdbx_unobs_or_zero_occ_residues.occupancy_flag 
_pdbx_unobs_or_zero_occ_residues.auth_asym_id 
_pdbx_unobs_or_zero_occ_residues.auth_comp_id 
_pdbx_unobs_or_zero_occ_residues.auth_seq_id 
_pdbx_unobs_or_zero_occ_residues.PDB_ins_code 
_pdbx_unobs_or_zero_occ_residues.label_asym_id 
_pdbx_unobs_or_zero_occ_residues.label_comp_id 
_pdbx_unobs_or_zero_occ_residues.label_seq_id 
1 1 Y 1 A ALA 24 ? A ALA 1 
2 1 Y 1 A MET 25 ? A MET 2 
3 1 Y 1 A ALA 26 ? A ALA 3 
4 1 Y 1 A ILE 27 ? A ILE 4 
5 1 Y 1 A SER 28 ? A SER 5 
# 
loop_
_chem_comp_atom.comp_id 
_chem_comp_atom.atom_id 
_chem_comp_atom.type_symbol 
_chem_comp_atom.pdbx_aromatic_flag 
_chem_comp_atom.pdbx_stereo_config 
_chem_comp_atom.pdbx_ordinal 
ALA N    N N N 1   
ALA CA   C N S 2   
ALA C    C N N 3   
ALA O    O N N 4   
ALA CB   C N N 5   
ALA OXT  O N N 6   
ALA H    H N N 7   
ALA H2   H N N 8   
ALA HA   H N N 9   
ALA HB1  H N N 10  
ALA HB2  H N N 11  
ALA HB3  H N N 12  
ALA HXT  H N N 13  
ARG N    N N N 14  
ARG CA   C N S 15  
ARG C    C N N 16  
ARG O    O N N 17  
ARG CB   C N N 18  
ARG CG   C N N 19  
ARG CD   C N N 20  
ARG NE   N N N 21  
ARG CZ   C N N 22  
ARG NH1  N N N 23  
ARG NH2  N N N 24  
ARG OXT  O N N 25  
ARG H    H N N 26  
ARG H2   H N N 27  
ARG HA   H N N 28  
ARG HB2  H N N 29  
ARG HB3  H N N 30  
ARG HG2  H N N 31  
ARG HG3  H N N 32  
ARG HD2  H N N 33  
ARG HD3  H N N 34  
ARG HE   H N N 35  
ARG HH11 H N N 36  
ARG HH12 H N N 37  
ARG HH21 H N N 38  
ARG HH22 H N N 39  
ARG HXT  H N N 40  
ASN N    N N N 41  
ASN CA   C N S 42  
ASN C    C N N 43  
ASN O    O N N 44  
ASN CB   C N N 45  
ASN CG   C N N 46  
ASN OD1  O N N 47  
ASN ND2  N N N 48  
ASN OXT  O N N 49  
ASN H    H N N 50  
ASN H2   H N N 51  
ASN HA   H N N 52  
ASN HB2  H N N 53  
ASN HB3  H N N 54  
ASN HD21 H N N 55  
ASN HD22 H N N 56  
ASN HXT  H N N 57  
ASP N    N N N 58  
ASP CA   C N S 59  
ASP C    C N N 60  
ASP O    O N N 61  
ASP CB   C N N 62  
ASP CG   C N N 63  
ASP OD1  O N N 64  
ASP OD2  O N N 65  
ASP OXT  O N N 66  
ASP H    H N N 67  
ASP H2   H N N 68  
ASP HA   H N N 69  
ASP HB2  H N N 70  
ASP HB3  H N N 71  
ASP HD2  H N N 72  
ASP HXT  H N N 73  
CYS N    N N N 74  
CYS CA   C N R 75  
CYS C    C N N 76  
CYS O    O N N 77  
CYS CB   C N N 78  
CYS SG   S N N 79  
CYS OXT  O N N 80  
CYS H    H N N 81  
CYS H2   H N N 82  
CYS HA   H N N 83  
CYS HB2  H N N 84  
CYS HB3  H N N 85  
CYS HG   H N N 86  
CYS HXT  H N N 87  
GLN N    N N N 88  
GLN CA   C N S 89  
GLN C    C N N 90  
GLN O    O N N 91  
GLN CB   C N N 92  
GLN CG   C N N 93  
GLN CD   C N N 94  
GLN OE1  O N N 95  
GLN NE2  N N N 96  
GLN OXT  O N N 97  
GLN H    H N N 98  
GLN H2   H N N 99  
GLN HA   H N N 100 
GLN HB2  H N N 101 
GLN HB3  H N N 102 
GLN HG2  H N N 103 
GLN HG3  H N N 104 
GLN HE21 H N N 105 
GLN HE22 H N N 106 
GLN HXT  H N N 107 
GLU N    N N N 108 
GLU CA   C N S 109 
GLU C    C N N 110 
GLU O    O N N 111 
GLU CB   C N N 112 
GLU CG   C N N 113 
GLU CD   C N N 114 
GLU OE1  O N N 115 
GLU OE2  O N N 116 
GLU OXT  O N N 117 
GLU H    H N N 118 
GLU H2   H N N 119 
GLU HA   H N N 120 
GLU HB2  H N N 121 
GLU HB3  H N N 122 
GLU HG2  H N N 123 
GLU HG3  H N N 124 
GLU HE2  H N N 125 
GLU HXT  H N N 126 
GLY N    N N N 127 
GLY CA   C N N 128 
GLY C    C N N 129 
GLY O    O N N 130 
GLY OXT  O N N 131 
GLY H    H N N 132 
GLY H2   H N N 133 
GLY HA2  H N N 134 
GLY HA3  H N N 135 
GLY HXT  H N N 136 
HIS N    N N N 137 
HIS CA   C N S 138 
HIS C    C N N 139 
HIS O    O N N 140 
HIS CB   C N N 141 
HIS CG   C Y N 142 
HIS ND1  N Y N 143 
HIS CD2  C Y N 144 
HIS CE1  C Y N 145 
HIS NE2  N Y N 146 
HIS OXT  O N N 147 
HIS H    H N N 148 
HIS H2   H N N 149 
HIS HA   H N N 150 
HIS HB2  H N N 151 
HIS HB3  H N N 152 
HIS HD1  H N N 153 
HIS HD2  H N N 154 
HIS HE1  H N N 155 
HIS HE2  H N N 156 
HIS HXT  H N N 157 
HOH O    O N N 158 
HOH H1   H N N 159 
HOH H2   H N N 160 
ILE N    N N N 161 
ILE CA   C N S 162 
ILE C    C N N 163 
ILE O    O N N 164 
ILE CB   C N S 165 
ILE CG1  C N N 166 
ILE CG2  C N N 167 
ILE CD1  C N N 168 
ILE OXT  O N N 169 
ILE H    H N N 170 
ILE H2   H N N 171 
ILE HA   H N N 172 
ILE HB   H N N 173 
ILE HG12 H N N 174 
ILE HG13 H N N 175 
ILE HG21 H N N 176 
ILE HG22 H N N 177 
ILE HG23 H N N 178 
ILE HD11 H N N 179 
ILE HD12 H N N 180 
ILE HD13 H N N 181 
ILE HXT  H N N 182 
LEU N    N N N 183 
LEU CA   C N S 184 
LEU C    C N N 185 
LEU O    O N N 186 
LEU CB   C N N 187 
LEU CG   C N N 188 
LEU CD1  C N N 189 
LEU CD2  C N N 190 
LEU OXT  O N N 191 
LEU H    H N N 192 
LEU H2   H N N 193 
LEU HA   H N N 194 
LEU HB2  H N N 195 
LEU HB3  H N N 196 
LEU HG   H N N 197 
LEU HD11 H N N 198 
LEU HD12 H N N 199 
LEU HD13 H N N 200 
LEU HD21 H N N 201 
LEU HD22 H N N 202 
LEU HD23 H N N 203 
LEU HXT  H N N 204 
LYS N    N N N 205 
LYS CA   C N S 206 
LYS C    C N N 207 
LYS O    O N N 208 
LYS CB   C N N 209 
LYS CG   C N N 210 
LYS CD   C N N 211 
LYS CE   C N N 212 
LYS NZ   N N N 213 
LYS OXT  O N N 214 
LYS H    H N N 215 
LYS H2   H N N 216 
LYS HA   H N N 217 
LYS HB2  H N N 218 
LYS HB3  H N N 219 
LYS HG2  H N N 220 
LYS HG3  H N N 221 
LYS HD2  H N N 222 
LYS HD3  H N N 223 
LYS HE2  H N N 224 
LYS HE3  H N N 225 
LYS HZ1  H N N 226 
LYS HZ2  H N N 227 
LYS HZ3  H N N 228 
LYS HXT  H N N 229 
MET N    N N N 230 
MET CA   C N S 231 
MET C    C N N 232 
MET O    O N N 233 
MET CB   C N N 234 
MET CG   C N N 235 
MET SD   S N N 236 
MET CE   C N N 237 
MET OXT  O N N 238 
MET H    H N N 239 
MET H2   H N N 240 
MET HA   H N N 241 
MET HB2  H N N 242 
MET HB3  H N N 243 
MET HG2  H N N 244 
MET HG3  H N N 245 
MET HE1  H N N 246 
MET HE2  H N N 247 
MET HE3  H N N 248 
MET HXT  H N N 249 
PHE N    N N N 250 
PHE CA   C N S 251 
PHE C    C N N 252 
PHE O    O N N 253 
PHE CB   C N N 254 
PHE CG   C Y N 255 
PHE CD1  C Y N 256 
PHE CD2  C Y N 257 
PHE CE1  C Y N 258 
PHE CE2  C Y N 259 
PHE CZ   C Y N 260 
PHE OXT  O N N 261 
PHE H    H N N 262 
PHE H2   H N N 263 
PHE HA   H N N 264 
PHE HB2  H N N 265 
PHE HB3  H N N 266 
PHE HD1  H N N 267 
PHE HD2  H N N 268 
PHE HE1  H N N 269 
PHE HE2  H N N 270 
PHE HZ   H N N 271 
PHE HXT  H N N 272 
PRO N    N N N 273 
PRO CA   C N S 274 
PRO C    C N N 275 
PRO O    O N N 276 
PRO CB   C N N 277 
PRO CG   C N N 278 
PRO CD   C N N 279 
PRO OXT  O N N 280 
PRO H    H N N 281 
PRO HA   H N N 282 
PRO HB2  H N N 283 
PRO HB3  H N N 284 
PRO HG2  H N N 285 
PRO HG3  H N N 286 
PRO HD2  H N N 287 
PRO HD3  H N N 288 
PRO HXT  H N N 289 
SER N    N N N 290 
SER CA   C N S 291 
SER C    C N N 292 
SER O    O N N 293 
SER CB   C N N 294 
SER OG   O N N 295 
SER OXT  O N N 296 
SER H    H N N 297 
SER H2   H N N 298 
SER HA   H N N 299 
SER HB2  H N N 300 
SER HB3  H N N 301 
SER HG   H N N 302 
SER HXT  H N N 303 
THR N    N N N 304 
THR CA   C N S 305 
THR C    C N N 306 
THR O    O N N 307 
THR CB   C N R 308 
THR OG1  O N N 309 
THR CG2  C N N 310 
THR OXT  O N N 311 
THR H    H N N 312 
THR H2   H N N 313 
THR HA   H N N 314 
THR HB   H N N 315 
THR HG1  H N N 316 
THR HG21 H N N 317 
THR HG22 H N N 318 
THR HG23 H N N 319 
THR HXT  H N N 320 
TRP N    N N N 321 
TRP CA   C N S 322 
TRP C    C N N 323 
TRP O    O N N 324 
TRP CB   C N N 325 
TRP CG   C Y N 326 
TRP CD1  C Y N 327 
TRP CD2  C Y N 328 
TRP NE1  N Y N 329 
TRP CE2  C Y N 330 
TRP CE3  C Y N 331 
TRP CZ2  C Y N 332 
TRP CZ3  C Y N 333 
TRP CH2  C Y N 334 
TRP OXT  O N N 335 
TRP H    H N N 336 
TRP H2   H N N 337 
TRP HA   H N N 338 
TRP HB2  H N N 339 
TRP HB3  H N N 340 
TRP HD1  H N N 341 
TRP HE1  H N N 342 
TRP HE3  H N N 343 
TRP HZ2  H N N 344 
TRP HZ3  H N N 345 
TRP HH2  H N N 346 
TRP HXT  H N N 347 
TYR N    N N N 348 
TYR CA   C N S 349 
TYR C    C N N 350 
TYR O    O N N 351 
TYR CB   C N N 352 
TYR CG   C Y N 353 
TYR CD1  C Y N 354 
TYR CD2  C Y N 355 
TYR CE1  C Y N 356 
TYR CE2  C Y N 357 
TYR CZ   C Y N 358 
TYR OH   O N N 359 
TYR OXT  O N N 360 
TYR H    H N N 361 
TYR H2   H N N 362 
TYR HA   H N N 363 
TYR HB2  H N N 364 
TYR HB3  H N N 365 
TYR HD1  H N N 366 
TYR HD2  H N N 367 
TYR HE1  H N N 368 
TYR HE2  H N N 369 
TYR HH   H N N 370 
TYR HXT  H N N 371 
VAL N    N N N 372 
VAL CA   C N S 373 
VAL C    C N N 374 
VAL O    O N N 375 
VAL CB   C N N 376 
VAL CG1  C N N 377 
VAL CG2  C N N 378 
VAL OXT  O N N 379 
VAL H    H N N 380 
VAL H2   H N N 381 
VAL HA   H N N 382 
VAL HB   H N N 383 
VAL HG11 H N N 384 
VAL HG12 H N N 385 
VAL HG13 H N N 386 
VAL HG21 H N N 387 
VAL HG22 H N N 388 
VAL HG23 H N N 389 
VAL HXT  H N N 390 
# 
loop_
_chem_comp_bond.comp_id 
_chem_comp_bond.atom_id_1 
_chem_comp_bond.atom_id_2 
_chem_comp_bond.value_order 
_chem_comp_bond.pdbx_aromatic_flag 
_chem_comp_bond.pdbx_stereo_config 
_chem_comp_bond.pdbx_ordinal 
ALA N   CA   sing N N 1   
ALA N   H    sing N N 2   
ALA N   H2   sing N N 3   
ALA CA  C    sing N N 4   
ALA CA  CB   sing N N 5   
ALA CA  HA   sing N N 6   
ALA C   O    doub N N 7   
ALA C   OXT  sing N N 8   
ALA CB  HB1  sing N N 9   
ALA CB  HB2  sing N N 10  
ALA CB  HB3  sing N N 11  
ALA OXT HXT  sing N N 12  
ARG N   CA   sing N N 13  
ARG N   H    sing N N 14  
ARG N   H2   sing N N 15  
ARG CA  C    sing N N 16  
ARG CA  CB   sing N N 17  
ARG CA  HA   sing N N 18  
ARG C   O    doub N N 19  
ARG C   OXT  sing N N 20  
ARG CB  CG   sing N N 21  
ARG CB  HB2  sing N N 22  
ARG CB  HB3  sing N N 23  
ARG CG  CD   sing N N 24  
ARG CG  HG2  sing N N 25  
ARG CG  HG3  sing N N 26  
ARG CD  NE   sing N N 27  
ARG CD  HD2  sing N N 28  
ARG CD  HD3  sing N N 29  
ARG NE  CZ   sing N N 30  
ARG NE  HE   sing N N 31  
ARG CZ  NH1  sing N N 32  
ARG CZ  NH2  doub N N 33  
ARG NH1 HH11 sing N N 34  
ARG NH1 HH12 sing N N 35  
ARG NH2 HH21 sing N N 36  
ARG NH2 HH22 sing N N 37  
ARG OXT HXT  sing N N 38  
ASN N   CA   sing N N 39  
ASN N   H    sing N N 40  
ASN N   H2   sing N N 41  
ASN CA  C    sing N N 42  
ASN CA  CB   sing N N 43  
ASN CA  HA   sing N N 44  
ASN C   O    doub N N 45  
ASN C   OXT  sing N N 46  
ASN CB  CG   sing N N 47  
ASN CB  HB2  sing N N 48  
ASN CB  HB3  sing N N 49  
ASN CG  OD1  doub N N 50  
ASN CG  ND2  sing N N 51  
ASN ND2 HD21 sing N N 52  
ASN ND2 HD22 sing N N 53  
ASN OXT HXT  sing N N 54  
ASP N   CA   sing N N 55  
ASP N   H    sing N N 56  
ASP N   H2   sing N N 57  
ASP CA  C    sing N N 58  
ASP CA  CB   sing N N 59  
ASP CA  HA   sing N N 60  
ASP C   O    doub N N 61  
ASP C   OXT  sing N N 62  
ASP CB  CG   sing N N 63  
ASP CB  HB2  sing N N 64  
ASP CB  HB3  sing N N 65  
ASP CG  OD1  doub N N 66  
ASP CG  OD2  sing N N 67  
ASP OD2 HD2  sing N N 68  
ASP OXT HXT  sing N N 69  
CYS N   CA   sing N N 70  
CYS N   H    sing N N 71  
CYS N   H2   sing N N 72  
CYS CA  C    sing N N 73  
CYS CA  CB   sing N N 74  
CYS CA  HA   sing N N 75  
CYS C   O    doub N N 76  
CYS C   OXT  sing N N 77  
CYS CB  SG   sing N N 78  
CYS CB  HB2  sing N N 79  
CYS CB  HB3  sing N N 80  
CYS SG  HG   sing N N 81  
CYS OXT HXT  sing N N 82  
GLN N   CA   sing N N 83  
GLN N   H    sing N N 84  
GLN N   H2   sing N N 85  
GLN CA  C    sing N N 86  
GLN CA  CB   sing N N 87  
GLN CA  HA   sing N N 88  
GLN C   O    doub N N 89  
GLN C   OXT  sing N N 90  
GLN CB  CG   sing N N 91  
GLN CB  HB2  sing N N 92  
GLN CB  HB3  sing N N 93  
GLN CG  CD   sing N N 94  
GLN CG  HG2  sing N N 95  
GLN CG  HG3  sing N N 96  
GLN CD  OE1  doub N N 97  
GLN CD  NE2  sing N N 98  
GLN NE2 HE21 sing N N 99  
GLN NE2 HE22 sing N N 100 
GLN OXT HXT  sing N N 101 
GLU N   CA   sing N N 102 
GLU N   H    sing N N 103 
GLU N   H2   sing N N 104 
GLU CA  C    sing N N 105 
GLU CA  CB   sing N N 106 
GLU CA  HA   sing N N 107 
GLU C   O    doub N N 108 
GLU C   OXT  sing N N 109 
GLU CB  CG   sing N N 110 
GLU CB  HB2  sing N N 111 
GLU CB  HB3  sing N N 112 
GLU CG  CD   sing N N 113 
GLU CG  HG2  sing N N 114 
GLU CG  HG3  sing N N 115 
GLU CD  OE1  doub N N 116 
GLU CD  OE2  sing N N 117 
GLU OE2 HE2  sing N N 118 
GLU OXT HXT  sing N N 119 
GLY N   CA   sing N N 120 
GLY N   H    sing N N 121 
GLY N   H2   sing N N 122 
GLY CA  C    sing N N 123 
GLY CA  HA2  sing N N 124 
GLY CA  HA3  sing N N 125 
GLY C   O    doub N N 126 
GLY C   OXT  sing N N 127 
GLY OXT HXT  sing N N 128 
HIS N   CA   sing N N 129 
HIS N   H    sing N N 130 
HIS N   H2   sing N N 131 
HIS CA  C    sing N N 132 
HIS CA  CB   sing N N 133 
HIS CA  HA   sing N N 134 
HIS C   O    doub N N 135 
HIS C   OXT  sing N N 136 
HIS CB  CG   sing N N 137 
HIS CB  HB2  sing N N 138 
HIS CB  HB3  sing N N 139 
HIS CG  ND1  sing Y N 140 
HIS CG  CD2  doub Y N 141 
HIS ND1 CE1  doub Y N 142 
HIS ND1 HD1  sing N N 143 
HIS CD2 NE2  sing Y N 144 
HIS CD2 HD2  sing N N 145 
HIS CE1 NE2  sing Y N 146 
HIS CE1 HE1  sing N N 147 
HIS NE2 HE2  sing N N 148 
HIS OXT HXT  sing N N 149 
HOH O   H1   sing N N 150 
HOH O   H2   sing N N 151 
ILE N   CA   sing N N 152 
ILE N   H    sing N N 153 
ILE N   H2   sing N N 154 
ILE CA  C    sing N N 155 
ILE CA  CB   sing N N 156 
ILE CA  HA   sing N N 157 
ILE C   O    doub N N 158 
ILE C   OXT  sing N N 159 
ILE CB  CG1  sing N N 160 
ILE CB  CG2  sing N N 161 
ILE CB  HB   sing N N 162 
ILE CG1 CD1  sing N N 163 
ILE CG1 HG12 sing N N 164 
ILE CG1 HG13 sing N N 165 
ILE CG2 HG21 sing N N 166 
ILE CG2 HG22 sing N N 167 
ILE CG2 HG23 sing N N 168 
ILE CD1 HD11 sing N N 169 
ILE CD1 HD12 sing N N 170 
ILE CD1 HD13 sing N N 171 
ILE OXT HXT  sing N N 172 
LEU N   CA   sing N N 173 
LEU N   H    sing N N 174 
LEU N   H2   sing N N 175 
LEU CA  C    sing N N 176 
LEU CA  CB   sing N N 177 
LEU CA  HA   sing N N 178 
LEU C   O    doub N N 179 
LEU C   OXT  sing N N 180 
LEU CB  CG   sing N N 181 
LEU CB  HB2  sing N N 182 
LEU CB  HB3  sing N N 183 
LEU CG  CD1  sing N N 184 
LEU CG  CD2  sing N N 185 
LEU CG  HG   sing N N 186 
LEU CD1 HD11 sing N N 187 
LEU CD1 HD12 sing N N 188 
LEU CD1 HD13 sing N N 189 
LEU CD2 HD21 sing N N 190 
LEU CD2 HD22 sing N N 191 
LEU CD2 HD23 sing N N 192 
LEU OXT HXT  sing N N 193 
LYS N   CA   sing N N 194 
LYS N   H    sing N N 195 
LYS N   H2   sing N N 196 
LYS CA  C    sing N N 197 
LYS CA  CB   sing N N 198 
LYS CA  HA   sing N N 199 
LYS C   O    doub N N 200 
LYS C   OXT  sing N N 201 
LYS CB  CG   sing N N 202 
LYS CB  HB2  sing N N 203 
LYS CB  HB3  sing N N 204 
LYS CG  CD   sing N N 205 
LYS CG  HG2  sing N N 206 
LYS CG  HG3  sing N N 207 
LYS CD  CE   sing N N 208 
LYS CD  HD2  sing N N 209 
LYS CD  HD3  sing N N 210 
LYS CE  NZ   sing N N 211 
LYS CE  HE2  sing N N 212 
LYS CE  HE3  sing N N 213 
LYS NZ  HZ1  sing N N 214 
LYS NZ  HZ2  sing N N 215 
LYS NZ  HZ3  sing N N 216 
LYS OXT HXT  sing N N 217 
MET N   CA   sing N N 218 
MET N   H    sing N N 219 
MET N   H2   sing N N 220 
MET CA  C    sing N N 221 
MET CA  CB   sing N N 222 
MET CA  HA   sing N N 223 
MET C   O    doub N N 224 
MET C   OXT  sing N N 225 
MET CB  CG   sing N N 226 
MET CB  HB2  sing N N 227 
MET CB  HB3  sing N N 228 
MET CG  SD   sing N N 229 
MET CG  HG2  sing N N 230 
MET CG  HG3  sing N N 231 
MET SD  CE   sing N N 232 
MET CE  HE1  sing N N 233 
MET CE  HE2  sing N N 234 
MET CE  HE3  sing N N 235 
MET OXT HXT  sing N N 236 
PHE N   CA   sing N N 237 
PHE N   H    sing N N 238 
PHE N   H2   sing N N 239 
PHE CA  C    sing N N 240 
PHE CA  CB   sing N N 241 
PHE CA  HA   sing N N 242 
PHE C   O    doub N N 243 
PHE C   OXT  sing N N 244 
PHE CB  CG   sing N N 245 
PHE CB  HB2  sing N N 246 
PHE CB  HB3  sing N N 247 
PHE CG  CD1  doub Y N 248 
PHE CG  CD2  sing Y N 249 
PHE CD1 CE1  sing Y N 250 
PHE CD1 HD1  sing N N 251 
PHE CD2 CE2  doub Y N 252 
PHE CD2 HD2  sing N N 253 
PHE CE1 CZ   doub Y N 254 
PHE CE1 HE1  sing N N 255 
PHE CE2 CZ   sing Y N 256 
PHE CE2 HE2  sing N N 257 
PHE CZ  HZ   sing N N 258 
PHE OXT HXT  sing N N 259 
PRO N   CA   sing N N 260 
PRO N   CD   sing N N 261 
PRO N   H    sing N N 262 
PRO CA  C    sing N N 263 
PRO CA  CB   sing N N 264 
PRO CA  HA   sing N N 265 
PRO C   O    doub N N 266 
PRO C   OXT  sing N N 267 
PRO CB  CG   sing N N 268 
PRO CB  HB2  sing N N 269 
PRO CB  HB3  sing N N 270 
PRO CG  CD   sing N N 271 
PRO CG  HG2  sing N N 272 
PRO CG  HG3  sing N N 273 
PRO CD  HD2  sing N N 274 
PRO CD  HD3  sing N N 275 
PRO OXT HXT  sing N N 276 
SER N   CA   sing N N 277 
SER N   H    sing N N 278 
SER N   H2   sing N N 279 
SER CA  C    sing N N 280 
SER CA  CB   sing N N 281 
SER CA  HA   sing N N 282 
SER C   O    doub N N 283 
SER C   OXT  sing N N 284 
SER CB  OG   sing N N 285 
SER CB  HB2  sing N N 286 
SER CB  HB3  sing N N 287 
SER OG  HG   sing N N 288 
SER OXT HXT  sing N N 289 
THR N   CA   sing N N 290 
THR N   H    sing N N 291 
THR N   H2   sing N N 292 
THR CA  C    sing N N 293 
THR CA  CB   sing N N 294 
THR CA  HA   sing N N 295 
THR C   O    doub N N 296 
THR C   OXT  sing N N 297 
THR CB  OG1  sing N N 298 
THR CB  CG2  sing N N 299 
THR CB  HB   sing N N 300 
THR OG1 HG1  sing N N 301 
THR CG2 HG21 sing N N 302 
THR CG2 HG22 sing N N 303 
THR CG2 HG23 sing N N 304 
THR OXT HXT  sing N N 305 
TRP N   CA   sing N N 306 
TRP N   H    sing N N 307 
TRP N   H2   sing N N 308 
TRP CA  C    sing N N 309 
TRP CA  CB   sing N N 310 
TRP CA  HA   sing N N 311 
TRP C   O    doub N N 312 
TRP C   OXT  sing N N 313 
TRP CB  CG   sing N N 314 
TRP CB  HB2  sing N N 315 
TRP CB  HB3  sing N N 316 
TRP CG  CD1  doub Y N 317 
TRP CG  CD2  sing Y N 318 
TRP CD1 NE1  sing Y N 319 
TRP CD1 HD1  sing N N 320 
TRP CD2 CE2  doub Y N 321 
TRP CD2 CE3  sing Y N 322 
TRP NE1 CE2  sing Y N 323 
TRP NE1 HE1  sing N N 324 
TRP CE2 CZ2  sing Y N 325 
TRP CE3 CZ3  doub Y N 326 
TRP CE3 HE3  sing N N 327 
TRP CZ2 CH2  doub Y N 328 
TRP CZ2 HZ2  sing N N 329 
TRP CZ3 CH2  sing Y N 330 
TRP CZ3 HZ3  sing N N 331 
TRP CH2 HH2  sing N N 332 
TRP OXT HXT  sing N N 333 
TYR N   CA   sing N N 334 
TYR N   H    sing N N 335 
TYR N   H2   sing N N 336 
TYR CA  C    sing N N 337 
TYR CA  CB   sing N N 338 
TYR CA  HA   sing N N 339 
TYR C   O    doub N N 340 
TYR C   OXT  sing N N 341 
TYR CB  CG   sing N N 342 
TYR CB  HB2  sing N N 343 
TYR CB  HB3  sing N N 344 
TYR CG  CD1  doub Y N 345 
TYR CG  CD2  sing Y N 346 
TYR CD1 CE1  sing Y N 347 
TYR CD1 HD1  sing N N 348 
TYR CD2 CE2  doub Y N 349 
TYR CD2 HD2  sing N N 350 
TYR CE1 CZ   doub Y N 351 
TYR CE1 HE1  sing N N 352 
TYR CE2 CZ   sing Y N 353 
TYR CE2 HE2  sing N N 354 
TYR CZ  OH   sing N N 355 
TYR OH  HH   sing N N 356 
TYR OXT HXT  sing N N 357 
VAL N   CA   sing N N 358 
VAL N   H    sing N N 359 
VAL N   H2   sing N N 360 
VAL CA  C    sing N N 361 
VAL CA  CB   sing N N 362 
VAL CA  HA   sing N N 363 
VAL C   O    doub N N 364 
VAL C   OXT  sing N N 365 
VAL CB  CG1  sing N N 366 
VAL CB  CG2  sing N N 367 
VAL CB  HB   sing N N 368 
VAL CG1 HG11 sing N N 369 
VAL CG1 HG12 sing N N 370 
VAL CG1 HG13 sing N N 371 
VAL CG2 HG21 sing N N 372 
VAL CG2 HG22 sing N N 373 
VAL CG2 HG23 sing N N 374 
VAL OXT HXT  sing N N 375 
# 
_pdbx_initial_refinement_model.id               1 
_pdbx_initial_refinement_model.entity_id_list   ? 
_pdbx_initial_refinement_model.type             'experimental model' 
_pdbx_initial_refinement_model.source_name      PDB 
_pdbx_initial_refinement_model.accession_code   1CEX 
_pdbx_initial_refinement_model.details          'PDB ENTRY 1CEX' 
# 
_atom_sites.entry_id                    3DCN 
_atom_sites.fract_transf_matrix[1][1]   0.00868589 
_atom_sites.fract_transf_matrix[1][2]   -0.00740886 
_atom_sites.fract_transf_matrix[1][3]   -0.01213890 
_atom_sites.fract_transf_matrix[2][1]   -0.01153297 
_atom_sites.fract_transf_matrix[2][2]   -0.01199203 
_atom_sites.fract_transf_matrix[2][3]   -0.00093311 
_atom_sites.fract_transf_matrix[3][1]   -0.00577868 
_atom_sites.fract_transf_matrix[3][2]   0.00617234 
_atom_sites.fract_transf_matrix[3][3]   -0.00790211 
_atom_sites.fract_transf_vector[1]      0.248742 
_atom_sites.fract_transf_vector[2]      -0.344453 
_atom_sites.fract_transf_vector[3]      0.011228 
# 
loop_
_atom_type.symbol 
C 
N 
O 
S 
# 
loop_
_atom_site.group_PDB 
_atom_site.id 
_atom_site.type_symbol 
_atom_site.label_atom_id 
_atom_site.label_alt_id 
_atom_site.label_comp_id 
_atom_site.label_asym_id 
_atom_site.label_entity_id 
_atom_site.label_seq_id 
_atom_site.pdbx_PDB_ins_code 
_atom_site.Cartn_x 
_atom_site.Cartn_y 
_atom_site.Cartn_z 
_atom_site.occupancy 
_atom_site.B_iso_or_equiv 
_atom_site.pdbx_formal_charge 
_atom_site.auth_seq_id 
_atom_site.auth_comp_id 
_atom_site.auth_asym_id 
_atom_site.auth_atom_id 
_atom_site.pdbx_PDB_model_num 
ATOM   1    N N   . ASP A 1 6   ? -11.921 17.180  -2.889  1.00 21.93 ? 29  ASP A N   1 
ATOM   2    C CA  . ASP A 1 6   ? -11.842 15.963  -3.764  1.00 22.98 ? 29  ASP A CA  1 
ATOM   3    C C   . ASP A 1 6   ? -12.836 14.861  -3.384  1.00 23.28 ? 29  ASP A C   1 
ATOM   4    O O   . ASP A 1 6   ? -12.948 14.535  -2.202  1.00 21.13 ? 29  ASP A O   1 
ATOM   5    C CB  . ASP A 1 6   ? -10.432 15.361  -3.713  1.00 22.52 ? 29  ASP A CB  1 
ATOM   6    C CG  . ASP A 1 6   ? -9.483  15.974  -4.750  1.00 28.50 ? 29  ASP A CG  1 
ATOM   7    O OD1 . ASP A 1 6   ? -9.764  17.048  -5.314  1.00 27.16 ? 29  ASP A OD1 1 
ATOM   8    O OD2 . ASP A 1 6   ? -8.418  15.382  -4.986  1.00 36.09 ? 29  ASP A OD2 1 
ATOM   9    N N   . PRO A 1 7   ? -13.482 14.225  -4.395  1.00 23.54 ? 30  PRO A N   1 
ATOM   10   C CA  . PRO A 1 7   ? -14.289 13.052  -4.111  1.00 24.83 ? 30  PRO A CA  1 
ATOM   11   C C   . PRO A 1 7   ? -13.480 12.007  -3.329  1.00 25.51 ? 30  PRO A C   1 
ATOM   12   O O   . PRO A 1 7   ? -12.292 11.839  -3.591  1.00 25.97 ? 30  PRO A O   1 
ATOM   13   C CB  . PRO A 1 7   ? -14.703 12.535  -5.508  1.00 23.04 ? 30  PRO A CB  1 
ATOM   14   C CG  . PRO A 1 7   ? -13.900 13.280  -6.499  1.00 23.83 ? 30  PRO A CG  1 
ATOM   15   C CD  . PRO A 1 7   ? -13.505 14.575  -5.827  1.00 24.71 ? 30  PRO A CD  1 
ATOM   16   N N   . GLN A 1 8   ? -14.097 11.353  -2.347  1.00 25.01 ? 31  GLN A N   1 
ATOM   17   C CA  . GLN A 1 8   ? -13.404 10.322  -1.574  1.00 26.06 ? 31  GLN A CA  1 
ATOM   18   C C   . GLN A 1 8   ? -13.971 8.975   -2.001  1.00 26.37 ? 31  GLN A C   1 
ATOM   19   O O   . GLN A 1 8   ? -15.152 8.688   -1.798  1.00 29.40 ? 31  GLN A O   1 
ATOM   20   C CB  . GLN A 1 8   ? -13.573 10.542  -0.073  1.00 26.42 ? 31  GLN A CB  1 
ATOM   21   C CG  . GLN A 1 8   ? -13.016 11.898  0.397   1.00 28.28 ? 31  GLN A CG  1 
ATOM   22   C CD  . GLN A 1 8   ? -11.507 12.059  0.141   1.00 30.22 ? 31  GLN A CD  1 
ATOM   23   O OE1 . GLN A 1 8   ? -11.084 12.687  -0.845  1.00 30.16 ? 31  GLN A OE1 1 
ATOM   24   N NE2 . GLN A 1 8   ? -10.694 11.478  1.026   1.00 30.62 ? 31  GLN A NE2 1 
ATOM   25   N N   . SER A 1 9   ? -13.176 8.170   -2.670  1.00 24.79 ? 32  SER A N   1 
ATOM   26   C CA  . SER A 1 9   ? -13.710 6.901   -3.148  1.00 23.46 ? 32  SER A CA  1 
ATOM   27   C C   . SER A 1 9   ? -12.994 5.825   -2.369  1.00 21.05 ? 32  SER A C   1 
ATOM   28   O O   . SER A 1 9   ? -11.788 5.620   -2.565  1.00 19.36 ? 32  SER A O   1 
ATOM   29   C CB  . SER A 1 9   ? -13.500 6.743   -4.651  1.00 23.82 ? 32  SER A CB  1 
ATOM   30   O OG  . SER A 1 9   ? -13.385 8.012   -5.227  1.00 26.82 ? 32  SER A OG  1 
ATOM   31   N N   . SER A 1 10  ? -13.714 5.218   -1.427  1.00 17.36 ? 33  SER A N   1 
ATOM   32   C CA  . SER A 1 10  ? -13.163 4.115   -0.656  1.00 18.09 ? 33  SER A CA  1 
ATOM   33   C C   . SER A 1 10  ? -13.017 2.820   -1.481  1.00 17.46 ? 33  SER A C   1 
ATOM   34   O O   . SER A 1 10  ? -12.414 1.886   -1.017  1.00 17.24 ? 33  SER A O   1 
ATOM   35   C CB  . SER A 1 10  ? -13.947 3.877   0.644   1.00 17.50 ? 33  SER A CB  1 
ATOM   36   O OG  . SER A 1 10  ? -15.322 3.586   0.386   1.00 20.30 ? 33  SER A OG  1 
ATOM   37   N N   . THR A 1 11  ? -13.581 2.758   -2.687  1.00 18.09 ? 34  THR A N   1 
ATOM   38   C CA  . THR A 1 11  ? -13.406 1.546   -3.517  1.00 19.81 ? 34  THR A CA  1 
ATOM   39   C C   . THR A 1 11  ? -12.860 2.001   -4.851  1.00 20.79 ? 34  THR A C   1 
ATOM   40   O O   . THR A 1 11  ? -13.487 2.831   -5.566  1.00 20.73 ? 34  THR A O   1 
ATOM   41   C CB  . THR A 1 11  ? -14.678 0.669   -3.669  1.00 20.56 ? 34  THR A CB  1 
ATOM   42   O OG1 . THR A 1 11  ? -15.104 0.202   -2.389  1.00 19.43 ? 34  THR A OG1 1 
ATOM   43   C CG2 . THR A 1 11  ? -14.415 -0.597  -4.543  1.00 19.05 ? 34  THR A CG2 1 
ATOM   44   N N   . ARG A 1 12  ? -11.660 1.519   -5.145  1.00 19.93 ? 35  ARG A N   1 
ATOM   45   C CA  . ARG A 1 12  ? -10.978 1.883   -6.384  1.00 20.06 ? 35  ARG A CA  1 
ATOM   46   C C   . ARG A 1 12  ? -10.544 0.584   -7.022  1.00 21.19 ? 35  ARG A C   1 
ATOM   47   O O   . ARG A 1 12  ? -9.880  -0.264  -6.386  1.00 20.07 ? 35  ARG A O   1 
ATOM   48   C CB  . ARG A 1 12  ? -9.784  2.824   -6.187  1.00 19.17 ? 35  ARG A CB  1 
ATOM   49   C CG  . ARG A 1 12  ? -10.067 4.205   -5.583  1.00 14.96 ? 35  ARG A CG  1 
ATOM   50   C CD  . ARG A 1 12  ? -10.934 5.113   -6.438  1.00 20.87 ? 35  ARG A CD  1 
ATOM   51   N NE  . ARG A 1 12  ? -10.254 5.618   -7.636  1.00 18.81 ? 35  ARG A NE  1 
ATOM   52   C CZ  . ARG A 1 12  ? -9.467  6.682   -7.663  1.00 23.59 ? 35  ARG A CZ  1 
ATOM   53   N NH1 . ARG A 1 12  ? -9.210  7.369   -6.549  1.00 22.55 ? 35  ARG A NH1 1 
ATOM   54   N NH2 . ARG A 1 12  ? -8.927  7.068   -8.819  1.00 25.75 ? 35  ARG A NH2 1 
ATOM   55   N N   . ASN A 1 13  ? -10.954 0.407   -8.274  1.00 21.50 ? 36  ASN A N   1 
ATOM   56   C CA  . ASN A 1 13  ? -10.699 -0.859  -8.973  1.00 22.37 ? 36  ASN A CA  1 
ATOM   57   C C   . ASN A 1 13  ? -10.130 -0.701  -10.399 1.00 23.10 ? 36  ASN A C   1 
ATOM   58   O O   . ASN A 1 13  ? -10.396 -1.505  -11.288 1.00 22.65 ? 36  ASN A O   1 
ATOM   59   C CB  . ASN A 1 13  ? -11.951 -1.720  -8.943  1.00 22.73 ? 36  ASN A CB  1 
ATOM   60   C CG  . ASN A 1 13  ? -12.085 -2.504  -7.673  1.00 21.34 ? 36  ASN A CG  1 
ATOM   61   O OD1 . ASN A 1 13  ? -11.215 -3.313  -7.330  1.00 20.50 ? 36  ASN A OD1 1 
ATOM   62   N ND2 . ASN A 1 13  ? -13.181 -2.291  -6.970  1.00 13.78 ? 36  ASN A ND2 1 
ATOM   63   N N   . GLU A 1 14  ? -9.310  0.329   -10.573 1.00 24.52 ? 37  GLU A N   1 
ATOM   64   C CA  . GLU A 1 14  ? -8.826  0.770   -11.884 1.00 24.53 ? 37  GLU A CA  1 
ATOM   65   C C   . GLU A 1 14  ? -7.808  -0.154  -12.566 1.00 24.65 ? 37  GLU A C   1 
ATOM   66   O O   . GLU A 1 14  ? -7.657  -0.096  -13.796 1.00 25.52 ? 37  GLU A O   1 
ATOM   67   C CB  . GLU A 1 14  ? -8.286  2.197   -11.793 1.00 23.50 ? 37  GLU A CB  1 
ATOM   68   C CG  . GLU A 1 14  ? -9.315  3.179   -11.230 1.00 24.10 ? 37  GLU A CG  1 
ATOM   69   C CD  . GLU A 1 14  ? -8.881  4.639   -11.281 1.00 24.90 ? 37  GLU A CD  1 
ATOM   70   O OE1 . GLU A 1 14  ? -7.682  4.933   -11.487 1.00 26.79 ? 37  GLU A OE1 1 
ATOM   71   O OE2 . GLU A 1 14  ? -9.754  5.520   -11.094 1.00 24.33 ? 37  GLU A OE2 1 
ATOM   72   N N   . LEU A 1 15  ? -7.119  -0.988  -11.779 1.00 23.05 ? 38  LEU A N   1 
ATOM   73   C CA  . LEU A 1 15  ? -6.309  -2.069  -12.295 1.00 22.22 ? 38  LEU A CA  1 
ATOM   74   C C   . LEU A 1 15  ? -7.154  -3.243  -12.734 1.00 24.23 ? 38  LEU A C   1 
ATOM   75   O O   . LEU A 1 15  ? -6.935  -3.809  -13.807 1.00 24.04 ? 38  LEU A O   1 
ATOM   76   C CB  . LEU A 1 15  ? -5.280  -2.548  -11.254 1.00 21.58 ? 38  LEU A CB  1 
ATOM   77   C CG  . LEU A 1 15  ? -4.515  -3.831  -11.570 1.00 21.17 ? 38  LEU A CG  1 
ATOM   78   C CD1 . LEU A 1 15  ? -3.777  -3.771  -12.922 1.00 15.34 ? 38  LEU A CD1 1 
ATOM   79   C CD2 . LEU A 1 15  ? -3.568  -4.204  -10.455 1.00 19.58 ? 38  LEU A CD2 1 
ATOM   80   N N   . GLU A 1 16  ? -8.076  -3.647  -11.856 1.00 25.02 ? 39  GLU A N   1 
ATOM   81   C CA  . GLU A 1 16  ? -9.052  -4.695  -12.115 1.00 27.22 ? 39  GLU A CA  1 
ATOM   82   C C   . GLU A 1 16  ? -9.787  -4.496  -13.456 1.00 26.68 ? 39  GLU A C   1 
ATOM   83   O O   . GLU A 1 16  ? -9.878  -5.406  -14.276 1.00 27.38 ? 39  GLU A O   1 
ATOM   84   C CB  . GLU A 1 16  ? -10.070 -4.679  -10.958 1.00 27.29 ? 39  GLU A CB  1 
ATOM   85   C CG  . GLU A 1 16  ? -10.614 -6.011  -10.593 1.00 32.09 ? 39  GLU A CG  1 
ATOM   86   C CD  . GLU A 1 16  ? -9.561  -6.944  -10.049 1.00 35.77 ? 39  GLU A CD  1 
ATOM   87   O OE1 . GLU A 1 16  ? -9.157  -7.861  -10.787 1.00 37.37 ? 39  GLU A OE1 1 
ATOM   88   O OE2 . GLU A 1 16  ? -9.146  -6.768  -8.885  1.00 40.16 ? 39  GLU A OE2 1 
ATOM   89   N N   . THR A 1 17  ? -10.282 -3.286  -13.669 1.00 27.40 ? 40  THR A N   1 
ATOM   90   C CA  . THR A 1 17  ? -11.106 -2.969  -14.827 1.00 28.28 ? 40  THR A CA  1 
ATOM   91   C C   . THR A 1 17  ? -10.291 -2.371  -15.976 1.00 28.78 ? 40  THR A C   1 
ATOM   92   O O   . THR A 1 17  ? -10.786 -2.252  -17.088 1.00 29.00 ? 40  THR A O   1 
ATOM   93   C CB  . THR A 1 17  ? -12.250 -1.990  -14.468 1.00 28.36 ? 40  THR A CB  1 
ATOM   94   O OG1 . THR A 1 17  ? -11.691 -0.786  -13.933 1.00 27.21 ? 40  THR A OG1 1 
ATOM   95   C CG2 . THR A 1 17  ? -13.218 -2.606  -13.438 1.00 30.43 ? 40  THR A CG2 1 
ATOM   96   N N   . GLY A 1 18  ? -9.043  -2.014  -15.709 1.00 27.50 ? 41  GLY A N   1 
ATOM   97   C CA  . GLY A 1 18  ? -8.170  -1.450  -16.732 1.00 27.17 ? 41  GLY A CA  1 
ATOM   98   C C   . GLY A 1 18  ? -7.867  -2.363  -17.913 1.00 26.97 ? 41  GLY A C   1 
ATOM   99   O O   . GLY A 1 18  ? -7.755  -3.580  -17.777 1.00 26.39 ? 41  GLY A O   1 
ATOM   100  N N   . SER A 1 19  ? -7.712  -1.736  -19.067 1.00 27.23 ? 42  SER A N   1 
ATOM   101  C CA  . SER A 1 19  ? -7.477  -2.394  -20.334 1.00 28.08 ? 42  SER A CA  1 
ATOM   102  C C   . SER A 1 19  ? -5.975  -2.348  -20.668 1.00 28.24 ? 42  SER A C   1 
ATOM   103  O O   . SER A 1 19  ? -5.361  -1.288  -20.603 1.00 27.69 ? 42  SER A O   1 
ATOM   104  C CB  . SER A 1 19  ? -8.293  -1.664  -21.411 1.00 28.23 ? 42  SER A CB  1 
ATOM   105  O OG  . SER A 1 19  ? -8.130  -2.249  -22.689 1.00 30.34 ? 42  SER A OG  1 
ATOM   106  N N   . SER A 1 20  ? -5.400  -3.504  -21.005 1.00 28.74 ? 43  SER A N   1 
ATOM   107  C CA  . SER A 1 20  ? -4.009  -3.596  -21.477 1.00 30.72 ? 43  SER A CA  1 
ATOM   108  C C   . SER A 1 20  ? -3.782  -2.823  -22.779 1.00 31.10 ? 43  SER A C   1 
ATOM   109  O O   . SER A 1 20  ? -2.659  -2.753  -23.280 1.00 31.90 ? 43  SER A O   1 
ATOM   110  C CB  . SER A 1 20  ? -3.572  -5.064  -21.656 1.00 30.37 ? 43  SER A CB  1 
ATOM   111  O OG  . SER A 1 20  ? -4.322  -5.709  -22.675 1.00 31.25 ? 43  SER A OG  1 
ATOM   112  N N   . SER A 1 21  ? -4.857  -2.245  -23.317 1.00 32.03 ? 44  SER A N   1 
ATOM   113  C CA  . SER A 1 21  ? -4.757  -1.313  -24.438 1.00 32.73 ? 44  SER A CA  1 
ATOM   114  C C   . SER A 1 21  ? -4.645  0.132   -23.959 1.00 32.36 ? 44  SER A C   1 
ATOM   115  O O   . SER A 1 21  ? -4.294  1.004   -24.737 1.00 35.12 ? 44  SER A O   1 
ATOM   116  C CB  . SER A 1 21  ? -5.945  -1.466  -25.412 1.00 32.85 ? 44  SER A CB  1 
ATOM   117  O OG  . SER A 1 21  ? -7.128  -0.821  -24.923 1.00 36.94 ? 44  SER A OG  1 
ATOM   118  N N   . ALA A 1 22  ? -4.941  0.395   -22.688 1.00 31.49 ? 45  ALA A N   1 
ATOM   119  C CA  . ALA A 1 22  ? -4.816  1.761   -22.139 1.00 29.85 ? 45  ALA A CA  1 
ATOM   120  C C   . ALA A 1 22  ? -3.927  1.862   -20.880 1.00 28.51 ? 45  ALA A C   1 
ATOM   121  O O   . ALA A 1 22  ? -4.231  2.635   -19.982 1.00 29.33 ? 45  ALA A O   1 
ATOM   122  C CB  . ALA A 1 22  ? -6.216  2.379   -21.860 1.00 29.16 ? 45  ALA A CB  1 
ATOM   123  N N   . CYS A 1 23  ? -2.820  1.130   -20.838 1.00 27.45 ? 46  CYS A N   1 
ATOM   124  C CA  . CYS A 1 23  ? -1.891  1.190   -19.694 1.00 26.55 ? 46  CYS A CA  1 
ATOM   125  C C   . CYS A 1 23  ? -1.464  2.612   -19.306 1.00 26.32 ? 46  CYS A C   1 
ATOM   126  O O   . CYS A 1 23  ? -0.988  3.388   -20.169 1.00 26.78 ? 46  CYS A O   1 
ATOM   127  C CB  . CYS A 1 23  ? -0.634  0.367   -19.950 1.00 25.58 ? 46  CYS A CB  1 
ATOM   128  S SG  . CYS A 1 23  ? -1.000  -1.320  -20.003 1.00 24.29 ? 46  CYS A SG  1 
ATOM   129  N N   . PRO A 1 24  ? -1.589  2.937   -18.007 1.00 24.79 ? 47  PRO A N   1 
ATOM   130  C CA  . PRO A 1 24  ? -1.247  4.247   -17.465 1.00 24.38 ? 47  PRO A CA  1 
ATOM   131  C C   . PRO A 1 24  ? 0.263   4.334   -17.204 1.00 25.26 ? 47  PRO A C   1 
ATOM   132  O O   . PRO A 1 24  ? 0.942   3.284   -17.255 1.00 24.56 ? 47  PRO A O   1 
ATOM   133  C CB  . PRO A 1 24  ? -2.015  4.265   -16.131 1.00 23.39 ? 47  PRO A CB  1 
ATOM   134  C CG  . PRO A 1 24  ? -1.920  2.867   -15.674 1.00 23.16 ? 47  PRO A CG  1 
ATOM   135  C CD  . PRO A 1 24  ? -2.083  2.029   -16.946 1.00 24.61 ? 47  PRO A CD  1 
ATOM   136  N N   . LYS A 1 25  ? 0.770   5.544   -16.911 1.00 23.45 ? 48  LYS A N   1 
ATOM   137  C CA  . LYS A 1 25  ? 2.151   5.721   -16.501 1.00 24.47 ? 48  LYS A CA  1 
ATOM   138  C C   . LYS A 1 25  ? 2.399   5.100   -15.113 1.00 24.11 ? 48  LYS A C   1 
ATOM   139  O O   . LYS A 1 25  ? 3.461   4.495   -14.876 1.00 22.95 ? 48  LYS A O   1 
ATOM   140  C CB  . LYS A 1 25  ? 2.535   7.192   -16.448 1.00 25.78 ? 48  LYS A CB  1 
ATOM   141  C CG  . LYS A 1 25  ? 3.931   7.461   -15.908 1.00 25.81 ? 48  LYS A CG  1 
ATOM   142  C CD  . LYS A 1 25  ? 4.070   8.893   -15.406 1.00 30.93 ? 48  LYS A CD  1 
ATOM   143  C CE  . LYS A 1 25  ? 5.008   9.717   -16.290 1.00 36.27 ? 48  LYS A CE  1 
ATOM   144  N NZ  . LYS A 1 25  ? 6.403   9.170   -16.303 1.00 36.14 ? 48  LYS A NZ  1 
ATOM   145  N N   . VAL A 1 26  ? 1.423   5.267   -14.218 1.00 23.08 ? 49  VAL A N   1 
ATOM   146  C CA  . VAL A 1 26  ? 1.541   4.819   -12.824 1.00 22.68 ? 49  VAL A CA  1 
ATOM   147  C C   . VAL A 1 26  ? 0.372   3.909   -12.456 1.00 22.95 ? 49  VAL A C   1 
ATOM   148  O O   . VAL A 1 26  ? -0.771  4.205   -12.772 1.00 24.59 ? 49  VAL A O   1 
ATOM   149  C CB  . VAL A 1 26  ? 1.564   6.007   -11.822 1.00 22.75 ? 49  VAL A CB  1 
ATOM   150  C CG1 . VAL A 1 26  ? 1.619   5.508   -10.370 1.00 18.86 ? 49  VAL A CG1 1 
ATOM   151  C CG2 . VAL A 1 26  ? 2.680   6.981   -12.112 1.00 22.84 ? 49  VAL A CG2 1 
ATOM   152  N N   . ILE A 1 27  ? 0.672   2.778   -11.813 1.00 22.54 ? 50  ILE A N   1 
ATOM   153  C CA  . ILE A 1 27  ? -0.328  1.941   -11.177 1.00 20.87 ? 50  ILE A CA  1 
ATOM   154  C C   . ILE A 1 27  ? -0.108  2.058   -9.652  1.00 20.31 ? 50  ILE A C   1 
ATOM   155  O O   . ILE A 1 27  ? 1.012   1.814   -9.172  1.00 17.80 ? 50  ILE A O   1 
ATOM   156  C CB  . ILE A 1 27  ? -0.227  0.457   -11.665 1.00 21.43 ? 50  ILE A CB  1 
ATOM   157  C CG1 . ILE A 1 27  ? -0.503  0.358   -13.185 1.00 20.85 ? 50  ILE A CG1 1 
ATOM   158  C CG2 . ILE A 1 27  ? -1.154  -0.465  -10.845 1.00 21.74 ? 50  ILE A CG2 1 
ATOM   159  C CD1 . ILE A 1 27  ? -0.330  -1.045  -13.773 1.00 21.03 ? 50  ILE A CD1 1 
ATOM   160  N N   . TYR A 1 28  ? -1.155  2.463   -8.908  1.00 18.46 ? 51  TYR A N   1 
ATOM   161  C CA  . TYR A 1 28  ? -1.019  2.699   -7.470  1.00 17.39 ? 51  TYR A CA  1 
ATOM   162  C C   . TYR A 1 28  ? -1.882  1.712   -6.694  1.00 16.86 ? 51  TYR A C   1 
ATOM   163  O O   . TYR A 1 28  ? -3.127  1.767   -6.733  1.00 14.61 ? 51  TYR A O   1 
ATOM   164  C CB  . TYR A 1 28  ? -1.281  4.175   -7.067  1.00 17.78 ? 51  TYR A CB  1 
ATOM   165  C CG  . TYR A 1 28  ? -1.658  4.419   -5.599  1.00 18.93 ? 51  TYR A CG  1 
ATOM   166  C CD1 . TYR A 1 28  ? -0.844  3.965   -4.541  1.00 17.26 ? 51  TYR A CD1 1 
ATOM   167  C CD2 . TYR A 1 28  ? -2.840  5.101   -5.270  1.00 20.47 ? 51  TYR A CD2 1 
ATOM   168  C CE1 . TYR A 1 28  ? -1.174  4.195   -3.219  1.00 15.77 ? 51  TYR A CE1 1 
ATOM   169  C CE2 . TYR A 1 28  ? -3.176  5.331   -3.939  1.00 18.05 ? 51  TYR A CE2 1 
ATOM   170  C CZ  . TYR A 1 28  ? -2.333  4.868   -2.917  1.00 16.73 ? 51  TYR A CZ  1 
ATOM   171  O OH  . TYR A 1 28  ? -2.657  5.091   -1.619  1.00 14.98 ? 51  TYR A OH  1 
ATOM   172  N N   . ILE A 1 29  ? -1.210  0.785   -6.019  1.00 14.74 ? 52  ILE A N   1 
ATOM   173  C CA  . ILE A 1 29  ? -1.924  -0.232  -5.258  1.00 14.66 ? 52  ILE A CA  1 
ATOM   174  C C   . ILE A 1 29  ? -1.872  0.038   -3.746  1.00 13.60 ? 52  ILE A C   1 
ATOM   175  O O   . ILE A 1 29  ? -0.792  0.229   -3.212  1.00 14.58 ? 52  ILE A O   1 
ATOM   176  C CB  . ILE A 1 29  ? -1.429  -1.691  -5.589  1.00 13.10 ? 52  ILE A CB  1 
ATOM   177  C CG1 . ILE A 1 29  ? -1.612  -2.007  -7.107  1.00 14.28 ? 52  ILE A CG1 1 
ATOM   178  C CG2 . ILE A 1 29  ? -2.234  -2.718  -4.726  1.00 14.77 ? 52  ILE A CG2 1 
ATOM   179  C CD1 . ILE A 1 29  ? -1.039  -3.326  -7.590  1.00 13.74 ? 52  ILE A CD1 1 
ATOM   180  N N   . PHE A 1 30  ? -3.008  -0.065  -3.035  1.00 12.98 ? 53  PHE A N   1 
ATOM   181  C CA  . PHE A 1 30  ? -3.050  0.326   -1.625  1.00 13.80 ? 53  PHE A CA  1 
ATOM   182  C C   . PHE A 1 30  ? -3.847  -0.655  -0.744  1.00 13.78 ? 53  PHE A C   1 
ATOM   183  O O   . PHE A 1 30  ? -4.916  -1.093  -1.135  1.00 12.38 ? 53  PHE A O   1 
ATOM   184  C CB  . PHE A 1 30  ? -3.669  1.742   -1.446  1.00 13.11 ? 53  PHE A CB  1 
ATOM   185  C CG  . PHE A 1 30  ? -3.736  2.180   -0.002  1.00 14.84 ? 53  PHE A CG  1 
ATOM   186  C CD1 . PHE A 1 30  ? -2.614  2.751   0.599   1.00 16.33 ? 53  PHE A CD1 1 
ATOM   187  C CD2 . PHE A 1 30  ? -4.914  1.992   0.774   1.00 11.62 ? 53  PHE A CD2 1 
ATOM   188  C CE1 . PHE A 1 30  ? -2.625  3.158   1.958   1.00 14.18 ? 53  PHE A CE1 1 
ATOM   189  C CE2 . PHE A 1 30  ? -4.944  2.409   2.126   1.00 15.42 ? 53  PHE A CE2 1 
ATOM   190  C CZ  . PHE A 1 30  ? -3.793  2.973   2.718   1.00 12.91 ? 53  PHE A CZ  1 
ATOM   191  N N   . ALA A 1 31  ? -3.273  -1.001  0.420   1.00 11.29 ? 54  ALA A N   1 
ATOM   192  C CA  . ALA A 1 31  ? -3.925  -1.817  1.440   1.00 11.67 ? 54  ALA A CA  1 
ATOM   193  C C   . ALA A 1 31  ? -4.271  -1.011  2.694   1.00 12.50 ? 54  ALA A C   1 
ATOM   194  O O   . ALA A 1 31  ? -3.396  -0.443  3.396   1.00 11.38 ? 54  ALA A O   1 
ATOM   195  C CB  . ALA A 1 31  ? -3.036  -3.029  1.800   1.00 11.64 ? 54  ALA A CB  1 
ATOM   196  N N   . ARG A 1 32  ? -5.569  -0.992  3.005   1.00 12.82 ? 55  ARG A N   1 
ATOM   197  C CA  . ARG A 1 32  ? -6.101  -0.125  4.055   1.00 12.19 ? 55  ARG A CA  1 
ATOM   198  C C   . ARG A 1 32  ? -5.860  -0.688  5.472   1.00 14.32 ? 55  ARG A C   1 
ATOM   199  O O   . ARG A 1 32  ? -5.412  -1.835  5.657   1.00 13.87 ? 55  ARG A O   1 
ATOM   200  C CB  . ARG A 1 32  ? -7.619  0.031   3.826   1.00 13.14 ? 55  ARG A CB  1 
ATOM   201  C CG  . ARG A 1 32  ? -8.394  -1.267  4.125   1.00 13.31 ? 55  ARG A CG  1 
ATOM   202  C CD  . ARG A 1 32  ? -9.717  -1.310  3.356   1.00 17.19 ? 55  ARG A CD  1 
ATOM   203  N NE  . ARG A 1 32  ? -10.583 -2.386  3.820   1.00 19.12 ? 55  ARG A NE  1 
ATOM   204  C CZ  . ARG A 1 32  ? -10.501 -3.656  3.422   1.00 18.82 ? 55  ARG A CZ  1 
ATOM   205  N NH1 . ARG A 1 32  ? -9.539  -4.060  2.596   1.00 14.28 ? 55  ARG A NH1 1 
ATOM   206  N NH2 . ARG A 1 32  ? -11.376 -4.543  3.895   1.00 20.50 ? 55  ARG A NH2 1 
ATOM   207  N N   . ALA A 1 33  ? -6.208  0.122   6.463   1.00 13.63 ? 56  ALA A N   1 
ATOM   208  C CA  . ALA A 1 33  ? -6.090  -0.265  7.861   1.00 15.05 ? 56  ALA A CA  1 
ATOM   209  C C   . ALA A 1 33  ? -7.325  -1.062  8.301   1.00 15.21 ? 56  ALA A C   1 
ATOM   210  O O   . ALA A 1 33  ? -8.353  -1.049  7.609   1.00 15.73 ? 56  ALA A O   1 
ATOM   211  C CB  . ALA A 1 33  ? -5.860  0.991   8.736   1.00 13.53 ? 56  ALA A CB  1 
ATOM   212  N N   . SER A 1 34  ? -7.193  -1.789  9.419   1.00 15.37 ? 57  SER A N   1 
ATOM   213  C CA  . SER A 1 34  ? -8.311  -2.466  10.093  1.00 16.67 ? 57  SER A CA  1 
ATOM   214  C C   . SER A 1 34  ? -9.534  -1.575  10.242  1.00 16.98 ? 57  SER A C   1 
ATOM   215  O O   . SER A 1 34  ? -9.430  -0.412  10.725  1.00 16.06 ? 57  SER A O   1 
ATOM   216  C CB  . SER A 1 34  ? -7.932  -2.938  11.504  1.00 15.73 ? 57  SER A CB  1 
ATOM   217  O OG  . SER A 1 34  ? -6.653  -3.567  11.589  1.00 17.42 ? 57  SER A OG  1 
ATOM   218  N N   . THR A 1 35  ? -10.688 -2.120  9.843   1.00 19.27 ? 58  THR A N   1 
ATOM   219  C CA  . THR A 1 35  ? -12.030 -1.460  10.003  1.00 17.82 ? 58  THR A CA  1 
ATOM   220  C C   . THR A 1 35  ? -12.391 -0.464  8.916   1.00 17.28 ? 58  THR A C   1 
ATOM   221  O O   . THR A 1 35  ? -13.559 -0.045  8.823   1.00 16.26 ? 58  THR A O   1 
ATOM   222  C CB  . THR A 1 35  ? -12.309 -0.752  11.411  1.00 18.60 ? 58  THR A CB  1 
ATOM   223  O OG1 . THR A 1 35  ? -11.684 0.557   11.477  1.00 19.32 ? 58  THR A OG1 1 
ATOM   224  C CG2 . THR A 1 35  ? -11.932 -1.646  12.592  1.00 21.40 ? 58  THR A CG2 1 
ATOM   225  N N   . GLU A 1 36  ? -11.411 -0.075  8.099   1.00 14.07 ? 59  GLU A N   1 
ATOM   226  C CA  . GLU A 1 36  ? -11.666 0.839   7.009   1.00 15.19 ? 59  GLU A CA  1 
ATOM   227  C C   . GLU A 1 36  ? -12.521 0.205   5.935   1.00 14.49 ? 59  GLU A C   1 
ATOM   228  O O   . GLU A 1 36  ? -12.317 -0.989  5.609   1.00 15.29 ? 59  GLU A O   1 
ATOM   229  C CB  . GLU A 1 36  ? -10.349 1.359   6.401   1.00 13.73 ? 59  GLU A CB  1 
ATOM   230  C CG  . GLU A 1 36  ? -9.528  2.252   7.350   1.00 15.63 ? 59  GLU A CG  1 
ATOM   231  C CD  . GLU A 1 36  ? -8.616  3.182   6.573   1.00 17.41 ? 59  GLU A CD  1 
ATOM   232  O OE1 . GLU A 1 36  ? -7.695  2.704   5.861   1.00 15.74 ? 59  GLU A OE1 1 
ATOM   233  O OE2 . GLU A 1 36  ? -8.844  4.407   6.660   1.00 18.94 ? 59  GLU A OE2 1 
ATOM   234  N N   . PRO A 1 37  ? -13.469 1.000   5.374   1.00 16.28 ? 60  PRO A N   1 
ATOM   235  C CA  . PRO A 1 37  ? -14.364 0.574   4.279   1.00 17.41 ? 60  PRO A CA  1 
ATOM   236  C C   . PRO A 1 37  ? -13.700 0.417   2.914   1.00 17.01 ? 60  PRO A C   1 
ATOM   237  O O   . PRO A 1 37  ? -12.612 0.950   2.671   1.00 16.87 ? 60  PRO A O   1 
ATOM   238  C CB  . PRO A 1 37  ? -15.442 1.672   4.233   1.00 17.96 ? 60  PRO A CB  1 
ATOM   239  C CG  . PRO A 1 37  ? -14.821 2.868   4.784   1.00 17.91 ? 60  PRO A CG  1 
ATOM   240  C CD  . PRO A 1 37  ? -13.727 2.404   5.773   1.00 16.55 ? 60  PRO A CD  1 
ATOM   241  N N   . GLY A 1 38  ? -14.356 -0.350  2.035   1.00 18.08 ? 61  GLY A N   1 
ATOM   242  C CA  . GLY A 1 38  ? -13.906 -0.501  0.676   1.00 15.91 ? 61  GLY A CA  1 
ATOM   243  C C   . GLY A 1 38  ? -12.603 -1.263  0.584   1.00 15.89 ? 61  GLY A C   1 
ATOM   244  O O   . GLY A 1 38  ? -12.356 -2.157  1.375   1.00 17.28 ? 61  GLY A O   1 
ATOM   245  N N   . ASN A 1 39  ? -11.794 -0.904  -0.401  1.00 15.91 ? 62  ASN A N   1 
ATOM   246  C CA  . ASN A 1 39  ? -10.467 -1.516  -0.627  1.00 16.07 ? 62  ASN A CA  1 
ATOM   247  C C   . ASN A 1 39  ? -9.362  -0.458  -0.525  1.00 15.85 ? 62  ASN A C   1 
ATOM   248  O O   . ASN A 1 39  ? -8.171  -0.785  -0.467  1.00 16.55 ? 62  ASN A O   1 
ATOM   249  C CB  . ASN A 1 39  ? -10.431 -2.418  -1.891  1.00 14.91 ? 62  ASN A CB  1 
ATOM   250  C CG  . ASN A 1 39  ? -10.578 -1.640  -3.201  1.00 16.82 ? 62  ASN A CG  1 
ATOM   251  O OD1 . ASN A 1 39  ? -10.694 -0.422  -3.207  1.00 15.51 ? 62  ASN A OD1 1 
ATOM   252  N ND2 . ASN A 1 39  ? -10.560 -2.358  -4.319  1.00 12.18 ? 62  ASN A ND2 1 
ATOM   253  N N   . MET A 1 40  ? -9.785  0.804   -0.372  1.00 15.52 ? 63  MET A N   1 
ATOM   254  C CA  . MET A 1 40  ? -8.857  1.917   -0.135  1.00 14.69 ? 63  MET A CA  1 
ATOM   255  C C   . MET A 1 40  ? -8.908  2.477   1.287   1.00 14.20 ? 63  MET A C   1 
ATOM   256  O O   . MET A 1 40  ? -7.988  3.178   1.699   1.00 14.56 ? 63  MET A O   1 
ATOM   257  C CB  . MET A 1 40  ? -9.069  3.051   -1.169  1.00 14.83 ? 63  MET A CB  1 
ATOM   258  C CG  . MET A 1 40  ? -8.884  2.510   -2.550  1.00 9.65  ? 63  MET A CG  1 
ATOM   259  S SD  . MET A 1 40  ? -7.159  2.371   -3.110  1.00 13.49 ? 63  MET A SD  1 
ATOM   260  C CE  . MET A 1 40  ? -6.497  3.907   -2.493  1.00 11.04 ? 63  MET A CE  1 
ATOM   261  N N   . GLY A 1 41  ? -9.972  2.182   2.032   1.00 15.04 ? 64  GLY A N   1 
ATOM   262  C CA  . GLY A 1 41  ? -10.187 2.905   3.278   1.00 16.04 ? 64  GLY A CA  1 
ATOM   263  C C   . GLY A 1 41  ? -10.512 4.379   2.995   1.00 16.57 ? 64  GLY A C   1 
ATOM   264  O O   . GLY A 1 41  ? -10.857 4.760   1.854   1.00 18.71 ? 64  GLY A O   1 
ATOM   265  N N   . ILE A 1 42  ? -10.376 5.203   4.013   1.00 16.61 ? 65  ILE A N   1 
ATOM   266  C CA  . ILE A 1 42  ? -10.810 6.604   3.968   1.00 18.86 ? 65  ILE A CA  1 
ATOM   267  C C   . ILE A 1 42  ? -9.807  7.595   4.547   1.00 18.62 ? 65  ILE A C   1 
ATOM   268  O O   . ILE A 1 42  ? -10.138 8.771   4.811   1.00 19.98 ? 65  ILE A O   1 
ATOM   269  C CB  . ILE A 1 42  ? -12.171 6.755   4.715   1.00 20.33 ? 65  ILE A CB  1 
ATOM   270  C CG1 . ILE A 1 42  ? -12.064 6.152   6.130   1.00 22.49 ? 65  ILE A CG1 1 
ATOM   271  C CG2 . ILE A 1 42  ? -13.277 6.143   3.866   1.00 20.14 ? 65  ILE A CG2 1 
ATOM   272  C CD1 . ILE A 1 42  ? -13.188 6.529   7.056   1.00 20.44 ? 65  ILE A CD1 1 
ATOM   273  N N   . SER A 1 43  ? -8.572  7.146   4.753   1.00 17.54 ? 66  SER A N   1 
ATOM   274  C CA  . SER A 1 43  ? -7.559  8.031   5.273   1.00 15.86 ? 66  SER A CA  1 
ATOM   275  C C   . SER A 1 43  ? -6.340  8.056   4.305   1.00 14.93 ? 66  SER A C   1 
ATOM   276  O O   . SER A 1 43  ? -6.409  8.633   3.229   1.00 13.57 ? 66  SER A O   1 
ATOM   277  C CB  . SER A 1 43  ? -7.202  7.618   6.706   1.00 16.28 ? 66  SER A CB  1 
ATOM   278  O OG  . SER A 1 43  ? -6.736  6.271   6.729   1.00 15.04 ? 66  SER A OG  1 
ATOM   279  N N   . ALA A 1 44  ? -5.248  7.409   4.669   1.00 12.07 ? 67  ALA A N   1 
ATOM   280  C CA  . ALA A 1 44  ? -4.018  7.483   3.858   1.00 13.53 ? 67  ALA A CA  1 
ATOM   281  C C   . ALA A 1 44  ? -4.207  7.058   2.368   1.00 13.66 ? 67  ALA A C   1 
ATOM   282  O O   . ALA A 1 44  ? -3.698  7.700   1.414   1.00 13.77 ? 67  ALA A O   1 
ATOM   283  C CB  . ALA A 1 44  ? -2.920  6.627   4.562   1.00 13.74 ? 67  ALA A CB  1 
ATOM   284  N N   . GLY A 1 45  ? -4.974  5.995   2.165   1.00 14.61 ? 68  GLY A N   1 
ATOM   285  C CA  . GLY A 1 45  ? -5.304  5.461   0.831   1.00 14.81 ? 68  GLY A CA  1 
ATOM   286  C C   . GLY A 1 45  ? -5.729  6.523   -0.182  1.00 15.97 ? 68  GLY A C   1 
ATOM   287  O O   . GLY A 1 45  ? -5.037  6.750   -1.181  1.00 16.25 ? 68  GLY A O   1 
ATOM   288  N N   . PRO A 1 46  ? -6.886  7.134   0.030   1.00 17.08 ? 69  PRO A N   1 
ATOM   289  C CA  . PRO A 1 46  ? -7.309  8.202   -0.880  1.00 18.03 ? 69  PRO A CA  1 
ATOM   290  C C   . PRO A 1 46  ? -6.500  9.490   -0.849  1.00 18.04 ? 69  PRO A C   1 
ATOM   291  O O   . PRO A 1 46  ? -6.444  10.182  -1.877  1.00 18.36 ? 69  PRO A O   1 
ATOM   292  C CB  . PRO A 1 46  ? -8.765  8.469   -0.456  1.00 16.03 ? 69  PRO A CB  1 
ATOM   293  C CG  . PRO A 1 46  ? -9.157  7.298   0.235   1.00 19.57 ? 69  PRO A CG  1 
ATOM   294  C CD  . PRO A 1 46  ? -7.934  6.853   1.013   1.00 16.83 ? 69  PRO A CD  1 
ATOM   295  N N   . ILE A 1 47  ? -5.888  9.822   0.294   1.00 19.25 ? 70  ILE A N   1 
ATOM   296  C CA  . ILE A 1 47  ? -5.041  11.007  0.376   1.00 18.78 ? 70  ILE A CA  1 
ATOM   297  C C   . ILE A 1 47  ? -3.881  10.860  -0.581  1.00 18.81 ? 70  ILE A C   1 
ATOM   298  O O   . ILE A 1 47  ? -3.600  11.790  -1.383  1.00 18.51 ? 70  ILE A O   1 
ATOM   299  C CB  . ILE A 1 47  ? -4.502  11.302  1.816   1.00 18.50 ? 70  ILE A CB  1 
ATOM   300  C CG1 . ILE A 1 47  ? -5.638  11.739  2.751   1.00 18.43 ? 70  ILE A CG1 1 
ATOM   301  C CG2 . ILE A 1 47  ? -3.435  12.384  1.736   1.00 18.59 ? 70  ILE A CG2 1 
ATOM   302  C CD1 . ILE A 1 47  ? -5.285  11.766  4.270   1.00 19.40 ? 70  ILE A CD1 1 
ATOM   303  N N   . VAL A 1 48  ? -3.213  9.693   -0.517  1.00 18.83 ? 71  VAL A N   1 
ATOM   304  C CA  . VAL A 1 48  ? -2.169  9.358   -1.472  1.00 18.43 ? 71  VAL A CA  1 
ATOM   305  C C   . VAL A 1 48  ? -2.716  9.264   -2.878  1.00 19.22 ? 71  VAL A C   1 
ATOM   306  O O   . VAL A 1 48  ? -2.088  9.789   -3.794  1.00 20.40 ? 71  VAL A O   1 
ATOM   307  C CB  . VAL A 1 48  ? -1.331  8.099   -1.074  1.00 19.85 ? 71  VAL A CB  1 
ATOM   308  C CG1 . VAL A 1 48  ? -0.316  7.762   -2.185  1.00 19.00 ? 71  VAL A CG1 1 
ATOM   309  C CG2 . VAL A 1 48  ? -0.614  8.322   0.286   1.00 16.75 ? 71  VAL A CG2 1 
ATOM   310  N N   . ALA A 1 49  ? -3.884  8.654   -3.058  1.00 20.09 ? 72  ALA A N   1 
ATOM   311  C CA  . ALA A 1 49  ? -4.548  8.567   -4.399  1.00 21.01 ? 72  ALA A CA  1 
ATOM   312  C C   . ALA A 1 49  ? -4.728  9.935   -5.033  1.00 23.00 ? 72  ALA A C   1 
ATOM   313  O O   . ALA A 1 49  ? -4.311  10.161  -6.179  1.00 24.77 ? 72  ALA A O   1 
ATOM   314  C CB  . ALA A 1 49  ? -5.879  7.906   -4.306  1.00 19.02 ? 72  ALA A CB  1 
ATOM   315  N N   . ASP A 1 50  ? -5.328  10.841  -4.270  1.00 25.38 ? 73  ASP A N   1 
ATOM   316  C CA  . ASP A 1 50  ? -5.547  12.234  -4.711  1.00 27.15 ? 73  ASP A CA  1 
ATOM   317  C C   . ASP A 1 50  ? -4.235  12.948  -5.029  1.00 27.20 ? 73  ASP A C   1 
ATOM   318  O O   . ASP A 1 50  ? -4.099  13.555  -6.095  1.00 27.52 ? 73  ASP A O   1 
ATOM   319  C CB  . ASP A 1 50  ? -6.365  13.006  -3.666  1.00 26.26 ? 73  ASP A CB  1 
ATOM   320  C CG  . ASP A 1 50  ? -7.783  12.435  -3.479  1.00 26.75 ? 73  ASP A CG  1 
ATOM   321  O OD1 . ASP A 1 50  ? -8.309  11.788  -4.402  1.00 31.01 ? 73  ASP A OD1 1 
ATOM   322  O OD2 . ASP A 1 50  ? -8.384  12.637  -2.404  1.00 30.15 ? 73  ASP A OD2 1 
ATOM   323  N N   . ALA A 1 51  ? -3.270  12.832  -4.117  1.00 27.68 ? 74  ALA A N   1 
ATOM   324  C CA  . ALA A 1 51  ? -1.968  13.479  -4.239  1.00 28.58 ? 74  ALA A CA  1 
ATOM   325  C C   . ALA A 1 51  ? -1.218  13.078  -5.502  1.00 28.55 ? 74  ALA A C   1 
ATOM   326  O O   . ALA A 1 51  ? -0.669  13.944  -6.178  1.00 28.02 ? 74  ALA A O   1 
ATOM   327  C CB  . ALA A 1 51  ? -1.112  13.236  -2.988  1.00 28.04 ? 74  ALA A CB  1 
ATOM   328  N N   . LEU A 1 52  ? -1.216  11.771  -5.820  1.00 29.17 ? 75  LEU A N   1 
ATOM   329  C CA  . LEU A 1 52  ? -0.632  11.244  -7.061  1.00 29.25 ? 75  LEU A CA  1 
ATOM   330  C C   . LEU A 1 52  ? -1.399  11.641  -8.332  1.00 29.94 ? 75  LEU A C   1 
ATOM   331  O O   . LEU A 1 52  ? -0.781  11.924  -9.355  1.00 29.18 ? 75  LEU A O   1 
ATOM   332  C CB  . LEU A 1 52  ? -0.481  9.711   -7.016  1.00 27.85 ? 75  LEU A CB  1 
ATOM   333  C CG  . LEU A 1 52  ? 0.502   9.109   -6.009  1.00 23.87 ? 75  LEU A CG  1 
ATOM   334  C CD1 . LEU A 1 52  ? 0.410   7.534   -5.947  1.00 17.79 ? 75  LEU A CD1 1 
ATOM   335  C CD2 . LEU A 1 52  ? 1.937   9.586   -6.293  1.00 25.19 ? 75  LEU A CD2 1 
ATOM   336  N N   . GLU A 1 53  ? -2.727  11.626  -8.267  1.00 31.04 ? 76  GLU A N   1 
ATOM   337  C CA  . GLU A 1 53  ? -3.575  11.943  -9.432  1.00 32.84 ? 76  GLU A CA  1 
ATOM   338  C C   . GLU A 1 53  ? -3.451  13.402  -9.826  1.00 33.48 ? 76  GLU A C   1 
ATOM   339  O O   . GLU A 1 53  ? -3.716  13.756  -10.970 1.00 34.63 ? 76  GLU A O   1 
ATOM   340  C CB  . GLU A 1 53  ? -5.042  11.551  -9.210  1.00 32.20 ? 76  GLU A CB  1 
ATOM   341  C CG  . GLU A 1 53  ? -5.296  10.061  -9.440  1.00 33.70 ? 76  GLU A CG  1 
ATOM   342  C CD  . GLU A 1 53  ? -6.754  9.693   -9.553  1.00 35.97 ? 76  GLU A CD  1 
ATOM   343  O OE1 . GLU A 1 53  ? -7.598  10.425  -8.994  1.00 37.07 ? 76  GLU A OE1 1 
ATOM   344  O OE2 . GLU A 1 53  ? -7.069  8.664   -10.214 1.00 37.01 ? 76  GLU A OE2 1 
ATOM   345  N N   . ARG A 1 54  ? -3.014  14.233  -8.886  1.00 35.04 ? 77  ARG A N   1 
ATOM   346  C CA  . ARG A 1 54  ? -2.798  15.642  -9.154  1.00 37.07 ? 77  ARG A CA  1 
ATOM   347  C C   . ARG A 1 54  ? -1.340  15.946  -9.507  1.00 37.96 ? 77  ARG A C   1 
ATOM   348  O O   . ARG A 1 54  ? -1.023  17.054  -9.964  1.00 38.55 ? 77  ARG A O   1 
ATOM   349  C CB  . ARG A 1 54  ? -3.293  16.500  -7.990  1.00 36.91 ? 77  ARG A CB  1 
ATOM   350  C CG  . ARG A 1 54  ? -2.220  16.983  -7.057  1.00 38.52 ? 77  ARG A CG  1 
ATOM   351  C CD  . ARG A 1 54  ? -2.722  18.172  -6.275  1.00 39.49 ? 77  ARG A CD  1 
ATOM   352  N NE  . ARG A 1 54  ? -3.804  17.793  -5.369  1.00 42.80 ? 77  ARG A NE  1 
ATOM   353  C CZ  . ARG A 1 54  ? -3.627  17.265  -4.158  1.00 39.94 ? 77  ARG A CZ  1 
ATOM   354  N NH1 . ARG A 1 54  ? -4.678  16.955  -3.425  1.00 40.58 ? 77  ARG A NH1 1 
ATOM   355  N NH2 . ARG A 1 54  ? -2.406  17.041  -3.687  1.00 39.90 ? 77  ARG A NH2 1 
ATOM   356  N N   . ILE A 1 55  ? -0.451  14.978  -9.283  1.00 38.14 ? 78  ILE A N   1 
ATOM   357  C CA  . ILE A 1 55  ? 0.898   15.070  -9.837  1.00 37.97 ? 78  ILE A CA  1 
ATOM   358  C C   . ILE A 1 55  ? 0.902   14.652  -11.325 1.00 37.77 ? 78  ILE A C   1 
ATOM   359  O O   . ILE A 1 55  ? 1.545   15.314  -12.131 1.00 38.53 ? 78  ILE A O   1 
ATOM   360  C CB  . ILE A 1 55  ? 1.935   14.294  -8.998  1.00 38.08 ? 78  ILE A CB  1 
ATOM   361  C CG1 . ILE A 1 55  ? 2.115   14.962  -7.634  1.00 37.97 ? 78  ILE A CG1 1 
ATOM   362  C CG2 . ILE A 1 55  ? 3.280   14.179  -9.735  1.00 38.93 ? 78  ILE A CG2 1 
ATOM   363  C CD1 . ILE A 1 55  ? 2.908   14.140  -6.631  1.00 33.77 ? 78  ILE A CD1 1 
ATOM   364  N N   . TYR A 1 56  ? 0.149   13.608  -11.685 1.00 37.36 ? 79  TYR A N   1 
ATOM   365  C CA  . TYR A 1 56  ? 0.231   12.979  -13.024 1.00 36.68 ? 79  TYR A CA  1 
ATOM   366  C C   . TYR A 1 56  ? -1.067  12.944  -13.848 1.00 38.17 ? 79  TYR A C   1 
ATOM   367  O O   . TYR A 1 56  ? -1.064  12.440  -14.980 1.00 38.09 ? 79  TYR A O   1 
ATOM   368  C CB  . TYR A 1 56  ? 0.735   11.524  -12.924 1.00 35.59 ? 79  TYR A CB  1 
ATOM   369  C CG  . TYR A 1 56  ? 2.058   11.318  -12.202 1.00 31.32 ? 79  TYR A CG  1 
ATOM   370  C CD1 . TYR A 1 56  ? 2.081   10.961  -10.842 1.00 26.61 ? 79  TYR A CD1 1 
ATOM   371  C CD2 . TYR A 1 56  ? 3.269   11.427  -12.882 1.00 26.24 ? 79  TYR A CD2 1 
ATOM   372  C CE1 . TYR A 1 56  ? 3.275   10.760  -10.170 1.00 26.16 ? 79  TYR A CE1 1 
ATOM   373  C CE2 . TYR A 1 56  ? 4.490   11.230  -12.222 1.00 27.25 ? 79  TYR A CE2 1 
ATOM   374  C CZ  . TYR A 1 56  ? 4.481   10.902  -10.855 1.00 30.36 ? 79  TYR A CZ  1 
ATOM   375  O OH  . TYR A 1 56  ? 5.657   10.694  -10.180 1.00 28.55 ? 79  TYR A OH  1 
ATOM   376  N N   . GLY A 1 57  ? -2.169  13.447  -13.280 1.00 38.05 ? 80  GLY A N   1 
ATOM   377  C CA  . GLY A 1 57  ? -3.479  13.326  -13.902 1.00 38.04 ? 80  GLY A CA  1 
ATOM   378  C C   . GLY A 1 57  ? -4.169  11.998  -13.644 1.00 38.54 ? 80  GLY A C   1 
ATOM   379  O O   . GLY A 1 57  ? -3.560  10.928  -13.764 1.00 38.63 ? 80  GLY A O   1 
ATOM   380  N N   . ALA A 1 58  ? -5.453  12.063  -13.298 1.00 37.48 ? 81  ALA A N   1 
ATOM   381  C CA  . ALA A 1 58  ? -6.245  10.871  -12.996 1.00 37.04 ? 81  ALA A CA  1 
ATOM   382  C C   . ALA A 1 58  ? -6.219  9.825   -14.110 1.00 35.95 ? 81  ALA A C   1 
ATOM   383  O O   . ALA A 1 58  ? -6.328  8.631   -13.848 1.00 35.02 ? 81  ALA A O   1 
ATOM   384  C CB  . ALA A 1 58  ? -7.702  11.263  -12.638 1.00 36.66 ? 81  ALA A CB  1 
ATOM   385  N N   . ASN A 1 59  ? -6.063  10.289  -15.351 1.00 35.71 ? 82  ASN A N   1 
ATOM   386  C CA  . ASN A 1 59  ? -5.989  9.408   -16.532 1.00 35.01 ? 82  ASN A CA  1 
ATOM   387  C C   . ASN A 1 59  ? -4.710  8.550   -16.610 1.00 33.84 ? 82  ASN A C   1 
ATOM   388  O O   . ASN A 1 59  ? -4.728  7.420   -17.132 1.00 34.39 ? 82  ASN A O   1 
ATOM   389  C CB  . ASN A 1 59  ? -6.176  10.237  -17.827 1.00 35.27 ? 82  ASN A CB  1 
ATOM   390  C CG  . ASN A 1 59  ? -5.125  11.335  -18.003 1.00 34.54 ? 82  ASN A CG  1 
ATOM   391  O OD1 . ASN A 1 59  ? -4.885  12.150  -17.114 1.00 38.99 ? 82  ASN A OD1 1 
ATOM   392  N ND2 . ASN A 1 59  ? -4.519  11.376  -19.180 1.00 38.16 ? 82  ASN A ND2 1 
ATOM   393  N N   . ASP A 1 60  ? -3.624  9.097   -16.061 1.00 32.43 ? 83  ASP A N   1 
ATOM   394  C CA  . ASP A 1 60  ? -2.289  8.506   -16.132 1.00 30.80 ? 83  ASP A CA  1 
ATOM   395  C C   . ASP A 1 60  ? -1.869  7.787   -14.799 1.00 28.88 ? 83  ASP A C   1 
ATOM   396  O O   . ASP A 1 60  ? -0.682  7.525   -14.567 1.00 26.04 ? 83  ASP A O   1 
ATOM   397  C CB  . ASP A 1 60  ? -1.296  9.608   -16.497 1.00 31.62 ? 83  ASP A CB  1 
ATOM   398  C CG  . ASP A 1 60  ? -0.191  9.135   -17.449 1.00 34.28 ? 83  ASP A CG  1 
ATOM   399  O OD1 . ASP A 1 60  ? -0.366  8.127   -18.190 1.00 34.45 ? 83  ASP A OD1 1 
ATOM   400  O OD2 . ASP A 1 60  ? 0.881   9.796   -17.447 1.00 38.07 ? 83  ASP A OD2 1 
ATOM   401  N N   . VAL A 1 61  ? -2.860  7.487   -13.955 1.00 26.47 ? 84  VAL A N   1 
ATOM   402  C CA  . VAL A 1 61  ? -2.682  6.720   -12.718 1.00 27.05 ? 84  VAL A CA  1 
ATOM   403  C C   . VAL A 1 61  ? -3.853  5.759   -12.606 1.00 26.41 ? 84  VAL A C   1 
ATOM   404  O O   . VAL A 1 61  ? -4.990  6.189   -12.731 1.00 28.11 ? 84  VAL A O   1 
ATOM   405  C CB  . VAL A 1 61  ? -2.646  7.641   -11.451 1.00 27.43 ? 84  VAL A CB  1 
ATOM   406  C CG1 . VAL A 1 61  ? -2.414  6.816   -10.160 1.00 28.63 ? 84  VAL A CG1 1 
ATOM   407  C CG2 . VAL A 1 61  ? -1.585  8.726   -11.589 1.00 27.59 ? 84  VAL A CG2 1 
ATOM   408  N N   . TRP A 1 62  ? -3.595  4.459   -12.435 1.00 24.59 ? 85  TRP A N   1 
ATOM   409  C CA  . TRP A 1 62  ? -4.643  3.517   -12.039 1.00 23.65 ? 85  TRP A CA  1 
ATOM   410  C C   . TRP A 1 62  ? -4.543  3.352   -10.530 1.00 23.84 ? 85  TRP A C   1 
ATOM   411  O O   . TRP A 1 62  ? -3.453  3.104   -10.002 1.00 24.64 ? 85  TRP A O   1 
ATOM   412  C CB  . TRP A 1 62  ? -4.507  2.141   -12.713 1.00 23.57 ? 85  TRP A CB  1 
ATOM   413  C CG  . TRP A 1 62  ? -4.945  2.048   -14.181 1.00 21.70 ? 85  TRP A CG  1 
ATOM   414  C CD1 . TRP A 1 62  ? -5.563  3.012   -14.926 1.00 20.91 ? 85  TRP A CD1 1 
ATOM   415  C CD2 . TRP A 1 62  ? -4.835  0.897   -15.028 1.00 19.54 ? 85  TRP A CD2 1 
ATOM   416  N NE1 . TRP A 1 62  ? -5.842  2.542   -16.201 1.00 19.66 ? 85  TRP A NE1 1 
ATOM   417  C CE2 . TRP A 1 62  ? -5.405  1.244   -16.288 1.00 21.94 ? 85  TRP A CE2 1 
ATOM   418  C CE3 . TRP A 1 62  ? -4.283  -0.382  -14.863 1.00 18.79 ? 85  TRP A CE3 1 
ATOM   419  C CZ2 . TRP A 1 62  ? -5.422  0.357   -17.370 1.00 21.65 ? 85  TRP A CZ2 1 
ATOM   420  C CZ3 . TRP A 1 62  ? -4.320  -1.280  -15.945 1.00 20.24 ? 85  TRP A CZ3 1 
ATOM   421  C CH2 . TRP A 1 62  ? -4.869  -0.895  -17.179 1.00 22.36 ? 85  TRP A CH2 1 
ATOM   422  N N   . VAL A 1 63  ? -5.672  3.530   -9.845  1.00 22.70 ? 86  VAL A N   1 
ATOM   423  C CA  . VAL A 1 63  ? -5.722  3.410   -8.394  1.00 21.04 ? 86  VAL A CA  1 
ATOM   424  C C   . VAL A 1 63  ? -6.450  2.120   -8.072  1.00 19.87 ? 86  VAL A C   1 
ATOM   425  O O   . VAL A 1 63  ? -7.591  1.915   -8.514  1.00 20.84 ? 86  VAL A O   1 
ATOM   426  C CB  . VAL A 1 63  ? -6.424  4.639   -7.700  1.00 20.84 ? 86  VAL A CB  1 
ATOM   427  C CG1 . VAL A 1 63  ? -6.463  4.471   -6.159  1.00 18.46 ? 86  VAL A CG1 1 
ATOM   428  C CG2 . VAL A 1 63  ? -5.729  5.939   -8.058  1.00 17.05 ? 86  VAL A CG2 1 
ATOM   429  N N   . GLN A 1 64  ? -5.784  1.252   -7.305  1.00 17.46 ? 87  GLN A N   1 
ATOM   430  C CA  . GLN A 1 64  ? -6.312  -0.053  -6.982  1.00 16.46 ? 87  GLN A CA  1 
ATOM   431  C C   . GLN A 1 64  ? -6.205  -0.338  -5.474  1.00 15.79 ? 87  GLN A C   1 
ATOM   432  O O   . GLN A 1 64  ? -5.135  -0.261  -4.914  1.00 14.70 ? 87  GLN A O   1 
ATOM   433  C CB  . GLN A 1 64  ? -5.588  -1.131  -7.813  1.00 15.87 ? 87  GLN A CB  1 
ATOM   434  C CG  . GLN A 1 64  ? -6.056  -2.537  -7.580  1.00 14.81 ? 87  GLN A CG  1 
ATOM   435  C CD  . GLN A 1 64  ? -7.503  -2.767  -8.042  1.00 17.76 ? 87  GLN A CD  1 
ATOM   436  O OE1 . GLN A 1 64  ? -7.840  -2.536  -9.202  1.00 16.51 ? 87  GLN A OE1 1 
ATOM   437  N NE2 . GLN A 1 64  ? -8.332  -3.274  -7.161  1.00 12.32 ? 87  GLN A NE2 1 
ATOM   438  N N   . GLY A 1 65  ? -7.334  -0.623  -4.828  1.00 13.79 ? 88  GLY A N   1 
ATOM   439  C CA  . GLY A 1 65  ? -7.308  -1.222  -3.511  1.00 12.64 ? 88  GLY A CA  1 
ATOM   440  C C   . GLY A 1 65  ? -7.145  -2.740  -3.453  1.00 13.52 ? 88  GLY A C   1 
ATOM   441  O O   . GLY A 1 65  ? -7.438  -3.491  -4.419  1.00 12.60 ? 88  GLY A O   1 
ATOM   442  N N   . VAL A 1 66  ? -6.628  -3.204  -2.318  1.00 12.45 ? 89  VAL A N   1 
ATOM   443  C CA  . VAL A 1 66  ? -6.504  -4.619  -2.035  1.00 9.67  ? 89  VAL A CA  1 
ATOM   444  C C   . VAL A 1 66  ? -7.790  -4.953  -1.278  1.00 11.78 ? 89  VAL A C   1 
ATOM   445  O O   . VAL A 1 66  ? -7.887  -4.677  -0.112  1.00 12.33 ? 89  VAL A O   1 
ATOM   446  C CB  . VAL A 1 66  ? -5.286  -4.953  -1.166  1.00 9.61  ? 89  VAL A CB  1 
ATOM   447  C CG1 . VAL A 1 66  ? -5.233  -6.460  -0.871  1.00 10.51 ? 89  VAL A CG1 1 
ATOM   448  C CG2 . VAL A 1 66  ? -3.941  -4.520  -1.877  1.00 8.34  ? 89  VAL A CG2 1 
ATOM   449  N N   . GLY A 1 67  ? -8.786  -5.476  -1.988  1.00 14.48 ? 90  GLY A N   1 
ATOM   450  C CA  . GLY A 1 67  ? -10.069 -5.846  -1.393  1.00 16.60 ? 90  GLY A CA  1 
ATOM   451  C C   . GLY A 1 67  ? -10.220 -7.344  -1.437  1.00 19.07 ? 90  GLY A C   1 
ATOM   452  O O   . GLY A 1 67  ? -9.298  -8.089  -1.077  1.00 18.06 ? 90  GLY A O   1 
ATOM   453  N N   . GLY A 1 68  ? -11.396 -7.782  -1.897  1.00 22.93 ? 91  GLY A N   1 
ATOM   454  C CA  . GLY A 1 68  ? -11.772 -9.197  -1.943  1.00 23.35 ? 91  GLY A CA  1 
ATOM   455  C C   . GLY A 1 68  ? -11.532 -9.785  -0.567  1.00 24.67 ? 91  GLY A C   1 
ATOM   456  O O   . GLY A 1 68  ? -12.046 -9.254  0.424   1.00 25.29 ? 91  GLY A O   1 
ATOM   457  N N   . PRO A 1 69  ? -10.651 -10.813 -0.487  1.00 24.47 ? 92  PRO A N   1 
ATOM   458  C CA  . PRO A 1 69  ? -10.419 -11.544 0.751   1.00 24.27 ? 92  PRO A CA  1 
ATOM   459  C C   . PRO A 1 69  ? -9.642  -10.783 1.849   1.00 22.89 ? 92  PRO A C   1 
ATOM   460  O O   . PRO A 1 69  ? -9.669  -11.214 3.013   1.00 22.09 ? 92  PRO A O   1 
ATOM   461  C CB  . PRO A 1 69  ? -9.668  -12.819 0.291   1.00 24.20 ? 92  PRO A CB  1 
ATOM   462  C CG  . PRO A 1 69  ? -9.570  -12.744 -1.195  1.00 25.58 ? 92  PRO A CG  1 
ATOM   463  C CD  . PRO A 1 69  ? -9.779  -11.307 -1.573  1.00 24.46 ? 92  PRO A CD  1 
ATOM   464  N N   . TYR A 1 70  ? -8.973  -9.679  1.514   1.00 20.35 ? 93  TYR A N   1 
ATOM   465  C CA  . TYR A 1 70  ? -8.500  -8.767  2.595   1.00 18.86 ? 93  TYR A CA  1 
ATOM   466  C C   . TYR A 1 70  ? -9.674  -8.057  3.304   1.00 17.83 ? 93  TYR A C   1 
ATOM   467  O O   . TYR A 1 70  ? -10.100 -6.989  2.869   1.00 17.01 ? 93  TYR A O   1 
ATOM   468  C CB  . TYR A 1 70  ? -7.485  -7.723  2.094   1.00 17.58 ? 93  TYR A CB  1 
ATOM   469  C CG  . TYR A 1 70  ? -6.934  -6.819  3.192   1.00 16.33 ? 93  TYR A CG  1 
ATOM   470  C CD1 . TYR A 1 70  ? -6.665  -7.329  4.477   1.00 12.90 ? 93  TYR A CD1 1 
ATOM   471  C CD2 . TYR A 1 70  ? -6.666  -5.479  2.947   1.00 12.66 ? 93  TYR A CD2 1 
ATOM   472  C CE1 . TYR A 1 70  ? -6.166  -6.523  5.492   1.00 14.16 ? 93  TYR A CE1 1 
ATOM   473  C CE2 . TYR A 1 70  ? -6.176  -4.658  3.952   1.00 9.67  ? 93  TYR A CE2 1 
ATOM   474  C CZ  . TYR A 1 70  ? -5.930  -5.193  5.232   1.00 13.96 ? 93  TYR A CZ  1 
ATOM   475  O OH  . TYR A 1 70  ? -5.397  -4.394  6.252   1.00 15.77 ? 93  TYR A OH  1 
ATOM   476  N N   . LEU A 1 71  ? -10.155 -8.647  4.403   1.00 16.70 ? 94  LEU A N   1 
ATOM   477  C CA  . LEU A 1 71  ? -11.311 -8.127  5.127   1.00 18.41 ? 94  LEU A CA  1 
ATOM   478  C C   . LEU A 1 71  ? -10.959 -6.990  6.101   1.00 18.01 ? 94  LEU A C   1 
ATOM   479  O O   . LEU A 1 71  ? -11.858 -6.301  6.571   1.00 18.54 ? 94  LEU A O   1 
ATOM   480  C CB  . LEU A 1 71  ? -12.025 -9.237  5.908   1.00 18.89 ? 94  LEU A CB  1 
ATOM   481  C CG  . LEU A 1 71  ? -12.513 -10.433 5.092   1.00 22.50 ? 94  LEU A CG  1 
ATOM   482  C CD1 . LEU A 1 71  ? -12.877 -11.541 6.109   1.00 27.18 ? 94  LEU A CD1 1 
ATOM   483  C CD2 . LEU A 1 71  ? -13.690 -10.042 4.157   1.00 24.98 ? 94  LEU A CD2 1 
ATOM   484  N N   . ALA A 1 72  ? -9.667  -6.780  6.356   1.00 15.69 ? 95  ALA A N   1 
ATOM   485  C CA  . ALA A 1 72  ? -9.181  -5.767  7.340   1.00 17.93 ? 95  ALA A CA  1 
ATOM   486  C C   . ALA A 1 72  ? -9.834  -5.874  8.755   1.00 18.19 ? 95  ALA A C   1 
ATOM   487  O O   . ALA A 1 72  ? -10.232 -4.864  9.363   1.00 18.85 ? 95  ALA A O   1 
ATOM   488  C CB  . ALA A 1 72  ? -9.214  -4.296  6.779   1.00 15.82 ? 95  ALA A CB  1 
ATOM   489  N N   . ASP A 1 73  ? -9.879  -7.104  9.269   1.00 17.94 ? 96  ASP A N   1 
ATOM   490  C CA  . ASP A 1 73  ? -10.421 -7.380  10.609  1.00 20.65 ? 96  ASP A CA  1 
ATOM   491  C C   . ASP A 1 73  ? -9.357  -7.224  11.700  1.00 21.99 ? 96  ASP A C   1 
ATOM   492  O O   . ASP A 1 73  ? -8.134  -7.269  11.410  1.00 21.18 ? 96  ASP A O   1 
ATOM   493  C CB  . ASP A 1 73  ? -11.141 -8.744  10.676  1.00 22.49 ? 96  ASP A CB  1 
ATOM   494  C CG  . ASP A 1 73  ? -10.294 -9.903  10.148  1.00 23.74 ? 96  ASP A CG  1 
ATOM   495  O OD1 . ASP A 1 73  ? -9.159  -10.098 10.579  1.00 26.88 ? 96  ASP A OD1 1 
ATOM   496  O OD2 . ASP A 1 73  ? -10.792 -10.627 9.279   1.00 29.86 ? 96  ASP A OD2 1 
ATOM   497  N N   . LEU A 1 74  ? -9.816  -7.044  12.944  1.00 21.09 ? 97  LEU A N   1 
ATOM   498  C CA  . LEU A 1 74  ? -8.916  -6.829  14.062  1.00 22.33 ? 97  LEU A CA  1 
ATOM   499  C C   . LEU A 1 74  ? -8.065  -8.059  14.383  1.00 20.30 ? 97  LEU A C   1 
ATOM   500  O O   . LEU A 1 74  ? -6.838  -7.948  14.507  1.00 21.34 ? 97  LEU A O   1 
ATOM   501  C CB  . LEU A 1 74  ? -9.633  -6.293  15.312  1.00 23.05 ? 97  LEU A CB  1 
ATOM   502  C CG  . LEU A 1 74  ? -8.730  -6.082  16.562  1.00 26.74 ? 97  LEU A CG  1 
ATOM   503  C CD1 . LEU A 1 74  ? -7.814  -4.865  16.455  1.00 31.85 ? 97  LEU A CD1 1 
ATOM   504  C CD2 . LEU A 1 74  ? -9.489  -6.025  17.923  1.00 24.28 ? 97  LEU A CD2 1 
ATOM   505  N N   . ALA A 1 75  ? -8.688  -9.236  14.450  1.00 20.76 ? 98  ALA A N   1 
ATOM   506  C CA  . ALA A 1 75  ? -7.953  -10.452 14.842  1.00 18.56 ? 98  ALA A CA  1 
ATOM   507  C C   . ALA A 1 75  ? -6.691  -10.730 14.003  1.00 18.83 ? 98  ALA A C   1 
ATOM   508  O O   . ALA A 1 75  ? -5.672  -11.175 14.558  1.00 18.82 ? 98  ALA A O   1 
ATOM   509  C CB  . ALA A 1 75  ? -8.847  -11.660 14.894  1.00 19.56 ? 98  ALA A CB  1 
ATOM   510  N N   . SER A 1 76  ? -6.734  -10.462 12.690  1.00 17.74 ? 99  SER A N   1 
ATOM   511  C CA  . SER A 1 76  ? -5.569  -10.790 11.845  1.00 18.19 ? 99  SER A CA  1 
ATOM   512  C C   . SER A 1 76  ? -4.273  -10.082 12.178  1.00 17.81 ? 99  SER A C   1 
ATOM   513  O O   . SER A 1 76  ? -3.203  -10.588 11.849  1.00 19.09 ? 99  SER A O   1 
ATOM   514  C CB  . SER A 1 76  ? -5.890  -10.692 10.360  1.00 18.46 ? 99  SER A CB  1 
ATOM   515  O OG  . SER A 1 76  ? -6.976  -11.500 10.059  1.00 17.45 ? 99  SER A OG  1 
ATOM   516  N N   . ASN A 1 77  ? -4.347  -8.914  12.822  1.00 18.13 ? 100 ASN A N   1 
ATOM   517  C CA  . ASN A 1 77  ? -3.156  -8.200  13.242  1.00 18.08 ? 100 ASN A CA  1 
ATOM   518  C C   . ASN A 1 77  ? -2.248  -9.001  14.130  1.00 19.40 ? 100 ASN A C   1 
ATOM   519  O O   . ASN A 1 77  ? -1.051  -8.739  14.172  1.00 19.74 ? 100 ASN A O   1 
ATOM   520  C CB  . ASN A 1 77  ? -3.531  -6.896  13.965  1.00 17.64 ? 100 ASN A CB  1 
ATOM   521  C CG  . ASN A 1 77  ? -4.176  -5.887  13.032  1.00 16.26 ? 100 ASN A CG  1 
ATOM   522  O OD1 . ASN A 1 77  ? -3.502  -5.333  12.158  1.00 13.41 ? 100 ASN A OD1 1 
ATOM   523  N ND2 . ASN A 1 77  ? -5.484  -5.670  13.193  1.00 11.35 ? 100 ASN A ND2 1 
ATOM   524  N N   . PHE A 1 78  ? -2.835  -9.942  14.867  1.00 21.86 ? 101 PHE A N   1 
ATOM   525  C CA  . PHE A 1 78  ? -2.121  -10.696 15.895  1.00 22.57 ? 101 PHE A CA  1 
ATOM   526  C C   . PHE A 1 78  ? -1.403  -11.933 15.374  1.00 23.47 ? 101 PHE A C   1 
ATOM   527  O O   . PHE A 1 78  ? -0.454  -12.424 16.020  1.00 24.40 ? 101 PHE A O   1 
ATOM   528  C CB  . PHE A 1 78  ? -3.054  -11.014 17.077  1.00 21.91 ? 101 PHE A CB  1 
ATOM   529  C CG  . PHE A 1 78  ? -3.623  -9.785  17.711  1.00 20.85 ? 101 PHE A CG  1 
ATOM   530  C CD1 . PHE A 1 78  ? -2.791  -8.868  18.340  1.00 20.66 ? 101 PHE A CD1 1 
ATOM   531  C CD2 . PHE A 1 78  ? -4.983  -9.522  17.644  1.00 21.21 ? 101 PHE A CD2 1 
ATOM   532  C CE1 . PHE A 1 78  ? -3.324  -7.709  18.915  1.00 21.68 ? 101 PHE A CE1 1 
ATOM   533  C CE2 . PHE A 1 78  ? -5.519  -8.358  18.232  1.00 25.52 ? 101 PHE A CE2 1 
ATOM   534  C CZ  . PHE A 1 78  ? -4.692  -7.458  18.838  1.00 17.05 ? 101 PHE A CZ  1 
ATOM   535  N N   . LEU A 1 79  ? -1.819  -12.407 14.196  1.00 23.79 ? 102 LEU A N   1 
ATOM   536  C CA  . LEU A 1 79  ? -1.140  -13.521 13.526  1.00 22.70 ? 102 LEU A CA  1 
ATOM   537  C C   . LEU A 1 79  ? 0.305   -13.130 13.248  1.00 23.53 ? 102 LEU A C   1 
ATOM   538  O O   . LEU A 1 79  ? 0.633   -11.914 13.147  1.00 24.17 ? 102 LEU A O   1 
ATOM   539  C CB  . LEU A 1 79  ? -1.870  -13.935 12.226  1.00 23.11 ? 102 LEU A CB  1 
ATOM   540  C CG  . LEU A 1 79  ? -3.314  -14.439 12.280  1.00 22.46 ? 102 LEU A CG  1 
ATOM   541  C CD1 . LEU A 1 79  ? -3.973  -14.460 10.893  1.00 17.78 ? 102 LEU A CD1 1 
ATOM   542  C CD2 . LEU A 1 79  ? -3.427  -15.804 12.962  1.00 23.94 ? 102 LEU A CD2 1 
ATOM   543  N N   . PRO A 1 80  ? 1.195   -14.136 13.146  1.00 23.05 ? 103 PRO A N   1 
ATOM   544  C CA  . PRO A 1 80  ? 2.655   -13.946 12.972  1.00 22.23 ? 103 PRO A CA  1 
ATOM   545  C C   . PRO A 1 80  ? 3.012   -12.928 11.889  1.00 20.38 ? 103 PRO A C   1 
ATOM   546  O O   . PRO A 1 80  ? 3.829   -12.044 12.125  1.00 21.39 ? 103 PRO A O   1 
ATOM   547  C CB  . PRO A 1 80  ? 3.136   -15.344 12.582  1.00 21.03 ? 103 PRO A CB  1 
ATOM   548  C CG  . PRO A 1 80  ? 2.214   -16.232 13.280  1.00 23.50 ? 103 PRO A CG  1 
ATOM   549  C CD  . PRO A 1 80  ? 0.848   -15.574 13.165  1.00 23.70 ? 103 PRO A CD  1 
ATOM   550  N N   . ASP A 1 81  ? 2.341   -13.003 10.748  1.00 20.48 ? 104 ASP A N   1 
ATOM   551  C CA  . ASP A 1 81  ? 2.603   -12.079 9.653   1.00 20.52 ? 104 ASP A CA  1 
ATOM   552  C C   . ASP A 1 81  ? 1.959   -10.662 9.844   1.00 20.09 ? 104 ASP A C   1 
ATOM   553  O O   . ASP A 1 81  ? 2.263   -9.729  9.078   1.00 17.87 ? 104 ASP A O   1 
ATOM   554  C CB  . ASP A 1 81  ? 2.162   -12.699 8.321   1.00 21.26 ? 104 ASP A CB  1 
ATOM   555  C CG  . ASP A 1 81  ? 3.019   -13.903 7.888   1.00 26.05 ? 104 ASP A CG  1 
ATOM   556  O OD1 . ASP A 1 81  ? 4.193   -14.038 8.284   1.00 30.54 ? 104 ASP A OD1 1 
ATOM   557  O OD2 . ASP A 1 81  ? 2.508   -14.709 7.089   1.00 30.72 ? 104 ASP A OD2 1 
ATOM   558  N N   . GLY A 1 82  ? 1.082   -10.516 10.844  1.00 18.81 ? 105 GLY A N   1 
ATOM   559  C CA  . GLY A 1 82  ? 0.391   -9.244  11.113  1.00 16.69 ? 105 GLY A CA  1 
ATOM   560  C C   . GLY A 1 82  ? -0.849  -9.002  10.250  1.00 16.15 ? 105 GLY A C   1 
ATOM   561  O O   . GLY A 1 82  ? -1.437  -7.906  10.258  1.00 16.39 ? 105 GLY A O   1 
ATOM   562  N N   . THR A 1 83  ? -1.240  -10.018 9.492   1.00 15.73 ? 106 THR A N   1 
ATOM   563  C CA  . THR A 1 83  ? -2.427  -9.963  8.684   1.00 15.88 ? 106 THR A CA  1 
ATOM   564  C C   . THR A 1 83  ? -2.633  -11.390 8.224   1.00 17.38 ? 106 THR A C   1 
ATOM   565  O O   . THR A 1 83  ? -1.866  -12.284 8.622   1.00 16.66 ? 106 THR A O   1 
ATOM   566  C CB  . THR A 1 83  ? -2.280  -8.976  7.465   1.00 16.97 ? 106 THR A CB  1 
ATOM   567  O OG1 . THR A 1 83  ? -3.530  -8.877  6.768   1.00 14.61 ? 106 THR A OG1 1 
ATOM   568  C CG2 . THR A 1 83  ? -1.158  -9.434  6.497   1.00 16.42 ? 106 THR A CG2 1 
ATOM   569  N N   . SER A 1 84  ? -3.648  -11.601 7.405   1.00 16.15 ? 107 SER A N   1 
ATOM   570  C CA  . SER A 1 84  ? -4.014  -12.933 6.957   1.00 20.00 ? 107 SER A CA  1 
ATOM   571  C C   . SER A 1 84  ? -3.217  -13.385 5.719   1.00 20.10 ? 107 SER A C   1 
ATOM   572  O O   . SER A 1 84  ? -2.788  -12.547 4.917   1.00 19.60 ? 107 SER A O   1 
ATOM   573  C CB  . SER A 1 84  ? -5.531  -13.022 6.713   1.00 21.03 ? 107 SER A CB  1 
ATOM   574  O OG  . SER A 1 84  ? -6.004  -12.269 5.588   1.00 19.79 ? 107 SER A OG  1 
ATOM   575  N N   . SER A 1 85  ? -3.034  -14.702 5.555   1.00 20.57 ? 108 SER A N   1 
ATOM   576  C CA  . SER A 1 85  ? -2.490  -15.240 4.299   1.00 20.24 ? 108 SER A CA  1 
ATOM   577  C C   . SER A 1 85  ? -3.387  -14.877 3.122   1.00 19.03 ? 108 SER A C   1 
ATOM   578  O O   . SER A 1 85  ? -2.869  -14.586 2.039   1.00 17.95 ? 108 SER A O   1 
ATOM   579  C CB  . SER A 1 85  ? -2.327  -16.762 4.338   1.00 21.73 ? 108 SER A CB  1 
ATOM   580  O OG  . SER A 1 85  ? -3.593  -17.366 4.544   1.00 25.92 ? 108 SER A OG  1 
ATOM   581  N N   . ALA A 1 86  ? -4.717  -14.879 3.334   1.00 15.96 ? 109 ALA A N   1 
ATOM   582  C CA  . ALA A 1 86  ? -5.663  -14.575 2.262   1.00 16.31 ? 109 ALA A CA  1 
ATOM   583  C C   . ALA A 1 86  ? -5.434  -13.156 1.677   1.00 15.58 ? 109 ALA A C   1 
ATOM   584  O O   . ALA A 1 86  ? -5.405  -12.967 0.450   1.00 17.53 ? 109 ALA A O   1 
ATOM   585  C CB  . ALA A 1 86  ? -7.115  -14.735 2.779   1.00 17.79 ? 109 ALA A CB  1 
ATOM   586  N N   . ALA A 1 87  ? -5.259  -12.177 2.574   1.00 13.80 ? 110 ALA A N   1 
ATOM   587  C CA  . ALA A 1 87  ? -5.005  -10.789 2.210   1.00 12.13 ? 110 ALA A CA  1 
ATOM   588  C C   . ALA A 1 87  ? -3.662  -10.694 1.443   1.00 12.15 ? 110 ALA A C   1 
ATOM   589  O O   . ALA A 1 87  ? -3.591  -10.055 0.393   1.00 10.10 ? 110 ALA A O   1 
ATOM   590  C CB  . ALA A 1 87  ? -4.954  -9.917  3.518   1.00 11.15 ? 110 ALA A CB  1 
ATOM   591  N N   . ILE A 1 88  ? -2.615  -11.332 1.977   1.00 12.48 ? 111 ILE A N   1 
ATOM   592  C CA  . ILE A 1 88  ? -1.273  -11.327 1.335   1.00 13.57 ? 111 ILE A CA  1 
ATOM   593  C C   . ILE A 1 88  ? -1.352  -11.849 -0.115  1.00 15.45 ? 111 ILE A C   1 
ATOM   594  O O   . ILE A 1 88  ? -0.831  -11.213 -1.059  1.00 14.01 ? 111 ILE A O   1 
ATOM   595  C CB  . ILE A 1 88  ? -0.243  -12.113 2.201   1.00 14.78 ? 111 ILE A CB  1 
ATOM   596  C CG1 . ILE A 1 88  ? 0.131   -11.278 3.453   1.00 13.62 ? 111 ILE A CG1 1 
ATOM   597  C CG2 . ILE A 1 88  ? 1.032   -12.551 1.399   1.00 10.52 ? 111 ILE A CG2 1 
ATOM   598  C CD1 . ILE A 1 88  ? 0.795   -12.111 4.550   1.00 11.11 ? 111 ILE A CD1 1 
ATOM   599  N N   . ASN A 1 89  ? -2.043  -12.985 -0.278  1.00 17.10 ? 112 ASN A N   1 
ATOM   600  C CA  . ASN A 1 89  ? -2.264  -13.615 -1.577  1.00 19.59 ? 112 ASN A CA  1 
ATOM   601  C C   . ASN A 1 89  ? -3.077  -12.809 -2.558  1.00 19.62 ? 112 ASN A C   1 
ATOM   602  O O   . ASN A 1 89  ? -2.778  -12.850 -3.763  1.00 21.69 ? 112 ASN A O   1 
ATOM   603  C CB  . ASN A 1 89  ? -2.854  -15.016 -1.405  1.00 21.38 ? 112 ASN A CB  1 
ATOM   604  C CG  . ASN A 1 89  ? -1.860  -15.969 -0.778  1.00 25.02 ? 112 ASN A CG  1 
ATOM   605  O OD1 . ASN A 1 89  ? -0.650  -15.837 -0.995  1.00 32.27 ? 112 ASN A OD1 1 
ATOM   606  N ND2 . ASN A 1 89  ? -2.349  -16.926 0.019   1.00 30.49 ? 112 ASN A ND2 1 
ATOM   607  N N   . GLU A 1 90  ? -4.047  -12.036 -2.055  1.00 18.12 ? 113 GLU A N   1 
ATOM   608  C CA  . GLU A 1 90  ? -4.798  -11.120 -2.889  1.00 18.56 ? 113 GLU A CA  1 
ATOM   609  C C   . GLU A 1 90  ? -3.894  -9.982  -3.373  1.00 17.99 ? 113 GLU A C   1 
ATOM   610  O O   . GLU A 1 90  ? -3.945  -9.600  -4.546  1.00 17.43 ? 113 GLU A O   1 
ATOM   611  C CB  . GLU A 1 90  ? -6.053  -10.580 -2.165  1.00 17.81 ? 113 GLU A CB  1 
ATOM   612  C CG  . GLU A 1 90  ? -6.814  -9.463  -2.936  1.00 17.37 ? 113 GLU A CG  1 
ATOM   613  C CD  . GLU A 1 90  ? -7.490  -9.955  -4.214  1.00 20.34 ? 113 GLU A CD  1 
ATOM   614  O OE1 . GLU A 1 90  ? -7.330  -11.152 -4.531  1.00 18.61 ? 113 GLU A OE1 1 
ATOM   615  O OE2 . GLU A 1 90  ? -8.177  -9.137  -4.891  1.00 20.09 ? 113 GLU A OE2 1 
ATOM   616  N N   . ALA A 1 91  ? -3.100  -9.409  -2.468  1.00 16.36 ? 114 ALA A N   1 
ATOM   617  C CA  . ALA A 1 91  ? -2.139  -8.378  -2.876  1.00 16.49 ? 114 ALA A CA  1 
ATOM   618  C C   . ALA A 1 91  ? -1.120  -8.935  -3.894  1.00 16.25 ? 114 ALA A C   1 
ATOM   619  O O   . ALA A 1 91  ? -0.847  -8.290  -4.921  1.00 13.56 ? 114 ALA A O   1 
ATOM   620  C CB  . ALA A 1 91  ? -1.464  -7.692  -1.657  1.00 12.18 ? 114 ALA A CB  1 
ATOM   621  N N   . ARG A 1 92  ? -0.597  -10.145 -3.654  1.00 16.48 ? 115 ARG A N   1 
ATOM   622  C CA  . ARG A 1 92  ? 0.283   -10.781 -4.660  1.00 18.07 ? 115 ARG A CA  1 
ATOM   623  C C   . ARG A 1 92  ? -0.404  -10.818 -6.026  1.00 15.97 ? 115 ARG A C   1 
ATOM   624  O O   . ARG A 1 92  ? 0.194   -10.480 -7.051  1.00 15.39 ? 115 ARG A O   1 
ATOM   625  C CB  . ARG A 1 92  ? 0.683   -12.207 -4.274  1.00 15.94 ? 115 ARG A CB  1 
ATOM   626  C CG  . ARG A 1 92  ? 1.568   -12.300 -3.046  1.00 24.86 ? 115 ARG A CG  1 
ATOM   627  C CD  . ARG A 1 92  ? 2.468   -13.565 -3.101  1.00 31.40 ? 115 ARG A CD  1 
ATOM   628  N NE  . ARG A 1 92  ? 3.571   -13.461 -2.146  1.00 36.57 ? 115 ARG A NE  1 
ATOM   629  C CZ  . ARG A 1 92  ? 3.781   -14.282 -1.111  1.00 39.18 ? 115 ARG A CZ  1 
ATOM   630  N NH1 . ARG A 1 92  ? 2.970   -15.318 -0.890  1.00 42.64 ? 115 ARG A NH1 1 
ATOM   631  N NH2 . ARG A 1 92  ? 4.815   -14.074 -0.299  1.00 35.03 ? 115 ARG A NH2 1 
ATOM   632  N N   . ARG A 1 93  ? -1.673  -11.203 -6.011  1.00 17.91 ? 116 ARG A N   1 
ATOM   633  C CA  . ARG A 1 93  ? -2.472  -11.377 -7.242  1.00 19.17 ? 116 ARG A CA  1 
ATOM   634  C C   . ARG A 1 93  ? -2.595  -10.040 -7.986  1.00 17.43 ? 116 ARG A C   1 
ATOM   635  O O   . ARG A 1 93  ? -2.538  -10.010 -9.207  1.00 15.20 ? 116 ARG A O   1 
ATOM   636  C CB  . ARG A 1 93  ? -3.863  -11.955 -6.942  1.00 19.09 ? 116 ARG A CB  1 
ATOM   637  C CG  . ARG A 1 93  ? -4.703  -12.233 -8.233  1.00 20.30 ? 116 ARG A CG  1 
ATOM   638  C CD  . ARG A 1 93  ? -6.165  -12.564 -7.935  1.00 21.22 ? 116 ARG A CD  1 
ATOM   639  N NE  . ARG A 1 93  ? -6.912  -11.426 -7.421  1.00 18.84 ? 116 ARG A NE  1 
ATOM   640  C CZ  . ARG A 1 93  ? -7.457  -10.454 -8.152  1.00 22.58 ? 116 ARG A CZ  1 
ATOM   641  N NH1 . ARG A 1 93  ? -7.352  -10.433 -9.477  1.00 26.32 ? 116 ARG A NH1 1 
ATOM   642  N NH2 . ARG A 1 93  ? -8.098  -9.465  -7.550  1.00 21.11 ? 116 ARG A NH2 1 
ATOM   643  N N   . LEU A 1 94  ? -2.713  -8.934  -7.241  1.00 16.88 ? 117 LEU A N   1 
ATOM   644  C CA  . LEU A 1 94  ? -2.853  -7.623  -7.888  1.00 16.69 ? 117 LEU A CA  1 
ATOM   645  C C   . LEU A 1 94  ? -1.547  -7.099  -8.437  1.00 16.14 ? 117 LEU A C   1 
ATOM   646  O O   . LEU A 1 94  ? -1.510  -6.548  -9.523  1.00 14.37 ? 117 LEU A O   1 
ATOM   647  C CB  . LEU A 1 94  ? -3.539  -6.605  -6.979  1.00 18.03 ? 117 LEU A CB  1 
ATOM   648  C CG  . LEU A 1 94  ? -4.998  -6.972  -6.624  1.00 16.87 ? 117 LEU A CG  1 
ATOM   649  C CD1 . LEU A 1 94  ? -5.409  -6.171  -5.431  1.00 15.57 ? 117 LEU A CD1 1 
ATOM   650  C CD2 . LEU A 1 94  ? -5.917  -6.689  -7.787  1.00 19.12 ? 117 LEU A CD2 1 
ATOM   651  N N   . PHE A 1 95  ? -0.460  -7.288  -7.702  1.00 15.74 ? 118 PHE A N   1 
ATOM   652  C CA  . PHE A 1 95  ? 0.861   -6.990  -8.257  1.00 15.12 ? 118 PHE A CA  1 
ATOM   653  C C   . PHE A 1 95  ? 1.168   -7.753  -9.555  1.00 15.50 ? 118 PHE A C   1 
ATOM   654  O O   . PHE A 1 95  ? 1.701   -7.178  -10.513 1.00 17.64 ? 118 PHE A O   1 
ATOM   655  C CB  . PHE A 1 95  ? 1.974   -7.229  -7.216  1.00 13.69 ? 118 PHE A CB  1 
ATOM   656  C CG  . PHE A 1 95  ? 2.066   -6.130  -6.161  1.00 13.23 ? 118 PHE A CG  1 
ATOM   657  C CD1 . PHE A 1 95  ? 2.492   -4.847  -6.502  1.00 17.99 ? 118 PHE A CD1 1 
ATOM   658  C CD2 . PHE A 1 95  ? 1.678   -6.386  -4.837  1.00 10.71 ? 118 PHE A CD2 1 
ATOM   659  C CE1 . PHE A 1 95  ? 2.560   -3.791  -5.529  1.00 16.94 ? 118 PHE A CE1 1 
ATOM   660  C CE2 . PHE A 1 95  ? 1.768   -5.354  -3.844  1.00 16.00 ? 118 PHE A CE2 1 
ATOM   661  C CZ  . PHE A 1 95  ? 2.197   -4.054  -4.214  1.00 16.49 ? 118 PHE A CZ  1 
ATOM   662  N N   . THR A 1 96  ? 0.897   -9.049  -9.548  1.00 16.93 ? 119 THR A N   1 
ATOM   663  C CA  . THR A 1 96  ? 1.049   -9.896  -10.743 1.00 18.35 ? 119 THR A CA  1 
ATOM   664  C C   . THR A 1 96  ? 0.154   -9.401  -11.888 1.00 18.22 ? 119 THR A C   1 
ATOM   665  O O   . THR A 1 96  ? 0.595   -9.327  -13.032 1.00 18.68 ? 119 THR A O   1 
ATOM   666  C CB  . THR A 1 96  ? 0.748   -11.349 -10.386 1.00 18.62 ? 119 THR A CB  1 
ATOM   667  O OG1 . THR A 1 96  ? 1.618   -11.740 -9.305  1.00 19.97 ? 119 THR A OG1 1 
ATOM   668  C CG2 . THR A 1 96  ? 0.885   -12.326 -11.634 1.00 17.84 ? 119 THR A CG2 1 
ATOM   669  N N   . LEU A 1 97  ? -1.085  -9.036  -11.570 1.00 18.87 ? 120 LEU A N   1 
ATOM   670  C CA  . LEU A 1 97  ? -1.996  -8.517  -12.574 1.00 20.41 ? 120 LEU A CA  1 
ATOM   671  C C   . LEU A 1 97  ? -1.517  -7.213  -13.196 1.00 20.80 ? 120 LEU A C   1 
ATOM   672  O O   . LEU A 1 97  ? -1.734  -6.965  -14.384 1.00 18.97 ? 120 LEU A O   1 
ATOM   673  C CB  . LEU A 1 97  ? -3.413  -8.370  -12.002 1.00 19.57 ? 120 LEU A CB  1 
ATOM   674  C CG  . LEU A 1 97  ? -4.569  -7.902  -12.903 1.00 21.41 ? 120 LEU A CG  1 
ATOM   675  C CD1 . LEU A 1 97  ? -4.718  -8.801  -14.190 1.00 18.66 ? 120 LEU A CD1 1 
ATOM   676  C CD2 . LEU A 1 97  ? -5.859  -7.900  -12.070 1.00 19.53 ? 120 LEU A CD2 1 
ATOM   677  N N   . ALA A 1 98  ? -0.903  -6.354  -12.377 1.00 21.56 ? 121 ALA A N   1 
ATOM   678  C CA  . ALA A 1 98  ? -0.271  -5.120  -12.857 1.00 19.94 ? 121 ALA A CA  1 
ATOM   679  C C   . ALA A 1 98  ? 0.872   -5.390  -13.827 1.00 21.48 ? 121 ALA A C   1 
ATOM   680  O O   . ALA A 1 98  ? 0.989   -4.732  -14.874 1.00 21.10 ? 121 ALA A O   1 
ATOM   681  C CB  . ALA A 1 98  ? 0.222   -4.278  -11.667 1.00 20.18 ? 121 ALA A CB  1 
ATOM   682  N N   . ASN A 1 99  ? 1.727   -6.348  -13.476 1.00 21.21 ? 122 ASN A N   1 
ATOM   683  C CA  . ASN A 1 99  ? 2.878   -6.682  -14.296 1.00 21.68 ? 122 ASN A CA  1 
ATOM   684  C C   . ASN A 1 99  ? 2.444   -7.337  -15.608 1.00 23.33 ? 122 ASN A C   1 
ATOM   685  O O   . ASN A 1 99  ? 3.016   -7.059  -16.672 1.00 21.29 ? 122 ASN A O   1 
ATOM   686  C CB  . ASN A 1 99  ? 3.817   -7.638  -13.536 1.00 22.12 ? 122 ASN A CB  1 
ATOM   687  C CG  . ASN A 1 99  ? 4.929   -8.188  -14.427 1.00 22.01 ? 122 ASN A CG  1 
ATOM   688  O OD1 . ASN A 1 99  ? 4.875   -9.346  -14.885 1.00 20.75 ? 122 ASN A OD1 1 
ATOM   689  N ND2 . ASN A 1 99  ? 5.916   -7.351  -14.710 1.00 19.51 ? 122 ASN A ND2 1 
ATOM   690  N N   . THR A 1 100 ? 1.426   -8.194  -15.495 1.00 24.05 ? 123 THR A N   1 
ATOM   691  C CA  . THR A 1 100 ? 0.809   -8.938  -16.605 1.00 27.52 ? 123 THR A CA  1 
ATOM   692  C C   . THR A 1 100 ? 0.165   -7.985  -17.595 1.00 27.81 ? 123 THR A C   1 
ATOM   693  O O   . THR A 1 100 ? 0.478   -8.001  -18.790 1.00 29.06 ? 123 THR A O   1 
ATOM   694  C CB  . THR A 1 100 ? -0.267  -9.901  -16.060 1.00 27.11 ? 123 THR A CB  1 
ATOM   695  O OG1 . THR A 1 100 ? 0.390   -10.964 -15.364 1.00 31.44 ? 123 THR A OG1 1 
ATOM   696  C CG2 . THR A 1 100 ? -1.160  -10.482 -17.174 1.00 28.24 ? 123 THR A CG2 1 
ATOM   697  N N   . LYS A 1 101 ? -0.714  -7.147  -17.077 1.00 27.66 ? 124 LYS A N   1 
ATOM   698  C CA  . LYS A 1 101 ? -1.452  -6.161  -17.860 1.00 27.47 ? 124 LYS A CA  1 
ATOM   699  C C   . LYS A 1 101 ? -0.576  -5.025  -18.405 1.00 26.82 ? 124 LYS A C   1 
ATOM   700  O O   . LYS A 1 101 ? -0.691  -4.683  -19.592 1.00 26.90 ? 124 LYS A O   1 
ATOM   701  C CB  . LYS A 1 101 ? -2.598  -5.627  -17.005 1.00 27.02 ? 124 LYS A CB  1 
ATOM   702  C CG  . LYS A 1 101 ? -3.632  -4.803  -17.744 1.00 29.70 ? 124 LYS A CG  1 
ATOM   703  C CD  . LYS A 1 101 ? -4.888  -4.615  -16.890 1.00 31.04 ? 124 LYS A CD  1 
ATOM   704  C CE  . LYS A 1 101 ? -5.612  -5.924  -16.607 1.00 28.34 ? 124 LYS A CE  1 
ATOM   705  N NZ  . LYS A 1 101 ? -6.937  -5.655  -16.001 1.00 30.92 ? 124 LYS A NZ  1 
ATOM   706  N N   . CYS A 1 102 ? 0.298   -4.458  -17.559 1.00 25.07 ? 125 CYS A N   1 
ATOM   707  C CA  . CYS A 1 102 ? 1.109   -3.291  -17.911 1.00 24.17 ? 125 CYS A CA  1 
ATOM   708  C C   . CYS A 1 102 ? 2.556   -3.361  -17.435 1.00 24.85 ? 125 CYS A C   1 
ATOM   709  O O   . CYS A 1 102 ? 2.937   -2.620  -16.512 1.00 24.31 ? 125 CYS A O   1 
ATOM   710  C CB  . CYS A 1 102 ? 0.461   -1.976  -17.404 1.00 22.92 ? 125 CYS A CB  1 
ATOM   711  S SG  . CYS A 1 102 ? -1.253  -1.751  -17.987 1.00 24.82 ? 125 CYS A SG  1 
ATOM   712  N N   . PRO A 1 103 ? 3.381   -4.205  -18.091 1.00 24.97 ? 126 PRO A N   1 
ATOM   713  C CA  . PRO A 1 103 ? 4.757   -4.428  -17.618 1.00 24.72 ? 126 PRO A CA  1 
ATOM   714  C C   . PRO A 1 103 ? 5.648   -3.204  -17.663 1.00 24.63 ? 126 PRO A C   1 
ATOM   715  O O   . PRO A 1 103 ? 6.686   -3.199  -17.028 1.00 23.05 ? 126 PRO A O   1 
ATOM   716  C CB  . PRO A 1 103 ? 5.305   -5.516  -18.555 1.00 25.02 ? 126 PRO A CB  1 
ATOM   717  C CG  . PRO A 1 103 ? 4.173   -5.949  -19.440 1.00 24.74 ? 126 PRO A CG  1 
ATOM   718  C CD  . PRO A 1 103 ? 3.056   -4.980  -19.310 1.00 25.18 ? 126 PRO A CD  1 
ATOM   719  N N   . ASN A 1 104 ? 5.254   -2.168  -18.403 1.00 24.88 ? 127 ASN A N   1 
ATOM   720  C CA  . ASN A 1 104 ? 6.103   -0.987  -18.545 1.00 24.69 ? 127 ASN A CA  1 
ATOM   721  C C   . ASN A 1 104 ? 5.686   0.155   -17.627 1.00 24.03 ? 127 ASN A C   1 
ATOM   722  O O   . ASN A 1 104 ? 6.356   1.160   -17.552 1.00 23.42 ? 127 ASN A O   1 
ATOM   723  C CB  . ASN A 1 104 ? 6.195   -0.517  -20.029 1.00 26.30 ? 127 ASN A CB  1 
ATOM   724  C CG  . ASN A 1 104 ? 6.544   -1.671  -21.036 1.00 28.75 ? 127 ASN A CG  1 
ATOM   725  O OD1 . ASN A 1 104 ? 7.305   -2.602  -20.747 1.00 30.74 ? 127 ASN A OD1 1 
ATOM   726  N ND2 . ASN A 1 104 ? 5.981   -1.571  -22.240 1.00 33.43 ? 127 ASN A ND2 1 
ATOM   727  N N   . ALA A 1 105 ? 4.580   -0.028  -16.899 1.00 24.07 ? 128 ALA A N   1 
ATOM   728  C CA  . ALA A 1 105 ? 4.039   0.981   -16.000 1.00 22.95 ? 128 ALA A CA  1 
ATOM   729  C C   . ALA A 1 105 ? 4.858   0.979   -14.711 1.00 21.21 ? 128 ALA A C   1 
ATOM   730  O O   . ALA A 1 105 ? 5.396   -0.070  -14.352 1.00 22.36 ? 128 ALA A O   1 
ATOM   731  C CB  . ALA A 1 105 ? 2.568   0.687   -15.705 1.00 22.15 ? 128 ALA A CB  1 
ATOM   732  N N   . ALA A 1 106 ? 5.013   2.145   -14.089 1.00 19.62 ? 129 ALA A N   1 
ATOM   733  C CA  . ALA A 1 106 ? 5.581   2.251   -12.742 1.00 19.51 ? 129 ALA A CA  1 
ATOM   734  C C   . ALA A 1 106 ? 4.535   1.786   -11.703 1.00 19.10 ? 129 ALA A C   1 
ATOM   735  O O   . ALA A 1 106 ? 3.480   2.422   -11.545 1.00 20.59 ? 129 ALA A O   1 
ATOM   736  C CB  . ALA A 1 106 ? 6.012   3.679   -12.424 1.00 19.56 ? 129 ALA A CB  1 
ATOM   737  N N   . ILE A 1 107 ? 4.825   0.690   -11.006 1.00 16.62 ? 130 ILE A N   1 
ATOM   738  C CA  . ILE A 1 107 ? 4.026   0.337   -9.828  1.00 15.33 ? 130 ILE A CA  1 
ATOM   739  C C   . ILE A 1 107 ? 4.553   1.063   -8.582  1.00 14.07 ? 130 ILE A C   1 
ATOM   740  O O   . ILE A 1 107 ? 5.778   1.119   -8.281  1.00 14.72 ? 130 ILE A O   1 
ATOM   741  C CB  . ILE A 1 107 ? 3.899   -1.185  -9.564  1.00 13.85 ? 130 ILE A CB  1 
ATOM   742  C CG1 . ILE A 1 107 ? 3.386   -1.909  -10.807 1.00 13.92 ? 130 ILE A CG1 1 
ATOM   743  C CG2 . ILE A 1 107 ? 2.963   -1.435  -8.329  1.00 10.10 ? 130 ILE A CG2 1 
ATOM   744  C CD1 . ILE A 1 107 ? 3.485   -3.437  -10.716 1.00 15.74 ? 130 ILE A CD1 1 
ATOM   745  N N   . VAL A 1 108 ? 3.609   1.668   -7.878  1.00 14.22 ? 131 VAL A N   1 
ATOM   746  C CA  . VAL A 1 108 ? 3.846   2.185   -6.519  1.00 12.34 ? 131 VAL A CA  1 
ATOM   747  C C   . VAL A 1 108 ? 2.711   1.616   -5.645  1.00 11.50 ? 131 VAL A C   1 
ATOM   748  O O   . VAL A 1 108 ? 1.619   1.278   -6.154  1.00 13.25 ? 131 VAL A O   1 
ATOM   749  C CB  . VAL A 1 108 ? 3.902   3.749   -6.423  1.00 11.54 ? 131 VAL A CB  1 
ATOM   750  C CG1 . VAL A 1 108 ? 5.123   4.337   -7.218  1.00 13.22 ? 131 VAL A CG1 1 
ATOM   751  C CG2 . VAL A 1 108 ? 2.572   4.368   -6.885  1.00 11.96 ? 131 VAL A CG2 1 
ATOM   752  N N   . SER A 1 109 ? 2.996   1.489   -4.364  1.00 12.60 ? 132 SER A N   1 
ATOM   753  C CA  . SER A 1 109 ? 1.999   0.966   -3.434  1.00 13.20 ? 132 SER A CA  1 
ATOM   754  C C   . SER A 1 109 ? 2.127   1.558   -2.049  1.00 12.61 ? 132 SER A C   1 
ATOM   755  O O   . SER A 1 109 ? 3.149   2.082   -1.664  1.00 14.87 ? 132 SER A O   1 
ATOM   756  C CB  . SER A 1 109 ? 2.130   -0.565  -3.346  1.00 11.36 ? 132 SER A CB  1 
ATOM   757  O OG  . SER A 1 109 ? 3.262   -0.984  -2.581  1.00 13.07 ? 132 SER A OG  1 
ATOM   758  N N   . GLY A 1 110 ? 1.104   1.355   -1.240  1.00 14.40 ? 133 GLY A N   1 
ATOM   759  C CA  . GLY A 1 110 ? 1.185   1.826   0.127   1.00 15.40 ? 133 GLY A CA  1 
ATOM   760  C C   . GLY A 1 110 ? 0.312   0.954   1.000   1.00 13.47 ? 133 GLY A C   1 
ATOM   761  O O   . GLY A 1 110 ? -0.497  0.166   0.523   1.00 13.94 ? 133 GLY A O   1 
ATOM   762  N N   . GLY A 1 111 ? 0.504   1.120   2.281   1.00 11.80 ? 134 GLY A N   1 
ATOM   763  C CA  . GLY A 1 111 ? -0.243  0.373   3.294   1.00 13.45 ? 134 GLY A CA  1 
ATOM   764  C C   . GLY A 1 111 ? -0.340  1.298   4.498   1.00 11.76 ? 134 GLY A C   1 
ATOM   765  O O   . GLY A 1 111 ? 0.598   2.024   4.773   1.00 12.03 ? 134 GLY A O   1 
ATOM   766  N N   . TYR A 1 112 ? -1.434  1.215   5.268   1.00 11.56 ? 135 TYR A N   1 
ATOM   767  C CA  . TYR A 1 112 ? -1.563  1.950   6.522   1.00 12.14 ? 135 TYR A CA  1 
ATOM   768  C C   . TYR A 1 112 ? -1.925  0.896   7.591   1.00 13.33 ? 135 TYR A C   1 
ATOM   769  O O   . TYR A 1 112 ? -2.797  0.077   7.343   1.00 13.61 ? 135 TYR A O   1 
ATOM   770  C CB  . TYR A 1 112 ? -2.663  3.033   6.389   1.00 13.58 ? 135 TYR A CB  1 
ATOM   771  C CG  . TYR A 1 112 ? -3.196  3.639   7.687   1.00 15.95 ? 135 TYR A CG  1 
ATOM   772  C CD1 . TYR A 1 112 ? -2.347  3.849   8.806   1.00 12.32 ? 135 TYR A CD1 1 
ATOM   773  C CD2 . TYR A 1 112 ? -4.558  3.977   7.807   1.00 15.00 ? 135 TYR A CD2 1 
ATOM   774  C CE1 . TYR A 1 112 ? -2.821  4.403   9.977   1.00 13.93 ? 135 TYR A CE1 1 
ATOM   775  C CE2 . TYR A 1 112 ? -5.076  4.512   9.001   1.00 16.65 ? 135 TYR A CE2 1 
ATOM   776  C CZ  . TYR A 1 112 ? -4.200  4.727   10.076  1.00 16.64 ? 135 TYR A CZ  1 
ATOM   777  O OH  . TYR A 1 112 ? -4.663  5.253   11.240  1.00 15.46 ? 135 TYR A OH  1 
ATOM   778  N N   . SER A 1 113 ? -1.205  0.887   8.727   1.00 13.23 ? 136 SER A N   1 
ATOM   779  C CA  . SER A 1 113 ? -1.422  -0.052  9.835   1.00 14.10 ? 136 SER A CA  1 
ATOM   780  C C   . SER A 1 113 ? -1.406  -1.518  9.316   1.00 13.95 ? 136 SER A C   1 
ATOM   781  O O   . SER A 1 113 ? -0.393  -1.975  8.764   1.00 12.86 ? 136 SER A O   1 
ATOM   782  C CB  . SER A 1 113 ? -2.718  0.294   10.578  1.00 13.48 ? 136 SER A CB  1 
ATOM   783  O OG  . SER A 1 113 ? -2.774  -0.295  11.848  1.00 16.67 ? 136 SER A OG  1 
ATOM   784  N N   . GLN A 1 114 ? -2.512  -2.231  9.496   1.00 13.33 ? 137 GLN A N   1 
ATOM   785  C CA  . GLN A 1 114 ? -2.599  -3.633  8.991   1.00 13.55 ? 137 GLN A CA  1 
ATOM   786  C C   . GLN A 1 114 ? -2.177  -3.789  7.510   1.00 13.29 ? 137 GLN A C   1 
ATOM   787  O O   . GLN A 1 114 ? -1.510  -4.781  7.146   1.00 13.21 ? 137 GLN A O   1 
ATOM   788  C CB  . GLN A 1 114 ? -3.940  -4.301  9.320   1.00 11.34 ? 137 GLN A CB  1 
ATOM   789  C CG  . GLN A 1 114 ? -3.931  -5.796  8.861   1.00 13.45 ? 137 GLN A CG  1 
ATOM   790  C CD  . GLN A 1 114 ? -5.197  -6.609  9.094   1.00 14.53 ? 137 GLN A CD  1 
ATOM   791  O OE1 . GLN A 1 114 ? -5.264  -7.779  8.639   1.00 18.70 ? 137 GLN A OE1 1 
ATOM   792  N NE2 . GLN A 1 114 ? -6.209  -6.029  9.773   1.00 10.55 ? 137 GLN A NE2 1 
ATOM   793  N N   . GLY A 1 115 ? -2.493  -2.777  6.701   1.00 12.45 ? 138 GLY A N   1 
ATOM   794  C CA  . GLY A 1 115 ? -2.229  -2.781  5.262   1.00 11.90 ? 138 GLY A CA  1 
ATOM   795  C C   . GLY A 1 115 ? -0.739  -2.810  4.951   1.00 12.33 ? 138 GLY A C   1 
ATOM   796  O O   . GLY A 1 115 ? -0.347  -3.232  3.871   1.00 13.92 ? 138 GLY A O   1 
ATOM   797  N N   . THR A 1 116 ? 0.078   -2.401  5.924   1.00 11.04 ? 139 THR A N   1 
ATOM   798  C CA  . THR A 1 116 ? 1.548   -2.453  5.799   1.00 11.33 ? 139 THR A CA  1 
ATOM   799  C C   . THR A 1 116 ? 2.042   -3.895  5.917   1.00 11.46 ? 139 THR A C   1 
ATOM   800  O O   . THR A 1 116 ? 3.029   -4.257  5.311   1.00 12.06 ? 139 THR A O   1 
ATOM   801  C CB  . THR A 1 116 ? 2.315   -1.558  6.878   1.00 11.76 ? 139 THR A CB  1 
ATOM   802  O OG1 . THR A 1 116 ? 2.045   -2.031  8.216   1.00 14.79 ? 139 THR A OG1 1 
ATOM   803  C CG2 . THR A 1 116 ? 1.964   -0.041  6.763   1.00 9.83  ? 139 THR A CG2 1 
ATOM   804  N N   . ALA A 1 117 ? 1.355   -4.707  6.713   1.00 11.06 ? 140 ALA A N   1 
ATOM   805  C CA  . ALA A 1 117 ? 1.665   -6.113  6.858   1.00 10.22 ? 140 ALA A CA  1 
ATOM   806  C C   . ALA A 1 117 ? 1.241   -6.854  5.586   1.00 10.27 ? 140 ALA A C   1 
ATOM   807  O O   . ALA A 1 117 ? 1.861   -7.828  5.213   1.00 12.24 ? 140 ALA A O   1 
ATOM   808  C CB  . ALA A 1 117 ? 0.902   -6.722  8.125   1.00 10.77 ? 140 ALA A CB  1 
ATOM   809  N N   . VAL A 1 118 ? 0.127   -6.445  4.983   1.00 10.64 ? 141 VAL A N   1 
ATOM   810  C CA  . VAL A 1 118 ? -0.303  -6.998  3.684   1.00 10.25 ? 141 VAL A CA  1 
ATOM   811  C C   . VAL A 1 118 ? 0.833   -6.761  2.633   1.00 10.64 ? 141 VAL A C   1 
ATOM   812  O O   . VAL A 1 118 ? 1.250   -7.694  1.922   1.00 10.62 ? 141 VAL A O   1 
ATOM   813  C CB  . VAL A 1 118 ? -1.611  -6.356  3.219   1.00 10.41 ? 141 VAL A CB  1 
ATOM   814  C CG1 . VAL A 1 118 ? -1.989  -6.808  1.764   1.00 12.33 ? 141 VAL A CG1 1 
ATOM   815  C CG2 . VAL A 1 118 ? -2.789  -6.687  4.226   1.00 10.35 ? 141 VAL A CG2 1 
ATOM   816  N N   . MET A 1 119 ? 1.312   -5.522  2.577   1.00 11.09 ? 142 MET A N   1 
ATOM   817  C CA  . MET A 1 119 ? 2.358   -5.091  1.662   1.00 11.18 ? 142 MET A CA  1 
ATOM   818  C C   . MET A 1 119 ? 3.676   -5.827  1.919   1.00 10.36 ? 142 MET A C   1 
ATOM   819  O O   . MET A 1 119 ? 4.237   -6.425  1.009   1.00 12.11 ? 142 MET A O   1 
ATOM   820  C CB  . MET A 1 119 ? 2.559   -3.586  1.760   1.00 12.02 ? 142 MET A CB  1 
ATOM   821  C CG  . MET A 1 119 ? 1.531   -2.751  0.975   1.00 14.35 ? 142 MET A CG  1 
ATOM   822  S SD  . MET A 1 119 ? 1.428   -3.132  -0.797  1.00 13.73 ? 142 MET A SD  1 
ATOM   823  C CE  . MET A 1 119 ? -0.330  -2.859  -1.164  1.00 12.20 ? 142 MET A CE  1 
ATOM   824  N N   . ALA A 1 120 ? 4.142   -5.833  3.161   1.00 10.28 ? 143 ALA A N   1 
ATOM   825  C CA  . ALA A 1 120 ? 5.365   -6.553  3.525   1.00 9.08  ? 143 ALA A CA  1 
ATOM   826  C C   . ALA A 1 120 ? 5.248   -8.029  3.117   1.00 10.73 ? 143 ALA A C   1 
ATOM   827  O O   . ALA A 1 120 ? 6.208   -8.568  2.599   1.00 10.19 ? 143 ALA A O   1 
ATOM   828  C CB  . ALA A 1 120 ? 5.682   -6.439  5.048   1.00 10.10 ? 143 ALA A CB  1 
ATOM   829  N N   . GLY A 1 121 ? 4.109   -8.674  3.410   1.00 10.98 ? 144 GLY A N   1 
ATOM   830  C CA  . GLY A 1 121 ? 4.018   -10.115 3.230   1.00 12.36 ? 144 GLY A CA  1 
ATOM   831  C C   . GLY A 1 121 ? 3.868   -10.523 1.779   1.00 14.07 ? 144 GLY A C   1 
ATOM   832  O O   . GLY A 1 121 ? 4.349   -11.587 1.374   1.00 16.91 ? 144 GLY A O   1 
ATOM   833  N N   . SER A 1 122 ? 3.214   -9.677  0.979   1.00 12.45 ? 145 SER A N   1 
ATOM   834  C CA  . SER A 1 122 ? 2.986   -9.967  -0.411  1.00 12.01 ? 145 SER A CA  1 
ATOM   835  C C   . SER A 1 122 ? 4.257   -9.662  -1.190  1.00 12.80 ? 145 SER A C   1 
ATOM   836  O O   . SER A 1 122 ? 4.720   -10.502 -1.967  1.00 10.83 ? 145 SER A O   1 
ATOM   837  C CB  . SER A 1 122 ? 1.831   -9.157  -0.985  1.00 10.18 ? 145 SER A CB  1 
ATOM   838  O OG  . SER A 1 122 ? 1.968   -7.744  -0.805  1.00 12.08 ? 145 SER A OG  1 
ATOM   839  N N   . ILE A 1 123 ? 4.815   -8.475  -0.977  1.00 12.71 ? 146 ILE A N   1 
ATOM   840  C CA  . ILE A 1 123 ? 5.926   -7.997  -1.838  1.00 12.31 ? 146 ILE A CA  1 
ATOM   841  C C   . ILE A 1 123 ? 7.148   -8.838  -1.598  1.00 12.89 ? 146 ILE A C   1 
ATOM   842  O O   . ILE A 1 123 ? 7.933   -9.051  -2.528  1.00 13.76 ? 146 ILE A O   1 
ATOM   843  C CB  . ILE A 1 123 ? 6.255   -6.472  -1.658  1.00 11.73 ? 146 ILE A CB  1 
ATOM   844  C CG1 . ILE A 1 123 ? 5.093   -5.609  -2.182  1.00 9.40  ? 146 ILE A CG1 1 
ATOM   845  C CG2 . ILE A 1 123 ? 7.585   -6.090  -2.413  1.00 10.81 ? 146 ILE A CG2 1 
ATOM   846  C CD1 . ILE A 1 123 ? 5.257   -4.121  -1.806  1.00 12.71 ? 146 ILE A CD1 1 
ATOM   847  N N   . SER A 1 124 ? 7.328   -9.309  -0.359  1.00 11.87 ? 147 SER A N   1 
ATOM   848  C CA  . SER A 1 124 ? 8.522   -10.108 -0.074  1.00 12.02 ? 147 SER A CA  1 
ATOM   849  C C   . SER A 1 124 ? 8.605   -11.401 -0.929  1.00 11.87 ? 147 SER A C   1 
ATOM   850  O O   . SER A 1 124 ? 9.694   -11.922 -1.151  1.00 12.70 ? 147 SER A O   1 
ATOM   851  C CB  . SER A 1 124 ? 8.654   -10.463 1.391   1.00 12.34 ? 147 SER A CB  1 
ATOM   852  O OG  . SER A 1 124 ? 7.484   -11.092 1.836   1.00 13.50 ? 147 SER A OG  1 
ATOM   853  N N   . GLY A 1 125 ? 7.455   -11.877 -1.372  1.00 10.92 ? 148 GLY A N   1 
ATOM   854  C CA  . GLY A 1 125 ? 7.378   -13.122 -2.150  1.00 13.80 ? 148 GLY A CA  1 
ATOM   855  C C   . GLY A 1 125 ? 7.386   -12.978 -3.662  1.00 13.46 ? 148 GLY A C   1 
ATOM   856  O O   . GLY A 1 125 ? 7.312   -13.981 -4.374  1.00 13.94 ? 148 GLY A O   1 
ATOM   857  N N   . LEU A 1 126 ? 7.417   -11.745 -4.161  1.00 15.11 ? 149 LEU A N   1 
ATOM   858  C CA  . LEU A 1 126 ? 7.275   -11.496 -5.603  1.00 15.70 ? 149 LEU A CA  1 
ATOM   859  C C   . LEU A 1 126 ? 8.579   -11.776 -6.389  1.00 16.23 ? 149 LEU A C   1 
ATOM   860  O O   . LEU A 1 126 ? 9.697   -11.726 -5.824  1.00 14.28 ? 149 LEU A O   1 
ATOM   861  C CB  . LEU A 1 126 ? 6.741   -10.054 -5.838  1.00 15.53 ? 149 LEU A CB  1 
ATOM   862  C CG  . LEU A 1 126 ? 5.279   -9.826  -5.384  1.00 13.88 ? 149 LEU A CG  1 
ATOM   863  C CD1 . LEU A 1 126 ? 4.896   -8.295  -5.428  1.00 15.14 ? 149 LEU A CD1 1 
ATOM   864  C CD2 . LEU A 1 126 ? 4.281   -10.660 -6.199  1.00 11.56 ? 149 LEU A CD2 1 
ATOM   865  N N   . SER A 1 127 ? 8.429   -12.092 -7.685  1.00 16.55 ? 150 SER A N   1 
ATOM   866  C CA  . SER A 1 127 ? 9.583   -12.286 -8.593  1.00 17.17 ? 150 SER A CA  1 
ATOM   867  C C   . SER A 1 127 ? 10.509  -11.089 -8.635  1.00 17.27 ? 150 SER A C   1 
ATOM   868  O O   . SER A 1 127 ? 10.081  -9.972  -8.333  1.00 19.68 ? 150 SER A O   1 
ATOM   869  C CB  . SER A 1 127 ? 9.131   -12.654 -10.025 1.00 16.92 ? 150 SER A CB  1 
ATOM   870  O OG  . SER A 1 127 ? 8.544   -11.528 -10.689 1.00 17.71 ? 150 SER A OG  1 
ATOM   871  N N   . THR A 1 128 ? 11.769  -11.315 -9.033  1.00 16.18 ? 151 THR A N   1 
ATOM   872  C CA  . THR A 1 128 ? 12.711  -10.227 -9.285  1.00 16.24 ? 151 THR A CA  1 
ATOM   873  C C   . THR A 1 128 ? 12.130  -9.200  -10.274 1.00 16.12 ? 151 THR A C   1 
ATOM   874  O O   . THR A 1 128 ? 12.184  -7.972  -10.052 1.00 13.53 ? 151 THR A O   1 
ATOM   875  C CB  . THR A 1 128 ? 14.026  -10.797 -9.815  1.00 17.29 ? 151 THR A CB  1 
ATOM   876  O OG1 . THR A 1 128 ? 14.511  -11.748 -8.863  1.00 18.34 ? 151 THR A OG1 1 
ATOM   877  C CG2 . THR A 1 128 ? 15.077  -9.716  -10.023 1.00 13.21 ? 151 THR A CG2 1 
ATOM   878  N N   . THR A 1 129 ? 11.570  -9.725  -11.353 1.00 14.44 ? 152 THR A N   1 
ATOM   879  C CA  . THR A 1 129 ? 10.900  -8.880  -12.339 1.00 16.42 ? 152 THR A CA  1 
ATOM   880  C C   . THR A 1 129 ? 9.772   -7.995  -11.805 1.00 14.59 ? 152 THR A C   1 
ATOM   881  O O   . THR A 1 129 ? 9.686   -6.804  -12.154 1.00 14.06 ? 152 THR A O   1 
ATOM   882  C CB  . THR A 1 129 ? 10.446  -9.733  -13.554 1.00 17.29 ? 152 THR A CB  1 
ATOM   883  O OG1 . THR A 1 129 ? 11.637  -10.220 -14.174 1.00 19.13 ? 152 THR A OG1 1 
ATOM   884  C CG2 . THR A 1 129 ? 9.686   -8.903  -14.570 1.00 19.15 ? 152 THR A CG2 1 
ATOM   885  N N   . ILE A 1 130 ? 8.880   -8.564  -11.002 1.00 13.35 ? 153 ILE A N   1 
ATOM   886  C CA  . ILE A 1 130 ? 7.737   -7.767  -10.528 1.00 14.27 ? 153 ILE A CA  1 
ATOM   887  C C   . ILE A 1 130 ? 8.260   -6.760  -9.485  1.00 14.96 ? 153 ILE A C   1 
ATOM   888  O O   . ILE A 1 130 ? 7.872   -5.586  -9.500  1.00 14.61 ? 153 ILE A O   1 
ATOM   889  C CB  . ILE A 1 130 ? 6.606   -8.659  -9.996  1.00 15.49 ? 153 ILE A CB  1 
ATOM   890  C CG1 . ILE A 1 130 ? 5.955   -9.460  -11.166 1.00 17.36 ? 153 ILE A CG1 1 
ATOM   891  C CG2 . ILE A 1 130 ? 5.552   -7.837  -9.162  1.00 14.97 ? 153 ILE A CG2 1 
ATOM   892  C CD1 . ILE A 1 130 ? 4.924   -10.453 -10.746 1.00 15.93 ? 153 ILE A CD1 1 
ATOM   893  N N   . LYS A 1 131 ? 9.203   -7.197  -8.637  1.00 13.25 ? 154 LYS A N   1 
ATOM   894  C CA  . LYS A 1 131 ? 9.771   -6.299  -7.625  1.00 15.92 ? 154 LYS A CA  1 
ATOM   895  C C   . LYS A 1 131 ? 10.452  -5.111  -8.304  1.00 16.72 ? 154 LYS A C   1 
ATOM   896  O O   . LYS A 1 131 ? 10.323  -3.952  -7.877  1.00 18.13 ? 154 LYS A O   1 
ATOM   897  C CB  . LYS A 1 131 ? 10.696  -7.056  -6.667  1.00 13.95 ? 154 LYS A CB  1 
ATOM   898  C CG  . LYS A 1 131 ? 9.886   -7.956  -5.693  1.00 15.28 ? 154 LYS A CG  1 
ATOM   899  C CD  . LYS A 1 131 ? 10.782  -8.591  -4.633  1.00 15.66 ? 154 LYS A CD  1 
ATOM   900  C CE  . LYS A 1 131 ? 12.071  -9.177  -5.228  1.00 19.52 ? 154 LYS A CE  1 
ATOM   901  N NZ  . LYS A 1 131 ? 12.757  -10.003 -4.222  1.00 23.16 ? 154 LYS A NZ  1 
ATOM   902  N N   . ASN A 1 132 ? 11.127  -5.399  -9.406  1.00 17.44 ? 155 ASN A N   1 
ATOM   903  C CA  . ASN A 1 132 ? 11.792  -4.317  -10.142 1.00 18.91 ? 155 ASN A CA  1 
ATOM   904  C C   . ASN A 1 132 ? 10.813  -3.321  -10.719 1.00 16.47 ? 155 ASN A C   1 
ATOM   905  O O   . ASN A 1 132 ? 11.124  -2.138  -10.774 1.00 18.83 ? 155 ASN A O   1 
ATOM   906  C CB  . ASN A 1 132 ? 12.735  -4.881  -11.201 1.00 19.09 ? 155 ASN A CB  1 
ATOM   907  C CG  . ASN A 1 132 ? 14.131  -5.151  -10.637 1.00 23.49 ? 155 ASN A CG  1 
ATOM   908  O OD1 . ASN A 1 132 ? 14.696  -4.331  -9.894  1.00 30.31 ? 155 ASN A OD1 1 
ATOM   909  N ND2 . ASN A 1 132 ? 14.694  -6.277  -11.000 1.00 23.15 ? 155 ASN A ND2 1 
ATOM   910  N N   . GLN A 1 133 ? 9.637   -3.801  -11.111 1.00 15.93 ? 156 GLN A N   1 
ATOM   911  C CA  . GLN A 1 133 ? 8.529   -2.914  -11.527 1.00 17.12 ? 156 GLN A CA  1 
ATOM   912  C C   . GLN A 1 133 ? 7.949   -2.006  -10.376 1.00 17.36 ? 156 GLN A C   1 
ATOM   913  O O   . GLN A 1 133 ? 7.431   -0.887  -10.613 1.00 15.43 ? 156 GLN A O   1 
ATOM   914  C CB  . GLN A 1 133 ? 7.451   -3.709  -12.275 1.00 16.68 ? 156 GLN A CB  1 
ATOM   915  C CG  . GLN A 1 133 ? 6.560   -2.837  -13.187 1.00 17.22 ? 156 GLN A CG  1 
ATOM   916  C CD  . GLN A 1 133 ? 5.401   -3.587  -13.791 1.00 15.44 ? 156 GLN A CD  1 
ATOM   917  O OE1 . GLN A 1 133 ? 5.388   -4.817  -13.825 1.00 17.06 ? 156 GLN A OE1 1 
ATOM   918  N NE2 . GLN A 1 133 ? 4.410   -2.845  -14.278 1.00 15.02 ? 156 GLN A NE2 1 
ATOM   919  N N   . ILE A 1 134 ? 8.067   -2.462  -9.131  1.00 15.85 ? 157 ILE A N   1 
ATOM   920  C CA  . ILE A 1 134 ? 7.601   -1.653  -7.991  1.00 16.08 ? 157 ILE A CA  1 
ATOM   921  C C   . ILE A 1 134 ? 8.660   -0.640  -7.650  1.00 15.59 ? 157 ILE A C   1 
ATOM   922  O O   . ILE A 1 134 ? 9.730   -0.974  -7.099  1.00 15.08 ? 157 ILE A O   1 
ATOM   923  C CB  . ILE A 1 134 ? 7.204   -2.525  -6.726  1.00 15.24 ? 157 ILE A CB  1 
ATOM   924  C CG1 . ILE A 1 134 ? 6.261   -3.657  -7.123  1.00 14.57 ? 157 ILE A CG1 1 
ATOM   925  C CG2 . ILE A 1 134 ? 6.645   -1.655  -5.621  1.00 16.79 ? 157 ILE A CG2 1 
ATOM   926  C CD1 . ILE A 1 134 ? 5.990   -4.688  -5.931  1.00 15.64 ? 157 ILE A CD1 1 
ATOM   927  N N   . LYS A 1 135 ? 8.378   0.614   -8.021  1.00 17.56 ? 158 LYS A N   1 
ATOM   928  C CA  . LYS A 1 135 ? 9.346   1.702   -7.908  1.00 16.26 ? 158 LYS A CA  1 
ATOM   929  C C   . LYS A 1 135 ? 9.446   2.299   -6.508  1.00 16.67 ? 158 LYS A C   1 
ATOM   930  O O   . LYS A 1 135 ? 10.487  2.810   -6.112  1.00 15.80 ? 158 LYS A O   1 
ATOM   931  C CB  . LYS A 1 135 ? 9.050   2.790   -8.957  1.00 17.13 ? 158 LYS A CB  1 
ATOM   932  C CG  . LYS A 1 135 ? 8.861   2.255   -10.374 1.00 15.71 ? 158 LYS A CG  1 
ATOM   933  C CD  . LYS A 1 135 ? 10.149  1.519   -10.886 1.00 16.05 ? 158 LYS A CD  1 
ATOM   934  C CE  . LYS A 1 135 ? 9.803   0.695   -12.103 1.00 18.32 ? 158 LYS A CE  1 
ATOM   935  N NZ  . LYS A 1 135 ? 10.975  0.157   -12.827 1.00 15.74 ? 158 LYS A NZ  1 
ATOM   936  N N   . GLY A 1 136 ? 8.367   2.181   -5.727  1.00 15.64 ? 159 GLY A N   1 
ATOM   937  C CA  . GLY A 1 136 ? 8.308   2.832   -4.439  1.00 15.29 ? 159 GLY A CA  1 
ATOM   938  C C   . GLY A 1 136 ? 7.106   2.299   -3.675  1.00 14.27 ? 159 GLY A C   1 
ATOM   939  O O   . GLY A 1 136 ? 6.075   1.933   -4.279  1.00 13.21 ? 159 GLY A O   1 
ATOM   940  N N   . VAL A 1 137 ? 7.315   2.208   -2.368  1.00 14.60 ? 160 VAL A N   1 
ATOM   941  C CA  . VAL A 1 137 ? 6.352   1.667   -1.375  1.00 14.80 ? 160 VAL A CA  1 
ATOM   942  C C   . VAL A 1 137 ? 6.424   2.510   -0.100  1.00 15.68 ? 160 VAL A C   1 
ATOM   943  O O   . VAL A 1 137 ? 7.500   2.717   0.462   1.00 17.64 ? 160 VAL A O   1 
ATOM   944  C CB  . VAL A 1 137 ? 6.637   0.191   -0.996  1.00 11.96 ? 160 VAL A CB  1 
ATOM   945  C CG1 . VAL A 1 137 ? 5.636   -0.302  0.108   1.00 11.48 ? 160 VAL A CG1 1 
ATOM   946  C CG2 . VAL A 1 137 ? 6.587   -0.731  -2.237  1.00 13.75 ? 160 VAL A CG2 1 
ATOM   947  N N   . VAL A 1 138 ? 5.248   2.926   0.385   1.00 15.92 ? 161 VAL A N   1 
ATOM   948  C CA  . VAL A 1 138 ? 5.116   3.798   1.540   1.00 14.51 ? 161 VAL A CA  1 
ATOM   949  C C   . VAL A 1 138 ? 4.292   3.046   2.608   1.00 13.21 ? 161 VAL A C   1 
ATOM   950  O O   . VAL A 1 138 ? 3.235   2.535   2.327   1.00 13.97 ? 161 VAL A O   1 
ATOM   951  C CB  . VAL A 1 138 ? 4.526   5.227   1.141   1.00 14.41 ? 161 VAL A CB  1 
ATOM   952  C CG1 . VAL A 1 138 ? 5.514   5.971   0.216   1.00 14.10 ? 161 VAL A CG1 1 
ATOM   953  C CG2 . VAL A 1 138 ? 3.088   5.121   0.500   1.00 11.95 ? 161 VAL A CG2 1 
ATOM   954  N N   . LEU A 1 139 ? 4.823   2.971   3.807   1.00 12.65 ? 162 LEU A N   1 
ATOM   955  C CA  . LEU A 1 139 ? 4.252   2.162   4.867   1.00 13.11 ? 162 LEU A CA  1 
ATOM   956  C C   . LEU A 1 139 ? 3.947   3.065   6.057   1.00 14.60 ? 162 LEU A C   1 
ATOM   957  O O   . LEU A 1 139 ? 4.837   3.357   6.848   1.00 15.25 ? 162 LEU A O   1 
ATOM   958  C CB  . LEU A 1 139 ? 5.244   1.047   5.255   1.00 13.02 ? 162 LEU A CB  1 
ATOM   959  C CG  . LEU A 1 139 ? 5.661   0.007   4.204   1.00 14.06 ? 162 LEU A CG  1 
ATOM   960  C CD1 . LEU A 1 139 ? 6.702   -0.988  4.759   1.00 13.43 ? 162 LEU A CD1 1 
ATOM   961  C CD2 . LEU A 1 139 ? 4.429   -0.711  3.644   1.00 12.81 ? 162 LEU A CD2 1 
ATOM   962  N N   . PHE A 1 140 ? 2.690   3.487   6.178   1.00 14.74 ? 163 PHE A N   1 
ATOM   963  C CA  . PHE A 1 140 ? 2.234   4.359   7.275   1.00 14.30 ? 163 PHE A CA  1 
ATOM   964  C C   . PHE A 1 140 ? 1.869   3.521   8.476   1.00 13.26 ? 163 PHE A C   1 
ATOM   965  O O   . PHE A 1 140 ? 0.990   2.692   8.382   1.00 14.76 ? 163 PHE A O   1 
ATOM   966  C CB  . PHE A 1 140 ? 0.963   5.131   6.852   1.00 15.16 ? 163 PHE A CB  1 
ATOM   967  C CG  . PHE A 1 140 ? 1.113   5.898   5.571   1.00 13.17 ? 163 PHE A CG  1 
ATOM   968  C CD1 . PHE A 1 140 ? 1.746   7.148   5.575   1.00 12.30 ? 163 PHE A CD1 1 
ATOM   969  C CD2 . PHE A 1 140 ? 0.628   5.366   4.344   1.00 12.52 ? 163 PHE A CD2 1 
ATOM   970  C CE1 . PHE A 1 140 ? 1.912   7.877   4.378   1.00 10.24 ? 163 PHE A CE1 1 
ATOM   971  C CE2 . PHE A 1 140 ? 0.799   6.084   3.137   1.00 15.82 ? 163 PHE A CE2 1 
ATOM   972  C CZ  . PHE A 1 140 ? 1.448   7.354   3.149   1.00 14.26 ? 163 PHE A CZ  1 
ATOM   973  N N   . GLY A 1 141 ? 2.461   3.822   9.626   1.00 12.86 ? 164 GLY A N   1 
ATOM   974  C CA  . GLY A 1 141 ? 2.232   3.062   10.844  1.00 15.01 ? 164 GLY A CA  1 
ATOM   975  C C   . GLY A 1 141 ? 2.575   1.580   10.666  1.00 14.52 ? 164 GLY A C   1 
ATOM   976  O O   . GLY A 1 141 ? 1.781   0.737   11.044  1.00 13.99 ? 164 GLY A O   1 
ATOM   977  N N   . TYR A 1 142 ? 3.758   1.287   10.113  1.00 15.06 ? 165 TYR A N   1 
ATOM   978  C CA  . TYR A 1 142 ? 4.214   -0.099  9.849   1.00 15.02 ? 165 TYR A CA  1 
ATOM   979  C C   . TYR A 1 142 ? 4.207   -0.947  11.151  1.00 17.54 ? 165 TYR A C   1 
ATOM   980  O O   . TYR A 1 142 ? 5.024   -0.756  12.064  1.00 18.99 ? 165 TYR A O   1 
ATOM   981  C CB  . TYR A 1 142 ? 5.594   -0.032  9.180   1.00 14.94 ? 165 TYR A CB  1 
ATOM   982  C CG  . TYR A 1 142 ? 6.195   -1.309  8.606   1.00 9.65  ? 165 TYR A CG  1 
ATOM   983  C CD1 . TYR A 1 142 ? 5.414   -2.404  8.261   1.00 11.54 ? 165 TYR A CD1 1 
ATOM   984  C CD2 . TYR A 1 142 ? 7.586   -1.384  8.373   1.00 12.53 ? 165 TYR A CD2 1 
ATOM   985  C CE1 . TYR A 1 142 ? 5.980   -3.573  7.738   1.00 16.39 ? 165 TYR A CE1 1 
ATOM   986  C CE2 . TYR A 1 142 ? 8.163   -2.542  7.827   1.00 13.71 ? 165 TYR A CE2 1 
ATOM   987  C CZ  . TYR A 1 142 ? 7.363   -3.603  7.477   1.00 13.30 ? 165 TYR A CZ  1 
ATOM   988  O OH  . TYR A 1 142 ? 7.905   -4.755  6.929   1.00 13.09 ? 165 TYR A OH  1 
ATOM   989  N N   . THR A 1 143 ? 3.243   -1.857  11.243  1.00 18.54 ? 166 THR A N   1 
ATOM   990  C CA  . THR A 1 143 ? 2.981   -2.604  12.474  1.00 19.33 ? 166 THR A CA  1 
ATOM   991  C C   . THR A 1 143 ? 4.050   -3.672  12.787  1.00 20.05 ? 166 THR A C   1 
ATOM   992  O O   . THR A 1 143 ? 4.080   -4.220  13.902  1.00 20.59 ? 166 THR A O   1 
ATOM   993  C CB  . THR A 1 143 ? 1.624   -3.271  12.432  1.00 18.56 ? 166 THR A CB  1 
ATOM   994  O OG1 . THR A 1 143 ? 1.583   -4.169  11.311  1.00 20.15 ? 166 THR A OG1 1 
ATOM   995  C CG2 . THR A 1 143 ? 0.515   -2.227  12.292  1.00 19.87 ? 166 THR A CG2 1 
ATOM   996  N N   . LYS A 1 144 ? 4.880   -3.978  11.791  1.00 18.97 ? 167 LYS A N   1 
ATOM   997  C CA  . LYS A 1 144 ? 6.000   -4.920  11.937  1.00 20.14 ? 167 LYS A CA  1 
ATOM   998  C C   . LYS A 1 144 ? 7.311   -4.173  11.731  1.00 19.40 ? 167 LYS A C   1 
ATOM   999  O O   . LYS A 1 144 ? 8.313   -4.758  11.306  1.00 19.62 ? 167 LYS A O   1 
ATOM   1000 C CB  . LYS A 1 144 ? 5.870   -6.093  10.926  1.00 17.55 ? 167 LYS A CB  1 
ATOM   1001 C CG  . LYS A 1 144 ? 4.682   -6.925  11.191  1.00 22.40 ? 167 LYS A CG  1 
ATOM   1002 C CD  . LYS A 1 144 ? 4.783   -7.612  12.569  1.00 20.63 ? 167 LYS A CD  1 
ATOM   1003 C CE  . LYS A 1 144 ? 3.428   -8.052  13.023  1.00 25.31 ? 167 LYS A CE  1 
ATOM   1004 N NZ  . LYS A 1 144 ? 3.569   -8.839  14.284  1.00 30.21 ? 167 LYS A NZ  1 
ATOM   1005 N N   . ASN A 1 145 ? 7.304   -2.876  12.028  1.00 19.62 ? 168 ASN A N   1 
ATOM   1006 C CA  . ASN A 1 145 ? 8.483   -2.039  11.814  1.00 19.93 ? 168 ASN A CA  1 
ATOM   1007 C C   . ASN A 1 145 ? 9.735   -2.575  12.505  1.00 19.03 ? 168 ASN A C   1 
ATOM   1008 O O   . ASN A 1 145 ? 10.762  -2.811  11.847  1.00 17.84 ? 168 ASN A O   1 
ATOM   1009 C CB  . ASN A 1 145 ? 8.214   -0.571  12.263  1.00 19.06 ? 168 ASN A CB  1 
ATOM   1010 C CG  . ASN A 1 145 ? 9.347   0.380   11.898  1.00 20.70 ? 168 ASN A CG  1 
ATOM   1011 O OD1 . ASN A 1 145 ? 9.933   0.267   10.847  1.00 19.78 ? 168 ASN A OD1 1 
ATOM   1012 N ND2 . ASN A 1 145 ? 9.620   1.364   12.767  1.00 22.28 ? 168 ASN A ND2 1 
ATOM   1013 N N   . LEU A 1 146 ? 9.656   -2.752  13.823  1.00 19.91 ? 169 LEU A N   1 
ATOM   1014 C CA  . LEU A 1 146 ? 10.838  -3.230  14.563  1.00 22.03 ? 169 LEU A CA  1 
ATOM   1015 C C   . LEU A 1 146 ? 11.164  -4.694  14.215  1.00 23.18 ? 169 LEU A C   1 
ATOM   1016 O O   . LEU A 1 146 ? 12.327  -5.025  13.916  1.00 23.59 ? 169 LEU A O   1 
ATOM   1017 C CB  . LEU A 1 146 ? 10.746  -2.931  16.062  1.00 21.37 ? 169 LEU A CB  1 
ATOM   1018 C CG  . LEU A 1 146 ? 10.884  -1.423  16.417  1.00 21.50 ? 169 LEU A CG  1 
ATOM   1019 C CD1 . LEU A 1 146 ? 11.258  -1.253  17.871  1.00 25.66 ? 169 LEU A CD1 1 
ATOM   1020 C CD2 . LEU A 1 146 ? 11.886  -0.614  15.597  1.00 19.54 ? 169 LEU A CD2 1 
ATOM   1021 N N   . GLN A 1 147 ? 10.119  -5.515  14.115  1.00 23.62 ? 170 GLN A N   1 
ATOM   1022 C CA  . GLN A 1 147 ? 10.245  -6.948  13.789  1.00 24.50 ? 170 GLN A CA  1 
ATOM   1023 C C   . GLN A 1 147 ? 10.908  -7.220  12.430  1.00 25.48 ? 170 GLN A C   1 
ATOM   1024 O O   . GLN A 1 147 ? 11.707  -8.174  12.292  1.00 25.68 ? 170 GLN A O   1 
ATOM   1025 C CB  . GLN A 1 147 ? 8.901   -7.658  13.880  1.00 23.18 ? 170 GLN A CB  1 
ATOM   1026 C CG  . GLN A 1 147 ? 8.216   -7.556  15.237  1.00 24.19 ? 170 GLN A CG  1 
ATOM   1027 C CD  . GLN A 1 147 ? 7.339   -6.304  15.427  1.00 20.08 ? 170 GLN A CD  1 
ATOM   1028 O OE1 . GLN A 1 147 ? 7.534   -5.260  14.781  1.00 17.40 ? 170 GLN A OE1 1 
ATOM   1029 N NE2 . GLN A 1 147 ? 6.348   -6.424  16.299  1.00 18.92 ? 170 GLN A NE2 1 
ATOM   1030 N N   . ASN A 1 148 ? 10.600  -6.387  11.442  1.00 24.65 ? 171 ASN A N   1 
ATOM   1031 C CA  . ASN A 1 148 ? 11.115  -6.584  10.098  1.00 23.56 ? 171 ASN A CA  1 
ATOM   1032 C C   . ASN A 1 148 ? 12.280  -5.670  9.797   1.00 22.17 ? 171 ASN A C   1 
ATOM   1033 O O   . ASN A 1 148 ? 12.641  -5.470  8.644   1.00 21.12 ? 171 ASN A O   1 
ATOM   1034 C CB  . ASN A 1 148 ? 10.013  -6.399  9.048   1.00 24.08 ? 171 ASN A CB  1 
ATOM   1035 C CG  . ASN A 1 148 ? 9.109   -7.612  8.916   1.00 24.73 ? 171 ASN A CG  1 
ATOM   1036 O OD1 . ASN A 1 148 ? 9.379   -8.678  9.465   1.00 26.29 ? 171 ASN A OD1 1 
ATOM   1037 N ND2 . ASN A 1 148 ? 8.018   -7.445  8.192   1.00 17.64 ? 171 ASN A ND2 1 
ATOM   1038 N N   . LEU A 1 149 ? 12.859  -5.089  10.843  1.00 22.09 ? 172 LEU A N   1 
ATOM   1039 C CA  . LEU A 1 149 ? 14.001  -4.193  10.679  1.00 22.30 ? 172 LEU A CA  1 
ATOM   1040 C C   . LEU A 1 149 ? 13.796  -3.034  9.727   1.00 20.09 ? 172 LEU A C   1 
ATOM   1041 O O   . LEU A 1 149 ? 14.717  -2.668  9.015   1.00 19.26 ? 172 LEU A O   1 
ATOM   1042 C CB  . LEU A 1 149 ? 15.259  -4.975  10.263  1.00 22.42 ? 172 LEU A CB  1 
ATOM   1043 C CG  . LEU A 1 149 ? 15.692  -6.078  11.224  1.00 26.16 ? 172 LEU A CG  1 
ATOM   1044 C CD1 . LEU A 1 149 ? 16.692  -6.983  10.545  1.00 30.32 ? 172 LEU A CD1 1 
ATOM   1045 C CD2 . LEU A 1 149 ? 16.254  -5.497  12.521  1.00 28.96 ? 172 LEU A CD2 1 
ATOM   1046 N N   . GLY A 1 150 ? 12.604  -2.435  9.732   1.00 20.60 ? 173 GLY A N   1 
ATOM   1047 C CA  . GLY A 1 150 ? 12.318  -1.212  8.941   1.00 19.86 ? 173 GLY A CA  1 
ATOM   1048 C C   . GLY A 1 150 ? 12.184  -1.402  7.432   1.00 20.59 ? 173 GLY A C   1 
ATOM   1049 O O   . GLY A 1 150 ? 12.089  -0.434  6.655   1.00 20.84 ? 173 GLY A O   1 
ATOM   1050 N N   . ARG A 1 151 ? 12.145  -2.665  7.007   1.00 20.11 ? 174 ARG A N   1 
ATOM   1051 C CA  . ARG A 1 151 ? 12.134  -2.972  5.594   1.00 19.57 ? 174 ARG A CA  1 
ATOM   1052 C C   . ARG A 1 151 ? 11.069  -4.004  5.273   1.00 18.01 ? 174 ARG A C   1 
ATOM   1053 O O   . ARG A 1 151 ? 10.427  -4.598  6.178   1.00 18.70 ? 174 ARG A O   1 
ATOM   1054 C CB  . ARG A 1 151 ? 13.528  -3.469  5.150   1.00 17.95 ? 174 ARG A CB  1 
ATOM   1055 C CG  . ARG A 1 151 ? 13.834  -4.902  5.621   1.00 22.95 ? 174 ARG A CG  1 
ATOM   1056 C CD  . ARG A 1 151 ? 15.060  -5.545  4.943   1.00 21.23 ? 174 ARG A CD  1 
ATOM   1057 N NE  . ARG A 1 151 ? 14.917  -5.638  3.480   1.00 17.69 ? 174 ARG A NE  1 
ATOM   1058 C CZ  . ARG A 1 151 ? 15.945  -5.734  2.636   1.00 22.78 ? 174 ARG A CZ  1 
ATOM   1059 N NH1 . ARG A 1 151 ? 15.744  -5.820  1.321   1.00 21.35 ? 174 ARG A NH1 1 
ATOM   1060 N NH2 . ARG A 1 151 ? 17.182  -5.770  3.108   1.00 21.09 ? 174 ARG A NH2 1 
ATOM   1061 N N   . ILE A 1 152 ? 10.866  -4.203  3.964   1.00 16.82 ? 175 ILE A N   1 
ATOM   1062 C CA  . ILE A 1 152 ? 10.201  -5.381  3.453   1.00 15.92 ? 175 ILE A CA  1 
ATOM   1063 C C   . ILE A 1 152 ? 11.285  -6.403  3.123   1.00 16.34 ? 175 ILE A C   1 
ATOM   1064 O O   . ILE A 1 152 ? 12.200  -6.085  2.374   1.00 15.91 ? 175 ILE A O   1 
ATOM   1065 C CB  . ILE A 1 152 ? 9.403   -5.023  2.195   1.00 16.15 ? 175 ILE A CB  1 
ATOM   1066 C CG1 . ILE A 1 152 ? 8.277   -4.063  2.568   1.00 16.18 ? 175 ILE A CG1 1 
ATOM   1067 C CG2 . ILE A 1 152 ? 8.900   -6.313  1.474   1.00 14.77 ? 175 ILE A CG2 1 
ATOM   1068 C CD1 . ILE A 1 152 ? 7.322   -3.715  1.428   1.00 14.66 ? 175 ILE A CD1 1 
ATOM   1069 N N   . PRO A 1 153 ? 11.199  -7.618  3.694   1.00 17.13 ? 176 PRO A N   1 
ATOM   1070 C CA  . PRO A 1 153 ? 12.148  -8.650  3.336   1.00 18.05 ? 176 PRO A CA  1 
ATOM   1071 C C   . PRO A 1 153 ? 12.235  -8.834  1.819   1.00 18.82 ? 176 PRO A C   1 
ATOM   1072 O O   . PRO A 1 153 ? 11.187  -8.837  1.135   1.00 17.66 ? 176 PRO A O   1 
ATOM   1073 C CB  . PRO A 1 153 ? 11.550  -9.903  3.988   1.00 18.97 ? 176 PRO A CB  1 
ATOM   1074 C CG  . PRO A 1 153 ? 10.829  -9.392  5.168   1.00 19.98 ? 176 PRO A CG  1 
ATOM   1075 C CD  . PRO A 1 153 ? 10.200  -8.109  4.671   1.00 17.40 ? 176 PRO A CD  1 
ATOM   1076 N N   . ASN A 1 154 ? 13.473  -8.944  1.314   1.00 17.59 ? 177 ASN A N   1 
ATOM   1077 C CA  . ASN A 1 154 ? 13.783  -9.256  -0.077  1.00 18.41 ? 177 ASN A CA  1 
ATOM   1078 C C   . ASN A 1 154 ? 13.352  -8.175  -1.050  1.00 18.02 ? 177 ASN A C   1 
ATOM   1079 O O   . ASN A 1 154 ? 13.267  -8.429  -2.248  1.00 20.56 ? 177 ASN A O   1 
ATOM   1080 C CB  . ASN A 1 154 ? 13.186  -10.596 -0.544  1.00 17.61 ? 177 ASN A CB  1 
ATOM   1081 C CG  . ASN A 1 154 ? 13.324  -11.704 0.459   1.00 21.02 ? 177 ASN A CG  1 
ATOM   1082 O OD1 . ASN A 1 154 ? 14.424  -12.022 0.915   1.00 23.67 ? 177 ASN A OD1 1 
ATOM   1083 N ND2 . ASN A 1 154 ? 12.205  -12.328 0.791   1.00 20.05 ? 177 ASN A ND2 1 
ATOM   1084 N N   . PHE A 1 155 ? 13.072  -6.977  -0.545  1.00 16.85 ? 178 PHE A N   1 
ATOM   1085 C CA  . PHE A 1 155 ? 12.689  -5.845  -1.364  1.00 17.20 ? 178 PHE A CA  1 
ATOM   1086 C C   . PHE A 1 155 ? 13.597  -4.677  -1.025  1.00 18.15 ? 178 PHE A C   1 
ATOM   1087 O O   . PHE A 1 155 ? 13.852  -4.421  0.150   1.00 17.02 ? 178 PHE A O   1 
ATOM   1088 C CB  . PHE A 1 155 ? 11.190  -5.473  -1.179  1.00 16.09 ? 178 PHE A CB  1 
ATOM   1089 C CG  . PHE A 1 155 ? 10.717  -4.346  -2.073  1.00 14.35 ? 178 PHE A CG  1 
ATOM   1090 C CD1 . PHE A 1 155 ? 10.488  -4.565  -3.429  1.00 15.71 ? 178 PHE A CD1 1 
ATOM   1091 C CD2 . PHE A 1 155 ? 10.488  -3.053  -1.555  1.00 13.33 ? 178 PHE A CD2 1 
ATOM   1092 C CE1 . PHE A 1 155 ? 10.062  -3.542  -4.259  1.00 13.99 ? 178 PHE A CE1 1 
ATOM   1093 C CE2 . PHE A 1 155 ? 10.065  -2.017  -2.394  1.00 15.15 ? 178 PHE A CE2 1 
ATOM   1094 C CZ  . PHE A 1 155 ? 9.864   -2.234  -3.722  1.00 14.56 ? 178 PHE A CZ  1 
ATOM   1095 N N   . GLU A 1 156 ? 14.110  -4.009  -2.066  1.00 19.01 ? 179 GLU A N   1 
ATOM   1096 C CA  . GLU A 1 156 ? 15.097  -2.948  -1.926  1.00 20.62 ? 179 GLU A CA  1 
ATOM   1097 C C   . GLU A 1 156 ? 14.651  -1.897  -0.911  1.00 20.48 ? 179 GLU A C   1 
ATOM   1098 O O   . GLU A 1 156 ? 13.577  -1.294  -1.052  1.00 20.21 ? 179 GLU A O   1 
ATOM   1099 C CB  . GLU A 1 156 ? 15.422  -2.270  -3.277  1.00 20.17 ? 179 GLU A CB  1 
ATOM   1100 C CG  . GLU A 1 156 ? 16.078  -3.185  -4.392  1.00 24.99 ? 179 GLU A CG  1 
ATOM   1101 C CD  . GLU A 1 156 ? 16.235  -2.468  -5.792  1.00 25.57 ? 179 GLU A CD  1 
ATOM   1102 O OE1 . GLU A 1 156 ? 16.374  -1.224  -5.868  1.00 33.73 ? 179 GLU A OE1 1 
ATOM   1103 O OE2 . GLU A 1 156 ? 16.201  -3.142  -6.845  1.00 28.95 ? 179 GLU A OE2 1 
ATOM   1104 N N   . THR A 1 157 ? 15.477  -1.704  0.110   1.00 18.37 ? 180 THR A N   1 
ATOM   1105 C CA  . THR A 1 157 ? 15.254  -0.689  1.140   1.00 20.82 ? 180 THR A CA  1 
ATOM   1106 C C   . THR A 1 157 ? 15.232  0.726   0.546   1.00 21.49 ? 180 THR A C   1 
ATOM   1107 O O   . THR A 1 157 ? 14.532  1.584   1.049   1.00 22.99 ? 180 THR A O   1 
ATOM   1108 C CB  . THR A 1 157 ? 16.282  -0.805  2.310   1.00 20.18 ? 180 THR A CB  1 
ATOM   1109 O OG1 . THR A 1 157 ? 17.587  -0.500  1.822   1.00 23.54 ? 180 THR A OG1 1 
ATOM   1110 C CG2 . THR A 1 157 ? 16.328  -2.206  2.833   1.00 20.83 ? 180 THR A CG2 1 
ATOM   1111 N N   . SER A 1 158 ? 15.945  0.952   -0.567  1.00 23.04 ? 181 SER A N   1 
ATOM   1112 C CA  . SER A 1 158 ? 15.943  2.252   -1.251  1.00 22.23 ? 181 SER A CA  1 
ATOM   1113 C C   . SER A 1 158 ? 14.573  2.658   -1.806  1.00 20.81 ? 181 SER A C   1 
ATOM   1114 O O   . SER A 1 158 ? 14.251  3.850   -1.943  1.00 18.66 ? 181 SER A O   1 
ATOM   1115 C CB  . SER A 1 158 ? 16.993  2.265   -2.374  1.00 23.44 ? 181 SER A CB  1 
ATOM   1116 O OG  . SER A 1 158 ? 16.488  1.778   -3.618  1.00 26.22 ? 181 SER A OG  1 
ATOM   1117 N N   . LYS A 1 159 ? 13.778  1.655   -2.146  1.00 20.26 ? 182 LYS A N   1 
ATOM   1118 C CA  . LYS A 1 159 ? 12.459  1.873   -2.740  1.00 18.98 ? 182 LYS A CA  1 
ATOM   1119 C C   . LYS A 1 159 ? 11.363  1.872   -1.659  1.00 17.16 ? 182 LYS A C   1 
ATOM   1120 O O   . LYS A 1 159 ? 10.188  2.004   -1.973  1.00 16.96 ? 182 LYS A O   1 
ATOM   1121 C CB  . LYS A 1 159 ? 12.186  0.818   -3.837  1.00 18.57 ? 182 LYS A CB  1 
ATOM   1122 C CG  . LYS A 1 159 ? 13.275  0.790   -4.927  1.00 19.09 ? 182 LYS A CG  1 
ATOM   1123 C CD  . LYS A 1 159 ? 12.764  0.081   -6.158  1.00 20.04 ? 182 LYS A CD  1 
ATOM   1124 C CE  . LYS A 1 159 ? 12.772  -1.420  -5.985  1.00 12.82 ? 182 LYS A CE  1 
ATOM   1125 N NZ  . LYS A 1 159 ? 12.314  -1.921  -7.311  1.00 23.01 ? 182 LYS A NZ  1 
ATOM   1126 N N   . THR A 1 160 ? 11.780  1.780   -0.393  1.00 16.36 ? 183 THR A N   1 
ATOM   1127 C CA  . THR A 1 160 ? 10.875  1.628   0.765   1.00 16.33 ? 183 THR A CA  1 
ATOM   1128 C C   . THR A 1 160 ? 10.927  2.827   1.745   1.00 17.08 ? 183 THR A C   1 
ATOM   1129 O O   . THR A 1 160 ? 11.981  3.180   2.268   1.00 16.39 ? 183 THR A O   1 
ATOM   1130 C CB  . THR A 1 160 ? 11.209  0.327   1.531   1.00 15.98 ? 183 THR A CB  1 
ATOM   1131 O OG1 . THR A 1 160 ? 11.221  -0.789  0.607   1.00 18.70 ? 183 THR A OG1 1 
ATOM   1132 C CG2 . THR A 1 160 ? 10.200  0.052   2.689   1.00 17.22 ? 183 THR A CG2 1 
ATOM   1133 N N   . GLU A 1 161 ? 9.775   3.416   2.040   1.00 17.41 ? 184 GLU A N   1 
ATOM   1134 C CA  . GLU A 1 161 ? 9.725   4.436   3.102   1.00 17.50 ? 184 GLU A CA  1 
ATOM   1135 C C   . GLU A 1 161 ? 8.738   4.076   4.231   1.00 16.80 ? 184 GLU A C   1 
ATOM   1136 O O   . GLU A 1 161 ? 7.553   3.877   3.971   1.00 14.81 ? 184 GLU A O   1 
ATOM   1137 C CB  . GLU A 1 161 ? 9.332   5.785   2.510   1.00 18.45 ? 184 GLU A CB  1 
ATOM   1138 C CG  . GLU A 1 161 ? 9.453   6.967   3.544   1.00 21.36 ? 184 GLU A CG  1 
ATOM   1139 C CD  . GLU A 1 161 ? 10.896  7.251   3.993   1.00 28.29 ? 184 GLU A CD  1 
ATOM   1140 O OE1 . GLU A 1 161 ? 11.835  7.000   3.220   1.00 28.58 ? 184 GLU A OE1 1 
ATOM   1141 O OE2 . GLU A 1 161 ? 11.094  7.737   5.121   1.00 31.71 ? 184 GLU A OE2 1 
ATOM   1142 N N   . VAL A 1 162 ? 9.225   4.026   5.467   1.00 15.84 ? 185 VAL A N   1 
ATOM   1143 C CA  . VAL A 1 162 ? 8.359   3.872   6.639   1.00 15.29 ? 185 VAL A CA  1 
ATOM   1144 C C   . VAL A 1 162 ? 7.991   5.266   7.212   1.00 17.26 ? 185 VAL A C   1 
ATOM   1145 O O   . VAL A 1 162 ? 8.840   6.142   7.340   1.00 15.67 ? 185 VAL A O   1 
ATOM   1146 C CB  . VAL A 1 162 ? 8.989   2.938   7.710   1.00 15.46 ? 185 VAL A CB  1 
ATOM   1147 C CG1 . VAL A 1 162 ? 8.103   2.825   8.948   1.00 14.32 ? 185 VAL A CG1 1 
ATOM   1148 C CG2 . VAL A 1 162 ? 9.242   1.496   7.084   1.00 10.64 ? 185 VAL A CG2 1 
ATOM   1149 N N   . TYR A 1 163 ? 6.702   5.458   7.503   1.00 18.07 ? 186 TYR A N   1 
ATOM   1150 C CA  . TYR A 1 163 ? 6.252   6.631   8.243   1.00 18.59 ? 186 TYR A CA  1 
ATOM   1151 C C   . TYR A 1 163 ? 5.721   6.183   9.598   1.00 19.46 ? 186 TYR A C   1 
ATOM   1152 O O   . TYR A 1 163 ? 4.825   5.336   9.686   1.00 19.30 ? 186 TYR A O   1 
ATOM   1153 C CB  . TYR A 1 163 ? 5.223   7.437   7.453   1.00 19.13 ? 186 TYR A CB  1 
ATOM   1154 C CG  . TYR A 1 163 ? 5.744   7.903   6.103   1.00 19.75 ? 186 TYR A CG  1 
ATOM   1155 C CD1 . TYR A 1 163 ? 5.573   7.105   4.956   1.00 22.16 ? 186 TYR A CD1 1 
ATOM   1156 C CD2 . TYR A 1 163 ? 6.430   9.116   5.973   1.00 20.45 ? 186 TYR A CD2 1 
ATOM   1157 C CE1 . TYR A 1 163 ? 6.058   7.516   3.733   1.00 21.46 ? 186 TYR A CE1 1 
ATOM   1158 C CE2 . TYR A 1 163 ? 6.915   9.535   4.773   1.00 20.89 ? 186 TYR A CE2 1 
ATOM   1159 C CZ  . TYR A 1 163 ? 6.719   8.731   3.644   1.00 21.44 ? 186 TYR A CZ  1 
ATOM   1160 O OH  . TYR A 1 163 ? 7.197   9.143   2.438   1.00 26.26 ? 186 TYR A OH  1 
ATOM   1161 N N   . CYS A 1 164 ? 6.364   6.689   10.654  1.00 20.44 ? 187 CYS A N   1 
ATOM   1162 C CA  . CYS A 1 164 ? 5.929   6.460   12.021  1.00 23.20 ? 187 CYS A CA  1 
ATOM   1163 C C   . CYS A 1 164 ? 5.721   7.785   12.727  1.00 22.71 ? 187 CYS A C   1 
ATOM   1164 O O   . CYS A 1 164 ? 6.506   8.695   12.569  1.00 21.85 ? 187 CYS A O   1 
ATOM   1165 C CB  . CYS A 1 164 ? 6.932   5.587   12.792  1.00 22.55 ? 187 CYS A CB  1 
ATOM   1166 S SG  . CYS A 1 164 ? 6.922   3.848   12.219  1.00 30.84 ? 187 CYS A SG  1 
ATOM   1167 N N   . ASP A 1 165 ? 4.643   7.861   13.496  1.00 24.64 ? 188 ASP A N   1 
ATOM   1168 C CA  . ASP A 1 165 ? 4.396   8.983   14.383  1.00 27.60 ? 188 ASP A CA  1 
ATOM   1169 C C   . ASP A 1 165 ? 4.835   8.488   15.753  1.00 28.58 ? 188 ASP A C   1 
ATOM   1170 O O   . ASP A 1 165 ? 4.860   7.279   16.017  1.00 28.88 ? 188 ASP A O   1 
ATOM   1171 C CB  . ASP A 1 165 ? 2.905   9.356   14.367  1.00 27.87 ? 188 ASP A CB  1 
ATOM   1172 C CG  . ASP A 1 165 ? 2.604   10.664  15.090  1.00 29.22 ? 188 ASP A CG  1 
ATOM   1173 O OD1 . ASP A 1 165 ? 2.244   10.603  16.275  1.00 32.31 ? 188 ASP A OD1 1 
ATOM   1174 O OD2 . ASP A 1 165 ? 2.707   11.743  14.472  1.00 29.71 ? 188 ASP A OD2 1 
ATOM   1175 N N   . ILE A 1 166 ? 5.211   9.412   16.625  1.00 30.26 ? 189 ILE A N   1 
ATOM   1176 C CA  . ILE A 1 166 ? 5.699   9.005   17.936  1.00 31.12 ? 189 ILE A CA  1 
ATOM   1177 C C   . ILE A 1 166 ? 4.565   8.483   18.831  1.00 30.50 ? 189 ILE A C   1 
ATOM   1178 O O   . ILE A 1 166 ? 4.787   7.644   19.690  1.00 30.35 ? 189 ILE A O   1 
ATOM   1179 C CB  . ILE A 1 166 ? 6.641   10.099  18.600  1.00 32.61 ? 189 ILE A CB  1 
ATOM   1180 C CG1 . ILE A 1 166 ? 7.329   9.521   19.848  1.00 32.48 ? 189 ILE A CG1 1 
ATOM   1181 C CG2 . ILE A 1 166 ? 5.918   11.441  18.821  1.00 32.48 ? 189 ILE A CG2 1 
ATOM   1182 C CD1 . ILE A 1 166 ? 8.088   8.159   19.581  1.00 30.61 ? 189 ILE A CD1 1 
ATOM   1183 N N   . ALA A 1 167 ? 3.339   8.947   18.588  1.00 31.18 ? 190 ALA A N   1 
ATOM   1184 C CA  . ALA A 1 167 ? 2.153   8.442   19.305  1.00 31.21 ? 190 ALA A CA  1 
ATOM   1185 C C   . ALA A 1 167 ? 1.718   7.049   18.812  1.00 30.33 ? 190 ALA A C   1 
ATOM   1186 O O   . ALA A 1 167 ? 0.636   6.555   19.160  1.00 32.37 ? 190 ALA A O   1 
ATOM   1187 C CB  . ALA A 1 167 ? 0.982   9.456   19.193  1.00 30.90 ? 190 ALA A CB  1 
ATOM   1188 N N   . ASP A 1 168 ? 2.551   6.423   17.986  1.00 29.47 ? 191 ASP A N   1 
ATOM   1189 C CA  . ASP A 1 168 ? 2.191   5.167   17.339  1.00 27.10 ? 191 ASP A CA  1 
ATOM   1190 C C   . ASP A 1 168 ? 3.176   4.132   17.857  1.00 25.74 ? 191 ASP A C   1 
ATOM   1191 O O   . ASP A 1 168 ? 4.235   3.944   17.268  1.00 24.21 ? 191 ASP A O   1 
ATOM   1192 C CB  . ASP A 1 168 ? 2.255   5.330   15.808  1.00 26.94 ? 191 ASP A CB  1 
ATOM   1193 C CG  . ASP A 1 168 ? 1.728   4.122   15.046  1.00 26.59 ? 191 ASP A CG  1 
ATOM   1194 O OD1 . ASP A 1 168 ? 1.543   3.022   15.624  1.00 25.72 ? 191 ASP A OD1 1 
ATOM   1195 O OD2 . ASP A 1 168 ? 1.514   4.278   13.828  1.00 24.52 ? 191 ASP A OD2 1 
ATOM   1196 N N   . ALA A 1 169 ? 2.821   3.494   18.981  1.00 24.15 ? 192 ALA A N   1 
ATOM   1197 C CA  . ALA A 1 169 ? 3.708   2.559   19.677  1.00 23.91 ? 192 ALA A CA  1 
ATOM   1198 C C   . ALA A 1 169 ? 3.861   1.223   18.918  1.00 23.37 ? 192 ALA A C   1 
ATOM   1199 O O   . ALA A 1 169 ? 4.812   0.471   19.148  1.00 24.75 ? 192 ALA A O   1 
ATOM   1200 C CB  . ALA A 1 169 ? 3.204   2.306   21.095  1.00 23.97 ? 192 ALA A CB  1 
ATOM   1201 N N   . VAL A 1 170 ? 2.938   0.943   18.008  1.00 21.20 ? 193 VAL A N   1 
ATOM   1202 C CA  . VAL A 1 170 ? 2.972   -0.301  17.233  1.00 18.90 ? 193 VAL A CA  1 
ATOM   1203 C C   . VAL A 1 170 ? 4.127   -0.285  16.205  1.00 18.28 ? 193 VAL A C   1 
ATOM   1204 O O   . VAL A 1 170 ? 4.633   -1.336  15.799  1.00 19.39 ? 193 VAL A O   1 
ATOM   1205 C CB  . VAL A 1 170 ? 1.578   -0.582  16.608  1.00 17.14 ? 193 VAL A CB  1 
ATOM   1206 C CG1 . VAL A 1 170 ? 1.559   -1.880  15.822  1.00 17.66 ? 193 VAL A CG1 1 
ATOM   1207 C CG2 . VAL A 1 170 ? 0.533   -0.684  17.740  1.00 18.31 ? 193 VAL A CG2 1 
ATOM   1208 N N   . CYS A 1 171 ? 4.486   0.921   15.781  1.00 19.52 ? 194 CYS A N   1 
ATOM   1209 C CA  . CYS A 1 171 ? 5.663   1.192   14.956  1.00 20.57 ? 194 CYS A CA  1 
ATOM   1210 C C   . CYS A 1 171 ? 6.992   0.826   15.642  1.00 20.52 ? 194 CYS A C   1 
ATOM   1211 O O   . CYS A 1 171 ? 8.016   0.730   14.995  1.00 21.15 ? 194 CYS A O   1 
ATOM   1212 C CB  . CYS A 1 171 ? 5.703   2.675   14.656  1.00 21.35 ? 194 CYS A CB  1 
ATOM   1213 S SG  . CYS A 1 171 ? 5.244   3.121   13.040  1.00 28.99 ? 194 CYS A SG  1 
ATOM   1214 N N   . TYR A 1 172 ? 6.950   0.648   16.957  1.00 21.22 ? 195 TYR A N   1 
ATOM   1215 C CA  . TYR A 1 172 ? 8.144   0.616   17.803  1.00 22.03 ? 195 TYR A CA  1 
ATOM   1216 C C   . TYR A 1 172 ? 8.107   -0.572  18.749  1.00 23.32 ? 195 TYR A C   1 
ATOM   1217 O O   . TYR A 1 172 ? 8.573   -0.480  19.893  1.00 23.40 ? 195 TYR A O   1 
ATOM   1218 C CB  . TYR A 1 172 ? 8.299   1.942   18.578  1.00 19.77 ? 195 TYR A CB  1 
ATOM   1219 C CG  . TYR A 1 172 ? 8.553   3.127   17.667  1.00 19.84 ? 195 TYR A CG  1 
ATOM   1220 C CD1 . TYR A 1 172 ? 7.598   4.154   17.524  1.00 14.69 ? 195 TYR A CD1 1 
ATOM   1221 C CD2 . TYR A 1 172 ? 9.732   3.216   16.939  1.00 14.84 ? 195 TYR A CD2 1 
ATOM   1222 C CE1 . TYR A 1 172 ? 7.837   5.243   16.696  1.00 15.81 ? 195 TYR A CE1 1 
ATOM   1223 C CE2 . TYR A 1 172 ? 9.952   4.260   16.097  1.00 17.88 ? 195 TYR A CE2 1 
ATOM   1224 C CZ  . TYR A 1 172 ? 9.016   5.283   15.993  1.00 17.45 ? 195 TYR A CZ  1 
ATOM   1225 O OH  . TYR A 1 172 ? 9.276   6.339   15.176  1.00 18.76 ? 195 TYR A OH  1 
ATOM   1226 N N   . GLY A 1 173 ? 7.533   -1.679  18.260  1.00 23.85 ? 196 GLY A N   1 
ATOM   1227 C CA  . GLY A 1 173 ? 7.531   -2.944  18.971  1.00 25.19 ? 196 GLY A CA  1 
ATOM   1228 C C   . GLY A 1 173 ? 6.318   -3.324  19.791  1.00 26.02 ? 196 GLY A C   1 
ATOM   1229 O O   . GLY A 1 173 ? 6.153   -4.501  20.126  1.00 27.12 ? 196 GLY A O   1 
ATOM   1230 N N   . THR A 1 174 ? 5.467   -2.357  20.129  1.00 26.02 ? 197 THR A N   1 
ATOM   1231 C CA  . THR A 1 174 ? 4.286   -2.637  20.969  1.00 26.53 ? 197 THR A CA  1 
ATOM   1232 C C   . THR A 1 174 ? 3.271   -3.495  20.225  1.00 26.69 ? 197 THR A C   1 
ATOM   1233 O O   . THR A 1 174 ? 3.096   -3.348  19.001  1.00 24.21 ? 197 THR A O   1 
ATOM   1234 C CB  . THR A 1 174 ? 3.636   -1.326  21.492  1.00 27.57 ? 197 THR A CB  1 
ATOM   1235 O OG1 . THR A 1 174 ? 4.611   -0.603  22.260  1.00 30.67 ? 197 THR A OG1 1 
ATOM   1236 C CG2 . THR A 1 174 ? 2.422   -1.593  22.380  1.00 28.87 ? 197 THR A CG2 1 
ATOM   1237 N N   . LEU A 1 175 ? 2.625   -4.409  20.957  1.00 26.12 ? 198 LEU A N   1 
ATOM   1238 C CA  . LEU A 1 175 ? 1.589   -5.233  20.351  1.00 26.27 ? 198 LEU A CA  1 
ATOM   1239 C C   . LEU A 1 175 ? 0.464   -4.362  19.820  1.00 25.95 ? 198 LEU A C   1 
ATOM   1240 O O   . LEU A 1 175 ? 0.221   -3.258  20.318  1.00 22.95 ? 198 LEU A O   1 
ATOM   1241 C CB  . LEU A 1 175 ? 1.058   -6.327  21.279  1.00 26.67 ? 198 LEU A CB  1 
ATOM   1242 C CG  . LEU A 1 175 ? 1.892   -7.616  21.355  1.00 26.66 ? 198 LEU A CG  1 
ATOM   1243 C CD1 . LEU A 1 175 ? 0.957   -8.755  21.116  1.00 25.34 ? 198 LEU A CD1 1 
ATOM   1244 C CD2 . LEU A 1 175 ? 3.076   -7.672  20.343  1.00 28.20 ? 198 LEU A CD2 1 
ATOM   1245 N N   . PHE A 1 176 ? -0.175  -4.865  18.771  1.00 25.18 ? 199 PHE A N   1 
ATOM   1246 C CA  . PHE A 1 176 ? -1.128  -4.090  18.018  1.00 25.16 ? 199 PHE A CA  1 
ATOM   1247 C C   . PHE A 1 176 ? -2.305  -3.594  18.871  1.00 25.36 ? 199 PHE A C   1 
ATOM   1248 O O   . PHE A 1 176 ? -2.915  -4.375  19.636  1.00 24.52 ? 199 PHE A O   1 
ATOM   1249 C CB  . PHE A 1 176 ? -1.664  -4.897  16.823  1.00 24.11 ? 199 PHE A CB  1 
ATOM   1250 C CG  . PHE A 1 176 ? -2.677  -4.150  16.028  1.00 22.09 ? 199 PHE A CG  1 
ATOM   1251 C CD1 . PHE A 1 176 ? -4.040  -4.268  16.307  1.00 21.30 ? 199 PHE A CD1 1 
ATOM   1252 C CD2 . PHE A 1 176 ? -2.272  -3.277  15.030  1.00 22.29 ? 199 PHE A CD2 1 
ATOM   1253 C CE1 . PHE A 1 176 ? -4.981  -3.535  15.598  1.00 21.18 ? 199 PHE A CE1 1 
ATOM   1254 C CE2 . PHE A 1 176 ? -3.223  -2.536  14.306  1.00 22.55 ? 199 PHE A CE2 1 
ATOM   1255 C CZ  . PHE A 1 176 ? -4.574  -2.664  14.587  1.00 20.63 ? 199 PHE A CZ  1 
ATOM   1256 N N   . ILE A 1 177 ? -2.617  -2.307  18.695  1.00 24.39 ? 200 ILE A N   1 
ATOM   1257 C CA  . ILE A 1 177 ? -3.827  -1.658  19.223  1.00 25.51 ? 200 ILE A CA  1 
ATOM   1258 C C   . ILE A 1 177 ? -4.498  -0.943  18.053  1.00 25.63 ? 200 ILE A C   1 
ATOM   1259 O O   . ILE A 1 177 ? -3.804  -0.405  17.202  1.00 25.72 ? 200 ILE A O   1 
ATOM   1260 C CB  . ILE A 1 177 ? -3.451  -0.621  20.321  1.00 25.26 ? 200 ILE A CB  1 
ATOM   1261 C CG1 . ILE A 1 177 ? -2.862  -1.322  21.551  1.00 27.35 ? 200 ILE A CG1 1 
ATOM   1262 C CG2 . ILE A 1 177 ? -4.630  0.298   20.707  1.00 28.25 ? 200 ILE A CG2 1 
ATOM   1263 C CD1 . ILE A 1 177 ? -3.781  -2.328  22.138  1.00 23.72 ? 200 ILE A CD1 1 
ATOM   1264 N N   . LEU A 1 178 ? -5.825  -0.945  17.984  1.00 25.46 ? 201 LEU A N   1 
ATOM   1265 C CA  . LEU A 1 178 ? -6.501  -0.212  16.922  1.00 26.82 ? 201 LEU A CA  1 
ATOM   1266 C C   . LEU A 1 178 ? -6.248  1.288   17.123  1.00 27.77 ? 201 LEU A C   1 
ATOM   1267 O O   . LEU A 1 178 ? -6.631  1.844   18.164  1.00 28.79 ? 201 LEU A O   1 
ATOM   1268 C CB  . LEU A 1 178 ? -8.005  -0.518  16.929  1.00 27.53 ? 201 LEU A CB  1 
ATOM   1269 C CG  . LEU A 1 178 ? -8.937  -0.113  15.771  1.00 28.49 ? 201 LEU A CG  1 
ATOM   1270 C CD1 . LEU A 1 178 ? -8.711  -1.014  14.573  1.00 31.52 ? 201 LEU A CD1 1 
ATOM   1271 C CD2 . LEU A 1 178 ? -10.398 -0.217  16.217  1.00 31.00 ? 201 LEU A CD2 1 
ATOM   1272 N N   . PRO A 1 179 ? -5.607  1.959   16.130  1.00 28.08 ? 202 PRO A N   1 
ATOM   1273 C CA  . PRO A 1 179 ? -5.330  3.387   16.322  1.00 27.39 ? 202 PRO A CA  1 
ATOM   1274 C C   . PRO A 1 179 ? -6.606  4.203   16.566  1.00 26.98 ? 202 PRO A C   1 
ATOM   1275 O O   . PRO A 1 179 ? -7.537  4.194   15.737  1.00 25.70 ? 202 PRO A O   1 
ATOM   1276 C CB  . PRO A 1 179 ? -4.634  3.809   15.017  1.00 25.94 ? 202 PRO A CB  1 
ATOM   1277 C CG  . PRO A 1 179 ? -4.886  2.723   14.029  1.00 27.91 ? 202 PRO A CG  1 
ATOM   1278 C CD  . PRO A 1 179 ? -5.129  1.468   14.812  1.00 28.00 ? 202 PRO A CD  1 
ATOM   1279 N N   . ALA A 1 180 ? -6.600  4.892   17.709  1.00 28.01 ? 203 ALA A N   1 
ATOM   1280 C CA  . ALA A 1 180 ? -7.661  5.788   18.167  1.00 28.40 ? 203 ALA A CA  1 
ATOM   1281 C C   . ALA A 1 180 ? -7.775  7.043   17.304  1.00 28.58 ? 203 ALA A C   1 
ATOM   1282 O O   . ALA A 1 180 ? -8.865  7.596   17.160  1.00 27.47 ? 203 ALA A O   1 
ATOM   1283 C CB  . ALA A 1 180 ? -7.403  6.182   19.618  1.00 28.93 ? 203 ALA A CB  1 
ATOM   1284 N N   . HIS A 1 181 ? -6.639  7.502   16.759  1.00 28.41 ? 204 HIS A N   1 
ATOM   1285 C CA  . HIS A 1 181 ? -6.610  8.673   15.870  1.00 28.43 ? 204 HIS A CA  1 
ATOM   1286 C C   . HIS A 1 181 ? -5.817  8.368   14.629  1.00 27.17 ? 204 HIS A C   1 
ATOM   1287 O O   . HIS A 1 181 ? -4.808  7.664   14.692  1.00 27.08 ? 204 HIS A O   1 
ATOM   1288 C CB  . HIS A 1 181 ? -5.968  9.868   16.582  1.00 29.98 ? 204 HIS A CB  1 
ATOM   1289 C CG  . HIS A 1 181 ? -6.707  10.292  17.806  1.00 35.81 ? 204 HIS A CG  1 
ATOM   1290 N ND1 . HIS A 1 181 ? -7.606  11.340  17.809  1.00 39.75 ? 204 HIS A ND1 1 
ATOM   1291 C CD2 . HIS A 1 181 ? -6.734  9.767   19.058  1.00 38.43 ? 204 HIS A CD2 1 
ATOM   1292 C CE1 . HIS A 1 181 ? -8.133  11.456  19.017  1.00 40.39 ? 204 HIS A CE1 1 
ATOM   1293 N NE2 . HIS A 1 181 ? -7.627  10.511  19.789  1.00 37.58 ? 204 HIS A NE2 1 
ATOM   1294 N N   . PHE A 1 182 ? -6.264  8.898   13.494  1.00 25.11 ? 205 PHE A N   1 
ATOM   1295 C CA  . PHE A 1 182 ? -5.440  8.880   12.303  1.00 24.08 ? 205 PHE A CA  1 
ATOM   1296 C C   . PHE A 1 182 ? -4.259  9.853   12.463  1.00 23.80 ? 205 PHE A C   1 
ATOM   1297 O O   . PHE A 1 182 ? -4.460  11.065  12.597  1.00 23.44 ? 205 PHE A O   1 
ATOM   1298 C CB  . PHE A 1 182 ? -6.266  9.224   11.056  1.00 22.27 ? 205 PHE A CB  1 
ATOM   1299 C CG  . PHE A 1 182 ? -5.459  9.255   9.785   1.00 21.08 ? 205 PHE A CG  1 
ATOM   1300 C CD1 . PHE A 1 182 ? -5.454  10.389  8.965   1.00 17.73 ? 205 PHE A CD1 1 
ATOM   1301 C CD2 . PHE A 1 182 ? -4.717  8.142   9.376   1.00 18.51 ? 205 PHE A CD2 1 
ATOM   1302 C CE1 . PHE A 1 182 ? -4.704  10.417  7.759   1.00 16.08 ? 205 PHE A CE1 1 
ATOM   1303 C CE2 . PHE A 1 182 ? -3.959  8.174   8.157   1.00 15.00 ? 205 PHE A CE2 1 
ATOM   1304 C CZ  . PHE A 1 182 ? -3.962  9.281   7.368   1.00 12.84 ? 205 PHE A CZ  1 
ATOM   1305 N N   . LEU A 1 183 ? -3.034  9.333   12.390  1.00 22.51 ? 206 LEU A N   1 
ATOM   1306 C CA  . LEU A 1 183 ? -1.850  10.137  12.687  1.00 22.09 ? 206 LEU A CA  1 
ATOM   1307 C C   . LEU A 1 183 ? -1.047  10.569  11.471  1.00 21.20 ? 206 LEU A C   1 
ATOM   1308 O O   . LEU A 1 183 ? -0.061  11.279  11.628  1.00 21.76 ? 206 LEU A O   1 
ATOM   1309 C CB  . LEU A 1 183 ? -0.910  9.394   13.667  1.00 22.04 ? 206 LEU A CB  1 
ATOM   1310 C CG  . LEU A 1 183 ? -1.459  9.035   15.058  1.00 22.51 ? 206 LEU A CG  1 
ATOM   1311 C CD1 . LEU A 1 183 ? -0.452  8.152   15.837  1.00 19.45 ? 206 LEU A CD1 1 
ATOM   1312 C CD2 . LEU A 1 183 ? -1.833  10.275  15.887  1.00 19.46 ? 206 LEU A CD2 1 
ATOM   1313 N N   . TYR A 1 184 ? -1.457  10.158  10.264  1.00 19.01 ? 207 TYR A N   1 
ATOM   1314 C CA  . TYR A 1 184 ? -0.587  10.281  9.092   1.00 17.13 ? 207 TYR A CA  1 
ATOM   1315 C C   . TYR A 1 184 ? -1.106  11.223  8.023   1.00 16.68 ? 207 TYR A C   1 
ATOM   1316 O O   . TYR A 1 184 ? -0.831  11.042  6.846   1.00 16.73 ? 207 TYR A O   1 
ATOM   1317 C CB  . TYR A 1 184 ? -0.292  8.869   8.518   1.00 15.47 ? 207 TYR A CB  1 
ATOM   1318 C CG  . TYR A 1 184 ? 0.450   8.057   9.547   1.00 14.60 ? 207 TYR A CG  1 
ATOM   1319 C CD1 . TYR A 1 184 ? 1.833   8.241   9.731   1.00 16.97 ? 207 TYR A CD1 1 
ATOM   1320 C CD2 . TYR A 1 184 ? -0.210  7.160   10.367  1.00 13.64 ? 207 TYR A CD2 1 
ATOM   1321 C CE1 . TYR A 1 184 ? 2.525   7.539   10.702  1.00 17.96 ? 207 TYR A CE1 1 
ATOM   1322 C CE2 . TYR A 1 184 ? 0.491   6.445   11.369  1.00 15.00 ? 207 TYR A CE2 1 
ATOM   1323 C CZ  . TYR A 1 184 ? 1.849   6.642   11.524  1.00 16.39 ? 207 TYR A CZ  1 
ATOM   1324 O OH  . TYR A 1 184 ? 2.561   5.936   12.510  1.00 14.43 ? 207 TYR A OH  1 
ATOM   1325 N N   . GLN A 1 185 ? -1.872  12.236  8.415   1.00 18.78 ? 208 GLN A N   1 
ATOM   1326 C CA  . GLN A 1 185 ? -2.401  13.132  7.411   1.00 20.40 ? 208 GLN A CA  1 
ATOM   1327 C C   . GLN A 1 185 ? -1.298  13.815  6.598   1.00 21.28 ? 208 GLN A C   1 
ATOM   1328 O O   . GLN A 1 185 ? -1.349  13.798  5.363   1.00 20.36 ? 208 GLN A O   1 
ATOM   1329 C CB  . GLN A 1 185 ? -3.339  14.181  8.007   1.00 22.29 ? 208 GLN A CB  1 
ATOM   1330 C CG  . GLN A 1 185 ? -4.185  14.817  6.895   1.00 24.96 ? 208 GLN A CG  1 
ATOM   1331 C CD  . GLN A 1 185 ? -5.125  15.885  7.412   1.00 30.95 ? 208 GLN A CD  1 
ATOM   1332 O OE1 . GLN A 1 185 ? -5.322  16.019  8.623   1.00 30.37 ? 208 GLN A OE1 1 
ATOM   1333 N NE2 . GLN A 1 185 ? -5.710  16.665  6.487   1.00 30.68 ? 208 GLN A NE2 1 
ATOM   1334 N N   . THR A 1 186 ? -0.333  14.409  7.307   1.00 22.34 ? 209 THR A N   1 
ATOM   1335 C CA  . THR A 1 186 ? 0.810   15.091  6.679   1.00 24.25 ? 209 THR A CA  1 
ATOM   1336 C C   . THR A 1 186 ? 1.711   14.147  5.893   1.00 22.96 ? 209 THR A C   1 
ATOM   1337 O O   . THR A 1 186 ? 2.085   14.459  4.756   1.00 22.85 ? 209 THR A O   1 
ATOM   1338 C CB  . THR A 1 186 ? 1.675   15.886  7.694   1.00 25.00 ? 209 THR A CB  1 
ATOM   1339 O OG1 . THR A 1 186 ? 0.829   16.730  8.477   1.00 30.03 ? 209 THR A OG1 1 
ATOM   1340 C CG2 . THR A 1 186 ? 2.700   16.774  6.958   1.00 25.96 ? 209 THR A CG2 1 
ATOM   1341 N N   . ASP A 1 187 ? 2.102   13.034  6.517   1.00 21.53 ? 210 ASP A N   1 
ATOM   1342 C CA  . ASP A 1 187 ? 2.881   12.006  5.837   1.00 20.55 ? 210 ASP A CA  1 
ATOM   1343 C C   . ASP A 1 187 ? 2.210   11.543  4.541   1.00 19.92 ? 210 ASP A C   1 
ATOM   1344 O O   . ASP A 1 187 ? 2.870   11.421  3.523   1.00 20.85 ? 210 ASP A O   1 
ATOM   1345 C CB  . ASP A 1 187 ? 3.165   10.827  6.765   1.00 19.69 ? 210 ASP A CB  1 
ATOM   1346 C CG  . ASP A 1 187 ? 4.226   11.154  7.810   1.00 20.41 ? 210 ASP A CG  1 
ATOM   1347 O OD1 . ASP A 1 187 ? 4.935   12.151  7.612   1.00 22.92 ? 210 ASP A OD1 1 
ATOM   1348 O OD2 . ASP A 1 187 ? 4.365   10.414  8.813   1.00 20.37 ? 210 ASP A OD2 1 
ATOM   1349 N N   . ALA A 1 188 ? 0.893   11.336  4.571   1.00 19.82 ? 211 ALA A N   1 
ATOM   1350 C CA  . ALA A 1 188 ? 0.203   10.843  3.397   1.00 19.76 ? 211 ALA A CA  1 
ATOM   1351 C C   . ALA A 1 188 ? 0.041   11.887  2.301   1.00 19.86 ? 211 ALA A C   1 
ATOM   1352 O O   . ALA A 1 188 ? 0.020   11.539  1.122   1.00 17.86 ? 211 ALA A O   1 
ATOM   1353 C CB  . ALA A 1 188 ? -1.153  10.198  3.770   1.00 19.57 ? 211 ALA A CB  1 
ATOM   1354 N N   . ALA A 1 189 ? -0.102  13.160  2.712   1.00 21.98 ? 212 ALA A N   1 
ATOM   1355 C CA  . ALA A 1 189 ? -0.475  14.267  1.815   1.00 22.02 ? 212 ALA A CA  1 
ATOM   1356 C C   . ALA A 1 189 ? 0.721   14.865  1.121   1.00 21.97 ? 212 ALA A C   1 
ATOM   1357 O O   . ALA A 1 189 ? 0.597   15.369  0.010   1.00 21.93 ? 212 ALA A O   1 
ATOM   1358 C CB  . ALA A 1 189 ? -1.164  15.357  2.596   1.00 21.52 ? 212 ALA A CB  1 
ATOM   1359 N N   . VAL A 1 190 ? 1.851   14.831  1.820   1.00 22.78 ? 213 VAL A N   1 
ATOM   1360 C CA  . VAL A 1 190 ? 3.047   15.604  1.512   1.00 24.34 ? 213 VAL A CA  1 
ATOM   1361 C C   . VAL A 1 190 ? 4.245   14.688  1.343   1.00 22.85 ? 213 VAL A C   1 
ATOM   1362 O O   . VAL A 1 190 ? 4.688   14.510  0.236   1.00 24.38 ? 213 VAL A O   1 
ATOM   1363 C CB  . VAL A 1 190 ? 3.371   16.656  2.644   1.00 24.58 ? 213 VAL A CB  1 
ATOM   1364 C CG1 . VAL A 1 190 ? 4.599   17.537  2.254   1.00 25.84 ? 213 VAL A CG1 1 
ATOM   1365 C CG2 . VAL A 1 190 ? 2.139   17.467  3.001   1.00 26.06 ? 213 VAL A CG2 1 
ATOM   1366 N N   . ALA A 1 191 ? 4.754   14.109  2.427   1.00 21.88 ? 214 ALA A N   1 
ATOM   1367 C CA  . ALA A 1 191 ? 6.000   13.362  2.361   1.00 21.80 ? 214 ALA A CA  1 
ATOM   1368 C C   . ALA A 1 191 ? 5.887   12.167  1.417   1.00 23.02 ? 214 ALA A C   1 
ATOM   1369 O O   . ALA A 1 191 ? 6.697   12.042  0.505   1.00 23.78 ? 214 ALA A O   1 
ATOM   1370 C CB  . ALA A 1 191 ? 6.517   12.957  3.757   1.00 21.46 ? 214 ALA A CB  1 
ATOM   1371 N N   . ALA A 1 192 ? 4.846   11.344  1.565   1.00 22.38 ? 215 ALA A N   1 
ATOM   1372 C CA  . ALA A 1 192 ? 4.757   10.089  0.798   1.00 22.82 ? 215 ALA A CA  1 
ATOM   1373 C C   . ALA A 1 192 ? 4.652   10.262  -0.722  1.00 23.90 ? 215 ALA A C   1 
ATOM   1374 O O   . ALA A 1 192 ? 5.424   9.616   -1.439  1.00 24.51 ? 215 ALA A O   1 
ATOM   1375 C CB  . ALA A 1 192 ? 3.655   9.148   1.329   1.00 21.56 ? 215 ALA A CB  1 
ATOM   1376 N N   . PRO A 1 193 ? 3.701   11.105  -1.219  1.00 23.57 ? 216 PRO A N   1 
ATOM   1377 C CA  . PRO A 1 193 ? 3.590   11.297  -2.654  1.00 23.39 ? 216 PRO A CA  1 
ATOM   1378 C C   . PRO A 1 193 ? 4.838   11.902  -3.299  1.00 23.20 ? 216 PRO A C   1 
ATOM   1379 O O   . PRO A 1 193 ? 5.089   11.638  -4.474  1.00 21.44 ? 216 PRO A O   1 
ATOM   1380 C CB  . PRO A 1 193 ? 2.383   12.246  -2.798  1.00 22.53 ? 216 PRO A CB  1 
ATOM   1381 C CG  . PRO A 1 193 ? 1.598   11.998  -1.563  1.00 23.69 ? 216 PRO A CG  1 
ATOM   1382 C CD  . PRO A 1 193 ? 2.653   11.869  -0.514  1.00 24.58 ? 216 PRO A CD  1 
ATOM   1383 N N   . ARG A 1 194 ? 5.587   12.707  -2.544  1.00 23.61 ? 217 ARG A N   1 
ATOM   1384 C CA  . ARG A 1 194 ? 6.888   13.195  -3.017  1.00 23.78 ? 217 ARG A CA  1 
ATOM   1385 C C   . ARG A 1 194 ? 7.946   12.073  -3.106  1.00 22.98 ? 217 ARG A C   1 
ATOM   1386 O O   . ARG A 1 194 ? 8.708   12.022  -4.066  1.00 23.27 ? 217 ARG A O   1 
ATOM   1387 C CB  . ARG A 1 194 ? 7.402   14.366  -2.175  1.00 22.72 ? 217 ARG A CB  1 
ATOM   1388 C CG  . ARG A 1 194 ? 6.587   15.671  -2.319  1.00 23.07 ? 217 ARG A CG  1 
ATOM   1389 C CD  . ARG A 1 194 ? 6.232   15.985  -3.775  1.00 21.11 ? 217 ARG A CD  1 
ATOM   1390 N NE  . ARG A 1 194 ? 5.207   17.013  -3.883  1.00 26.99 ? 217 ARG A NE  1 
ATOM   1391 C CZ  . ARG A 1 194 ? 4.620   17.414  -5.006  1.00 24.83 ? 217 ARG A CZ  1 
ATOM   1392 N NH1 . ARG A 1 194 ? 3.661   18.332  -4.959  1.00 25.65 ? 217 ARG A NH1 1 
ATOM   1393 N NH2 . ARG A 1 194 ? 4.985   16.923  -6.178  1.00 27.48 ? 217 ARG A NH2 1 
ATOM   1394 N N   . PHE A 1 195 ? 7.998   11.205  -2.098  1.00 23.36 ? 218 PHE A N   1 
ATOM   1395 C CA  . PHE A 1 195 ? 8.903   10.055  -2.092  1.00 22.38 ? 218 PHE A CA  1 
ATOM   1396 C C   . PHE A 1 195 ? 8.606   9.141   -3.308  1.00 22.45 ? 218 PHE A C   1 
ATOM   1397 O O   . PHE A 1 195 ? 9.510   8.659   -3.997  1.00 23.11 ? 218 PHE A O   1 
ATOM   1398 C CB  . PHE A 1 195 ? 8.761   9.297   -0.766  1.00 22.18 ? 218 PHE A CB  1 
ATOM   1399 C CG  . PHE A 1 195 ? 9.511   7.995   -0.722  1.00 22.25 ? 218 PHE A CG  1 
ATOM   1400 C CD1 . PHE A 1 195 ? 10.782  7.931   -0.174  1.00 19.85 ? 218 PHE A CD1 1 
ATOM   1401 C CD2 . PHE A 1 195 ? 8.932   6.824   -1.215  1.00 24.78 ? 218 PHE A CD2 1 
ATOM   1402 C CE1 . PHE A 1 195 ? 11.492  6.717   -0.130  1.00 19.97 ? 218 PHE A CE1 1 
ATOM   1403 C CE2 . PHE A 1 195 ? 9.631   5.603   -1.173  1.00 24.61 ? 218 PHE A CE2 1 
ATOM   1404 C CZ  . PHE A 1 195 ? 10.925  5.562   -0.631  1.00 20.56 ? 218 PHE A CZ  1 
ATOM   1405 N N   . LEU A 1 196 ? 7.329   8.942   -3.592  1.00 20.42 ? 219 LEU A N   1 
ATOM   1406 C CA  . LEU A 1 196 ? 6.932   8.075   -4.696  1.00 19.58 ? 219 LEU A CA  1 
ATOM   1407 C C   . LEU A 1 196 ? 7.250   8.745   -6.040  1.00 21.73 ? 219 LEU A C   1 
ATOM   1408 O O   . LEU A 1 196 ? 7.820   8.121   -6.946  1.00 21.47 ? 219 LEU A O   1 
ATOM   1409 C CB  . LEU A 1 196 ? 5.455   7.707   -4.570  1.00 18.11 ? 219 LEU A CB  1 
ATOM   1410 C CG  . LEU A 1 196 ? 5.123   6.822   -3.357  1.00 17.93 ? 219 LEU A CG  1 
ATOM   1411 C CD1 . LEU A 1 196 ? 3.605   6.546   -3.250  1.00 13.08 ? 219 LEU A CD1 1 
ATOM   1412 C CD2 . LEU A 1 196 ? 5.909   5.524   -3.389  1.00 17.40 ? 219 LEU A CD2 1 
ATOM   1413 N N   . GLN A 1 197 ? 6.898   10.029  -6.162  1.00 21.75 ? 220 GLN A N   1 
ATOM   1414 C CA  . GLN A 1 197 ? 7.133   10.776  -7.380  1.00 21.08 ? 220 GLN A CA  1 
ATOM   1415 C C   . GLN A 1 197 ? 8.610   10.745  -7.824  1.00 22.11 ? 220 GLN A C   1 
ATOM   1416 O O   . GLN A 1 197 ? 8.903   10.655  -9.012  1.00 22.72 ? 220 GLN A O   1 
ATOM   1417 C CB  . GLN A 1 197 ? 6.666   12.228  -7.162  1.00 22.61 ? 220 GLN A CB  1 
ATOM   1418 C CG  . GLN A 1 197 ? 7.066   13.186  -8.288  1.00 21.52 ? 220 GLN A CG  1 
ATOM   1419 C CD  . GLN A 1 197 ? 6.884   14.649  -7.881  1.00 21.61 ? 220 GLN A CD  1 
ATOM   1420 O OE1 . GLN A 1 197 ? 7.123   15.031  -6.709  1.00 18.56 ? 220 GLN A OE1 1 
ATOM   1421 N NE2 . GLN A 1 197 ? 6.459   15.466  -8.842  1.00 20.95 ? 220 GLN A NE2 1 
ATOM   1422 N N   . ALA A 1 198 ? 9.510   10.867  -6.856  1.00 22.07 ? 221 ALA A N   1 
ATOM   1423 C CA  . ALA A 1 198 ? 10.950  10.812  -7.033  1.00 24.11 ? 221 ALA A CA  1 
ATOM   1424 C C   . ALA A 1 198 ? 11.479  9.423   -7.415  1.00 25.35 ? 221 ALA A C   1 
ATOM   1425 O O   . ALA A 1 198 ? 12.670  9.263   -7.683  1.00 25.59 ? 221 ALA A O   1 
ATOM   1426 C CB  . ALA A 1 198 ? 11.643  11.275  -5.735  1.00 23.76 ? 221 ALA A CB  1 
ATOM   1427 N N   . ARG A 1 199 ? 10.605  8.425   -7.396  1.00 25.85 ? 222 ARG A N   1 
ATOM   1428 C CA  . ARG A 1 199 ? 10.974  7.072   -7.751  1.00 25.21 ? 222 ARG A CA  1 
ATOM   1429 C C   . ARG A 1 199 ? 10.246  6.624   -8.975  1.00 23.89 ? 222 ARG A C   1 
ATOM   1430 O O   . ARG A 1 199 ? 10.444  5.521   -9.448  1.00 25.26 ? 222 ARG A O   1 
ATOM   1431 C CB  . ARG A 1 199 ? 10.708  6.153   -6.587  1.00 24.49 ? 222 ARG A CB  1 
ATOM   1432 C CG  . ARG A 1 199 ? 11.959  5.957   -5.810  1.00 27.89 ? 222 ARG A CG  1 
ATOM   1433 C CD  . ARG A 1 199 ? 11.672  5.757   -4.388  1.00 29.54 ? 222 ARG A CD  1 
ATOM   1434 N NE  . ARG A 1 199 ? 12.845  6.174   -3.648  1.00 34.04 ? 222 ARG A NE  1 
ATOM   1435 C CZ  . ARG A 1 199 ? 13.065  7.424   -3.251  1.00 33.93 ? 222 ARG A CZ  1 
ATOM   1436 N NH1 . ARG A 1 199 ? 14.166  7.702   -2.580  1.00 36.95 ? 222 ARG A NH1 1 
ATOM   1437 N NH2 . ARG A 1 199 ? 12.183  8.387   -3.517  1.00 33.30 ? 222 ARG A NH2 1 
ATOM   1438 N N   . ILE A 1 200 ? 9.415   7.499   -9.504  1.00 24.83 ? 223 ILE A N   1 
ATOM   1439 C CA  . ILE A 1 200 ? 8.701   7.264   -10.751 1.00 24.37 ? 223 ILE A CA  1 
ATOM   1440 C C   . ILE A 1 200 ? 9.474   7.972   -11.887 1.00 26.60 ? 223 ILE A C   1 
ATOM   1441 O O   . ILE A 1 200 ? 9.853   9.154   -11.774 1.00 28.50 ? 223 ILE A O   1 
ATOM   1442 C CB  . ILE A 1 200 ? 7.211   7.740   -10.664 1.00 23.62 ? 223 ILE A CB  1 
ATOM   1443 C CG1 . ILE A 1 200 ? 6.449   6.928   -9.596  1.00 23.87 ? 223 ILE A CG1 1 
ATOM   1444 C CG2 . ILE A 1 200 ? 6.492   7.597   -11.993 1.00 20.44 ? 223 ILE A CG2 1 
ATOM   1445 C CD1 . ILE A 1 200 ? 5.017   7.400   -9.283  1.00 22.02 ? 223 ILE A CD1 1 
ATOM   1446 N N   . GLY A 1 201 ? 9.692   7.253   -12.986 1.00 27.15 ? 224 GLY A N   1 
HETATM 1447 O O   . HOH B 2 .   ? -5.272  -1.264  11.578  1.00 18.95 ? 225 HOH A O   1 
HETATM 1448 O O   . HOH B 2 .   ? 1.889   12.736  9.349   1.00 15.31 ? 226 HOH A O   1 
HETATM 1449 O O   . HOH B 2 .   ? -7.000  4.591   3.868   1.00 16.12 ? 227 HOH A O   1 
HETATM 1450 O O   . HOH B 2 .   ? -7.364  -2.588  1.210   1.00 14.19 ? 228 HOH A O   1 
HETATM 1451 O O   . HOH B 2 .   ? 12.328  -2.795  2.032   1.00 17.17 ? 229 HOH A O   1 
HETATM 1452 O O   . HOH B 2 .   ? -0.843  -5.707  11.501  1.00 13.44 ? 230 HOH A O   1 
HETATM 1453 O O   . HOH B 2 .   ? -9.655  6.668   -3.533  1.00 20.62 ? 231 HOH A O   1 
HETATM 1454 O O   . HOH B 2 .   ? 12.849  3.282   -7.508  1.00 16.31 ? 232 HOH A O   1 
HETATM 1455 O O   . HOH B 2 .   ? -2.641  6.539   12.766  1.00 19.21 ? 233 HOH A O   1 
HETATM 1456 O O   . HOH B 2 .   ? 10.403  -5.184  -14.173 1.00 19.14 ? 234 HOH A O   1 
HETATM 1457 O O   . HOH B 2 .   ? 11.811  -12.530 -12.423 1.00 19.43 ? 235 HOH A O   1 
HETATM 1458 O O   . HOH B 2 .   ? -7.666  -8.891  7.720   1.00 13.76 ? 236 HOH A O   1 
HETATM 1459 O O   . HOH B 2 .   ? 13.470  -4.406  -7.072  1.00 24.20 ? 237 HOH A O   1 
HETATM 1460 O O   . HOH B 2 .   ? 14.693  -11.254 -6.165  1.00 17.07 ? 238 HOH A O   1 
HETATM 1461 O O   . HOH B 2 .   ? 15.800  -8.908  2.835   1.00 23.18 ? 239 HOH A O   1 
HETATM 1462 O O   . HOH B 2 .   ? 3.386   -9.439  6.641   1.00 14.74 ? 240 HOH A O   1 
HETATM 1463 O O   . HOH B 2 .   ? -17.505 9.167   -0.916  1.00 23.91 ? 241 HOH A O   1 
HETATM 1464 O O   . HOH B 2 .   ? 0.376   -6.449  13.948  1.00 18.31 ? 242 HOH A O   1 
HETATM 1465 O O   . HOH B 2 .   ? -2.959  -11.885 -11.238 1.00 21.47 ? 243 HOH A O   1 
HETATM 1466 O O   . HOH B 2 .   ? 9.325   10.639  2.672   1.00 20.96 ? 244 HOH A O   1 
HETATM 1467 O O   . HOH B 2 .   ? 7.360   -12.508 -12.725 1.00 18.89 ? 245 HOH A O   1 
HETATM 1468 O O   . HOH B 2 .   ? 1.300   0.722   14.041  1.00 27.29 ? 246 HOH A O   1 
HETATM 1469 O O   . HOH B 2 .   ? 7.043   -2.816  15.323  1.00 15.97 ? 247 HOH A O   1 
HETATM 1470 O O   . HOH B 2 .   ? -2.808  -5.444  21.922  1.00 17.50 ? 248 HOH A O   1 
HETATM 1471 O O   . HOH B 2 .   ? 11.787  2.415   10.118  1.00 29.91 ? 249 HOH A O   1 
HETATM 1472 O O   . HOH B 2 .   ? -10.338 9.358   -3.566  1.00 18.81 ? 250 HOH A O   1 
HETATM 1473 O O   . HOH B 2 .   ? 16.104  -13.207 -10.395 1.00 18.24 ? 251 HOH A O   1 
HETATM 1474 O O   . HOH B 2 .   ? -1.999  -11.841 -13.872 1.00 26.99 ? 252 HOH A O   1 
HETATM 1475 O O   . HOH B 2 .   ? 7.838   -0.147  -14.918 1.00 26.16 ? 253 HOH A O   1 
HETATM 1476 O O   . HOH B 2 .   ? 0.747   -15.159 9.987   1.00 31.35 ? 254 HOH A O   1 
HETATM 1477 O O   . HOH B 2 .   ? 3.746   -13.510 -10.030 1.00 17.26 ? 255 HOH A O   1 
HETATM 1478 O O   . HOH B 2 .   ? -7.628  -2.272  19.724  1.00 23.32 ? 256 HOH A O   1 
HETATM 1479 O O   . HOH B 2 .   ? 3.153   11.432  11.930  1.00 22.30 ? 257 HOH A O   1 
HETATM 1480 O O   . HOH B 2 .   ? -0.273  14.607  10.394  1.00 25.71 ? 258 HOH A O   1 
HETATM 1481 O O   . HOH B 2 .   ? -8.935  -6.706  -4.686  1.00 22.95 ? 259 HOH A O   1 
HETATM 1482 O O   . HOH B 2 .   ? -8.223  -10.563 5.678   1.00 28.32 ? 260 HOH A O   1 
HETATM 1483 O O   . HOH B 2 .   ? 13.590  -5.537  -4.683  1.00 29.80 ? 261 HOH A O   1 
HETATM 1484 O O   . HOH B 2 .   ? 4.497   -4.181  16.939  1.00 26.73 ? 262 HOH A O   1 
HETATM 1485 O O   . HOH B 2 .   ? -12.094 4.641   -9.900  1.00 28.52 ? 263 HOH A O   1 
HETATM 1486 O O   . HOH B 2 .   ? 5.928   -13.366 -8.297  1.00 15.83 ? 264 HOH A O   1 
HETATM 1487 O O   . HOH B 2 .   ? -1.286  -15.108 8.280   1.00 25.69 ? 265 HOH A O   1 
HETATM 1488 O O   . HOH B 2 .   ? -1.935  1.146   16.342  1.00 31.42 ? 266 HOH A O   1 
HETATM 1489 O O   . HOH B 2 .   ? -12.717 -7.082  13.314  1.00 27.09 ? 267 HOH A O   1 
HETATM 1490 O O   . HOH B 2 .   ? 2.613   -6.257  15.848  1.00 26.23 ? 268 HOH A O   1 
HETATM 1491 O O   . HOH B 2 .   ? -6.888  -13.805 -3.784  1.00 27.29 ? 269 HOH A O   1 
HETATM 1492 O O   . HOH B 2 .   ? -13.563 -3.361  5.701   1.00 24.77 ? 270 HOH A O   1 
HETATM 1493 O O   . HOH B 2 .   ? -11.541 -9.653  14.295  1.00 21.75 ? 271 HOH A O   1 
HETATM 1494 O O   . HOH B 2 .   ? 10.816  -12.478 -3.583  1.00 11.71 ? 272 HOH A O   1 
HETATM 1495 O O   . HOH B 2 .   ? -12.704 1.880   -9.549  1.00 25.80 ? 273 HOH A O   1 
HETATM 1496 O O   . HOH B 2 .   ? -0.054  2.284   17.833  1.00 29.46 ? 274 HOH A O   1 
HETATM 1497 O O   . HOH B 2 .   ? 17.660  -6.295  -10.351 1.00 25.60 ? 275 HOH A O   1 
HETATM 1498 O O   . HOH B 2 .   ? 7.064   -10.907 -14.741 1.00 22.87 ? 276 HOH A O   1 
HETATM 1499 O O   . HOH B 2 .   ? 11.586  -10.420 8.346   1.00 26.35 ? 277 HOH A O   1 
HETATM 1500 O O   . HOH B 2 .   ? -11.786 -4.897  -18.780 1.00 30.90 ? 278 HOH A O   1 
HETATM 1501 O O   . HOH B 2 .   ? 13.659  -7.737  7.163   1.00 27.82 ? 279 HOH A O   1 
HETATM 1502 O O   . HOH B 2 .   ? -13.996 -6.686  -2.748  1.00 22.96 ? 280 HOH A O   1 
HETATM 1503 O O   . HOH B 2 .   ? -12.931 0.871   -12.178 1.00 31.86 ? 281 HOH A O   1 
HETATM 1504 O O   . HOH B 2 .   ? -8.948  1.592   -15.402 1.00 26.13 ? 282 HOH A O   1 
HETATM 1505 O O   . HOH B 2 .   ? -7.291  0.810   12.040  1.00 19.74 ? 283 HOH A O   1 
HETATM 1506 O O   . HOH B 2 .   ? -12.095 9.900   2.753   1.00 27.56 ? 284 HOH A O   1 
HETATM 1507 O O   . HOH B 2 .   ? -12.367 -4.468  0.326   1.00 25.72 ? 285 HOH A O   1 
HETATM 1508 O O   . HOH B 2 .   ? -6.545  -14.441 -1.406  1.00 20.57 ? 286 HOH A O   1 
HETATM 1509 O O   . HOH B 2 .   ? 18.347  -0.613  -4.289  1.00 27.20 ? 287 HOH A O   1 
HETATM 1510 O O   . HOH B 2 .   ? -16.050 3.980   -3.604  1.00 26.54 ? 288 HOH A O   1 
HETATM 1511 O O   . HOH B 2 .   ? 1.289   -10.331 14.620  1.00 29.19 ? 289 HOH A O   1 
HETATM 1512 O O   . HOH B 2 .   ? 6.718   -15.736 0.432   1.00 25.18 ? 290 HOH A O   1 
HETATM 1513 O O   . HOH B 2 .   ? 14.296  -6.978  -7.821  1.00 25.04 ? 291 HOH A O   1 
HETATM 1514 O O   . HOH B 2 .   ? 4.593   -8.966  -18.194 1.00 17.29 ? 292 HOH A O   1 
HETATM 1515 O O   . HOH B 2 .   ? 13.434  -0.802  -9.549  1.00 20.57 ? 293 HOH A O   1 
HETATM 1516 O O   . HOH B 2 .   ? 15.331  -7.495  -4.264  1.00 27.00 ? 294 HOH A O   1 
HETATM 1517 O O   . HOH B 2 .   ? 0.231   12.924  13.803  1.00 27.79 ? 295 HOH A O   1 
HETATM 1518 O O   . HOH B 2 .   ? -6.353  -16.329 5.496   1.00 31.02 ? 296 HOH A O   1 
HETATM 1519 O O   . HOH B 2 .   ? 7.617   -10.795 4.667   1.00 27.65 ? 297 HOH A O   1 
HETATM 1520 O O   . HOH B 2 .   ? 3.769   17.454  -1.396  1.00 31.09 ? 298 HOH A O   1 
HETATM 1521 O O   . HOH B 2 .   ? 7.255   -8.372  -17.388 1.00 22.00 ? 299 HOH A O   1 
HETATM 1522 O O   . HOH B 2 .   ? 2.866   -1.566  -19.919 1.00 27.94 ? 300 HOH A O   1 
HETATM 1523 O O   . HOH B 2 .   ? 0.846   -7.110  17.410  1.00 33.29 ? 301 HOH A O   1 
HETATM 1524 O O   . HOH B 2 .   ? -7.440  1.806   20.614  1.00 25.26 ? 302 HOH A O   1 
HETATM 1525 O O   . HOH B 2 .   ? 5.870   4.480   -16.348 1.00 24.82 ? 303 HOH A O   1 
HETATM 1526 O O   . HOH B 2 .   ? 9.277   13.180  1.111   1.00 27.09 ? 304 HOH A O   1 
HETATM 1527 O O   . HOH B 2 .   ? 7.720   11.074  -11.644 1.00 30.32 ? 305 HOH A O   1 
HETATM 1528 O O   . HOH B 2 .   ? -2.366  -14.717 -5.638  1.00 23.94 ? 306 HOH A O   1 
HETATM 1529 O O   . HOH B 2 .   ? -8.390  5.077   -14.837 1.00 31.31 ? 307 HOH A O   1 
HETATM 1530 O O   . HOH B 2 .   ? -7.146  7.251   -12.247 1.00 22.67 ? 308 HOH A O   1 
HETATM 1531 O O   . HOH B 2 .   ? 12.755  2.164   7.353   1.00 20.67 ? 309 HOH A O   1 
HETATM 1532 O O   . HOH B 2 .   ? -9.755  9.970   -10.605 1.00 33.20 ? 310 HOH A O   1 
HETATM 1533 O O   . HOH B 2 .   ? 16.566  -11.566 0.081   1.00 26.49 ? 311 HOH A O   1 
HETATM 1534 O O   . HOH B 2 .   ? 14.307  4.746   1.392   1.00 33.50 ? 312 HOH A O   1 
HETATM 1535 O O   . HOH B 2 .   ? 9.255   -15.897 -3.458  1.00 29.36 ? 313 HOH A O   1 
HETATM 1536 O O   . HOH B 2 .   ? -16.653 -1.455  2.716   1.00 27.24 ? 314 HOH A O   1 
HETATM 1537 O O   . HOH B 2 .   ? 6.488   -9.395  6.949   1.00 35.85 ? 315 HOH A O   1 
HETATM 1538 O O   . HOH B 2 .   ? 0.907   -10.173 17.725  1.00 24.33 ? 316 HOH A O   1 
HETATM 1539 O O   . HOH B 2 .   ? -16.307 1.785   -0.826  1.00 30.34 ? 317 HOH A O   1 
HETATM 1540 O O   . HOH B 2 .   ? -5.047  -15.806 8.039   1.00 26.37 ? 318 HOH A O   1 
HETATM 1541 O O   . HOH B 2 .   ? 5.537   16.002  5.232   1.00 29.70 ? 319 HOH A O   1 
HETATM 1542 O O   . HOH B 2 .   ? -1.251  1.236   13.536  1.00 30.14 ? 320 HOH A O   1 
HETATM 1543 O O   . HOH B 2 .   ? 4.445   -13.162 -12.821 1.00 28.45 ? 321 HOH A O   1 
HETATM 1544 O O   . HOH B 2 .   ? -14.458 -0.579  -8.578  1.00 31.87 ? 322 HOH A O   1 
HETATM 1545 O O   . HOH B 2 .   ? 14.835  -7.686  -13.153 1.00 29.70 ? 323 HOH A O   1 
HETATM 1546 O O   . HOH B 2 .   ? -2.591  -14.472 17.038  1.00 27.03 ? 324 HOH A O   1 
HETATM 1547 O O   . HOH B 2 .   ? 3.112   -11.132 -14.081 1.00 25.98 ? 325 HOH A O   1 
HETATM 1548 O O   . HOH B 2 .   ? 5.277   14.674  7.278   1.00 28.50 ? 326 HOH A O   1 
HETATM 1549 O O   . HOH B 2 .   ? 14.205  0.120   4.663   1.00 24.77 ? 327 HOH A O   1 
HETATM 1550 O O   . HOH B 2 .   ? -9.934  5.562   8.897   1.00 26.65 ? 328 HOH A O   1 
HETATM 1551 O O   . HOH B 2 .   ? 9.312   14.340  -5.852  1.00 36.18 ? 329 HOH A O   1 
HETATM 1552 O O   . HOH B 2 .   ? -3.131  13.009  11.029  1.00 15.68 ? 330 HOH A O   1 
HETATM 1553 O O   . HOH B 2 .   ? -7.892  9.783   -6.529  1.00 30.99 ? 331 HOH A O   1 
HETATM 1554 O O   . HOH B 2 .   ? 12.059  -14.877 1.879   1.00 27.68 ? 332 HOH A O   1 
HETATM 1555 O O   . HOH B 2 .   ? -3.727  6.894   17.392  1.00 32.23 ? 333 HOH A O   1 
HETATM 1556 O O   . HOH B 2 .   ? 15.346  -11.969 -2.679  1.00 38.21 ? 334 HOH A O   1 
HETATM 1557 O O   . HOH B 2 .   ? 6.151   11.847  15.095  1.00 28.19 ? 335 HOH A O   1 
HETATM 1558 O O   . HOH B 2 .   ? 14.160  2.624   4.067   1.00 29.38 ? 336 HOH A O   1 
HETATM 1559 O O   . HOH B 2 .   ? -6.494  14.631  -0.471  1.00 30.52 ? 337 HOH A O   1 
HETATM 1560 O O   . HOH B 2 .   ? -6.586  17.371  -5.470  1.00 28.50 ? 338 HOH A O   1 
HETATM 1561 O O   . HOH B 2 .   ? -1.970  -14.272 -9.962  1.00 30.85 ? 339 HOH A O   1 
HETATM 1562 O O   . HOH B 2 .   ? 9.093   -4.907  -19.472 1.00 26.75 ? 340 HOH A O   1 
HETATM 1563 O O   . HOH B 2 .   ? 9.541   -1.906  -16.644 1.00 31.79 ? 341 HOH A O   1 
HETATM 1564 O O   . HOH B 2 .   ? -11.800 1.113   -16.020 1.00 32.41 ? 342 HOH A O   1 
HETATM 1565 O O   . HOH B 2 .   ? -15.581 -2.498  -1.941  1.00 31.63 ? 343 HOH A O   1 
HETATM 1566 O O   . HOH B 2 .   ? 7.319   18.107  -11.336 1.00 32.67 ? 344 HOH A O   1 
HETATM 1567 O O   . HOH B 2 .   ? 6.972   18.116  -8.672  1.00 30.55 ? 345 HOH A O   1 
HETATM 1568 O O   . HOH B 2 .   ? -12.832 -4.157  8.426   1.00 36.23 ? 346 HOH A O   1 
HETATM 1569 O O   . HOH B 2 .   ? 0.352   -14.884 16.130  1.00 30.99 ? 347 HOH A O   1 
HETATM 1570 O O   . HOH B 2 .   ? 0.995   -17.961 10.112  1.00 31.39 ? 348 HOH A O   1 
HETATM 1571 O O   . HOH B 2 .   ? -0.351  -14.131 -7.713  1.00 30.38 ? 349 HOH A O   1 
HETATM 1572 O O   . HOH B 2 .   ? -5.839  -12.821 -11.198 1.00 32.60 ? 350 HOH A O   1 
HETATM 1573 O O   . HOH B 2 .   ? 1.415   -2.923  -22.216 1.00 35.63 ? 351 HOH A O   1 
HETATM 1574 O O   . HOH B 2 .   ? 0.444   -12.186 20.003  1.00 30.35 ? 352 HOH A O   1 
HETATM 1575 O O   . HOH B 2 .   ? -7.036  5.752   11.688  1.00 28.57 ? 353 HOH A O   1 
HETATM 1576 O O   . HOH B 2 .   ? -8.662  3.300   12.735  1.00 32.13 ? 354 HOH A O   1 
HETATM 1577 O O   . HOH B 2 .   ? 9.227   -6.036  19.762  1.00 29.60 ? 355 HOH A O   1 
HETATM 1578 O O   . HOH B 2 .   ? 13.514  11.351  -10.111 1.00 34.57 ? 356 HOH A O   1 
HETATM 1579 O O   . HOH B 2 .   ? -7.583  13.579  -8.146  1.00 31.76 ? 357 HOH A O   1 
HETATM 1580 O O   . HOH B 2 .   ? 12.179  7.895   -14.721 1.00 27.35 ? 358 HOH A O   1 
HETATM 1581 O O   . HOH B 2 .   ? -1.471  -3.426  24.403  1.00 32.82 ? 359 HOH A O   1 
HETATM 1582 O O   . HOH B 2 .   ? -10.388 -12.120 -5.401  1.00 30.33 ? 360 HOH A O   1 
HETATM 1583 O O   . HOH B 2 .   ? 16.454  -3.237  6.986   1.00 32.31 ? 361 HOH A O   1 
HETATM 1584 O O   . HOH B 2 .   ? 2.666   1.785   -19.053 1.00 33.35 ? 362 HOH A O   1 
HETATM 1585 O O   . HOH B 2 .   ? -1.849  5.067   17.245  1.00 32.60 ? 363 HOH A O   1 
HETATM 1586 O O   . HOH B 2 .   ? 2.107   -4.864  24.169  1.00 26.59 ? 364 HOH A O   1 
HETATM 1587 O O   . HOH B 2 .   ? 13.763  -9.248  -14.771 0.50 16.63 ? 365 HOH A O   1 
HETATM 1588 O O   . HOH B 2 .   ? -10.866 -14.593 -3.646  1.00 26.99 ? 366 HOH A O   1 
HETATM 1589 O O   . HOH B 2 .   ? -1.497  5.218   14.866  1.00 31.27 ? 367 HOH A O   1 
HETATM 1590 O O   . HOH B 2 .   ? 4.701   -13.724 3.513   1.00 32.76 ? 368 HOH A O   1 
HETATM 1591 O O   . HOH B 2 .   ? -6.967  14.397  -13.016 1.00 30.95 ? 369 HOH A O   1 
HETATM 1592 O O   . HOH B 2 .   ? 14.901  8.628   -5.738  1.00 38.75 ? 370 HOH A O   1 
HETATM 1593 O O   . HOH B 2 .   ? 11.991  10.205  3.432   1.00 32.46 ? 371 HOH A O   1 
HETATM 1594 O O   . HOH B 2 .   ? 9.689   4.623   -13.483 1.00 24.83 ? 372 HOH A O   1 
HETATM 1595 O O   . HOH B 2 .   ? 15.509  5.673   -5.183  0.50 28.03 ? 373 HOH A O   1 
# 
